data_6TV0
#
_entry.id   6TV0
#
_cell.length_a   86.793
_cell.length_b   93.140
_cell.length_c   111.193
_cell.angle_alpha   90.000
_cell.angle_beta   95.743
_cell.angle_gamma   90.000
#
_symmetry.space_group_name_H-M   'P 1 21 1'
#
loop_
_entity.id
_entity.type
_entity.pdbx_description
1 polymer 'Cyanate hydratase'
2 non-polymer 'OXALIC ACID'
3 non-polymer GLYCEROL
4 water water
#
_entity_poly.entity_id   1
_entity_poly.type   'polypeptide(L)'
_entity_poly.pdbx_seq_one_letter_code
;TQSLHHSSSREALTDIIMDAKIRKNLTFEAINEGTGLSLAFVTAALLGQHPLPEQAARVVAAKLDLDEDAVRLLQTIPLR
GSIPSGVPTDPTIYRFYEMVQIYGSTLKALVHEQFGDGIISAINFKLDIKKVPDPDGGERAVITLDGKYLPTKPF
;
_entity_poly.pdbx_strand_id   A,B,C,D,E,F,G,H,I,J
#
# COMPACT_ATOMS: atom_id res chain seq x y z
N THR A 1 23.35 22.04 15.01
CA THR A 1 22.15 22.81 14.71
C THR A 1 20.91 22.12 15.25
N GLN A 2 19.95 22.91 15.76
CA GLN A 2 18.69 22.38 16.25
C GLN A 2 17.90 21.74 15.12
N SER A 3 17.33 20.57 15.38
CA SER A 3 16.53 19.87 14.40
C SER A 3 15.20 19.45 15.00
N LEU A 4 14.24 19.15 14.13
CA LEU A 4 12.91 18.72 14.54
C LEU A 4 12.75 17.23 14.27
N HIS A 5 12.01 16.56 15.15
CA HIS A 5 11.73 15.13 15.02
C HIS A 5 10.43 14.87 14.25
N HIS A 6 9.51 15.83 14.25
CA HIS A 6 8.24 15.71 13.55
C HIS A 6 8.04 16.93 12.67
N SER A 7 7.04 16.86 11.81
CA SER A 7 6.70 17.98 10.93
C SER A 7 5.59 18.86 11.49
N SER A 8 5.00 18.50 12.64
CA SER A 8 3.75 19.12 13.08
C SER A 8 3.97 20.53 13.64
N SER A 9 4.94 20.69 14.55
CA SER A 9 5.19 22.02 15.12
C SER A 9 5.64 22.99 14.04
N ARG A 10 6.44 22.53 13.09
CA ARG A 10 6.77 23.34 11.93
C ARG A 10 5.57 23.49 11.00
N GLU A 11 4.62 22.56 11.04
CA GLU A 11 3.38 22.74 10.28
C GLU A 11 2.50 23.80 10.94
N ALA A 12 2.45 23.82 12.26
CA ALA A 12 1.69 24.85 12.96
C ALA A 12 2.25 26.24 12.65
N LEU A 13 3.57 26.38 12.63
CA LEU A 13 4.18 27.65 12.24
C LEU A 13 3.86 27.97 10.78
N THR A 14 3.89 26.97 9.90
CA THR A 14 3.55 27.19 8.50
C THR A 14 2.11 27.70 8.36
N ASP A 15 1.18 27.14 9.14
CA ASP A 15 -0.20 27.64 9.12
C ASP A 15 -0.26 29.09 9.57
N ILE A 16 0.53 29.45 10.59
CA ILE A 16 0.55 30.83 11.04
C ILE A 16 1.14 31.74 9.97
N ILE A 17 2.17 31.24 9.27
CA ILE A 17 2.78 32.03 8.20
C ILE A 17 1.79 32.27 7.08
N MET A 18 1.10 31.22 6.63
CA MET A 18 0.19 31.36 5.51
C MET A 18 -1.00 32.24 5.87
N ASP A 19 -1.46 32.16 7.13
CA ASP A 19 -2.55 33.01 7.59
C ASP A 19 -2.13 34.48 7.54
N ALA A 20 -0.95 34.80 8.08
CA ALA A 20 -0.49 36.18 8.03
C ALA A 20 -0.26 36.63 6.60
N LYS A 21 0.22 35.73 5.74
CA LYS A 21 0.45 36.07 4.34
C LYS A 21 -0.87 36.39 3.64
N ILE A 22 -1.92 35.60 3.89
CA ILE A 22 -3.20 35.86 3.25
C ILE A 22 -3.87 37.08 3.86
N ARG A 23 -3.75 37.23 5.19
CA ARG A 23 -4.33 38.39 5.86
C ARG A 23 -3.69 39.70 5.40
N LYS A 24 -2.39 39.66 5.10
CA LYS A 24 -1.69 40.85 4.64
C LYS A 24 -1.63 40.96 3.13
N ASN A 25 -2.13 39.95 2.40
CA ASN A 25 -2.12 39.90 0.94
C ASN A 25 -0.70 40.09 0.40
N LEU A 26 0.23 39.33 0.96
CA LEU A 26 1.64 39.42 0.59
C LEU A 26 2.03 38.31 -0.35
N THR A 27 2.95 38.62 -1.26
CA THR A 27 3.57 37.60 -2.09
C THR A 27 4.82 37.07 -1.38
N PHE A 28 5.24 35.87 -1.78
CA PHE A 28 6.49 35.34 -1.27
C PHE A 28 7.66 36.21 -1.66
N GLU A 29 7.59 36.83 -2.85
CA GLU A 29 8.67 37.73 -3.25
C GLU A 29 8.79 38.91 -2.31
N ALA A 30 7.64 39.51 -1.96
CA ALA A 30 7.66 40.64 -1.04
C ALA A 30 8.18 40.23 0.33
N ILE A 31 7.76 39.05 0.80
CA ILE A 31 8.28 38.55 2.08
C ILE A 31 9.78 38.30 2.01
N ASN A 32 10.29 37.88 0.85
CA ASN A 32 11.71 37.61 0.64
C ASN A 32 12.55 38.87 0.45
N GLU A 33 11.95 40.06 0.49
CA GLU A 33 12.71 41.28 0.24
C GLU A 33 13.77 41.48 1.31
N GLY A 34 15.03 41.62 0.89
CA GLY A 34 16.11 41.93 1.80
C GLY A 34 16.75 40.76 2.50
N THR A 35 16.37 39.52 2.18
CA THR A 35 17.00 38.37 2.81
C THR A 35 18.38 38.09 2.25
N GLY A 36 18.63 38.45 0.99
CA GLY A 36 19.84 38.04 0.33
C GLY A 36 19.87 36.59 -0.13
N LEU A 37 18.71 35.92 -0.19
CA LEU A 37 18.65 34.51 -0.56
C LEU A 37 17.66 34.33 -1.71
N SER A 38 17.73 33.18 -2.35
CA SER A 38 16.85 32.88 -3.47
C SER A 38 15.42 32.67 -3.02
N LEU A 39 14.48 33.13 -3.84
CA LEU A 39 13.07 32.98 -3.52
C LEU A 39 12.67 31.52 -3.36
N ALA A 40 13.25 30.62 -4.16
CA ALA A 40 12.90 29.21 -4.04
C ALA A 40 13.31 28.65 -2.67
N PHE A 41 14.50 29.01 -2.19
CA PHE A 41 14.93 28.50 -0.89
C PHE A 41 14.04 29.04 0.23
N VAL A 42 13.79 30.35 0.22
CA VAL A 42 13.07 30.96 1.33
C VAL A 42 11.60 30.53 1.34
N THR A 43 11.00 30.41 0.16
CA THR A 43 9.62 29.92 0.11
C THR A 43 9.55 28.50 0.66
N ALA A 44 10.52 27.66 0.32
CA ALA A 44 10.54 26.31 0.86
C ALA A 44 10.72 26.33 2.36
N ALA A 45 11.54 27.25 2.87
CA ALA A 45 11.71 27.35 4.32
C ALA A 45 10.38 27.73 4.99
N LEU A 46 9.66 28.69 4.41
CA LEU A 46 8.37 29.09 4.96
C LEU A 46 7.39 27.93 4.95
N LEU A 47 7.39 27.13 3.91
CA LEU A 47 6.53 25.95 3.82
C LEU A 47 7.08 24.75 4.59
N GLY A 48 8.05 24.98 5.47
CA GLY A 48 8.51 23.96 6.40
C GLY A 48 9.57 23.01 5.89
N GLN A 49 10.25 23.33 4.79
CA GLN A 49 11.20 22.39 4.18
C GLN A 49 12.66 22.77 4.40
N HIS A 50 12.95 23.91 5.01
CA HIS A 50 14.33 24.35 5.20
C HIS A 50 14.41 25.21 6.45
N PRO A 51 15.57 25.28 7.08
CA PRO A 51 15.80 26.31 8.10
C PRO A 51 16.25 27.60 7.43
N LEU A 52 16.03 28.70 8.15
CA LEU A 52 16.50 29.97 7.65
C LEU A 52 17.69 30.46 8.48
N PRO A 53 18.72 31.03 7.84
CA PRO A 53 19.73 31.76 8.61
C PRO A 53 19.08 32.88 9.38
N GLU A 54 19.75 33.28 10.48
CA GLU A 54 19.12 34.16 11.46
C GLU A 54 18.65 35.48 10.85
N GLN A 55 19.47 36.09 9.99
CA GLN A 55 19.06 37.39 9.40
C GLN A 55 17.81 37.23 8.56
N ALA A 56 17.70 36.12 7.82
CA ALA A 56 16.52 35.91 6.99
C ALA A 56 15.31 35.56 7.83
N ALA A 57 15.50 34.83 8.93
CA ALA A 57 14.39 34.47 9.79
C ALA A 57 13.81 35.70 10.49
N ARG A 58 14.66 36.64 10.88
CA ARG A 58 14.16 37.86 11.52
C ARG A 58 13.48 38.78 10.52
N VAL A 59 13.97 38.83 9.28
CA VAL A 59 13.39 39.75 8.31
C VAL A 59 12.04 39.23 7.81
N VAL A 60 11.84 37.91 7.81
CA VAL A 60 10.54 37.38 7.43
C VAL A 60 9.55 37.53 8.58
N ALA A 61 10.00 37.25 9.81
CA ALA A 61 9.13 37.38 10.96
C ALA A 61 8.72 38.83 11.17
N ALA A 62 9.55 39.78 10.73
CA ALA A 62 9.19 41.19 10.82
C ALA A 62 8.10 41.54 9.82
N LYS A 63 8.18 40.97 8.61
CA LYS A 63 7.15 41.23 7.60
C LYS A 63 5.83 40.57 7.97
N LEU A 64 5.90 39.37 8.54
CA LEU A 64 4.70 38.61 8.90
C LEU A 64 4.26 38.84 10.35
N ASP A 65 4.94 39.74 11.08
CA ASP A 65 4.57 40.05 12.46
C ASP A 65 4.58 38.80 13.33
N LEU A 66 5.67 38.04 13.26
CA LEU A 66 5.85 36.82 14.04
C LEU A 66 6.72 37.10 15.26
N ASP A 67 6.56 36.25 16.28
CA ASP A 67 7.25 36.46 17.54
C ASP A 67 8.65 35.85 17.51
N GLU A 68 9.36 36.00 18.63
CA GLU A 68 10.71 35.45 18.72
C GLU A 68 10.71 33.93 18.71
N ASP A 69 9.62 33.30 19.17
CA ASP A 69 9.51 31.85 19.12
C ASP A 69 9.47 31.36 17.67
N ALA A 70 8.80 32.12 16.79
CA ALA A 70 8.82 31.79 15.38
C ALA A 70 10.21 31.97 14.79
N VAL A 71 10.95 32.99 15.26
CA VAL A 71 12.29 33.23 14.75
C VAL A 71 13.19 32.03 15.02
N ARG A 72 13.16 31.53 16.26
CA ARG A 72 13.98 30.38 16.62
C ARG A 72 13.53 29.13 15.86
N LEU A 73 12.22 28.90 15.74
CA LEU A 73 11.73 27.71 15.03
C LEU A 73 12.04 27.76 13.55
N LEU A 74 12.02 28.95 12.93
CA LEU A 74 12.40 29.06 11.53
C LEU A 74 13.87 28.73 11.29
N GLN A 75 14.70 28.81 12.32
CA GLN A 75 16.11 28.47 12.21
C GLN A 75 16.40 27.00 12.51
N THR A 76 15.38 26.21 12.84
CA THR A 76 15.59 24.80 13.14
C THR A 76 15.39 23.95 11.89
N ILE A 77 16.18 22.89 11.81
CA ILE A 77 16.11 21.99 10.66
C ILE A 77 14.84 21.14 10.77
N PRO A 78 14.03 21.05 9.73
CA PRO A 78 12.81 20.27 9.80
C PRO A 78 13.00 18.82 9.34
N LEU A 79 12.03 17.99 9.69
CA LEU A 79 11.85 16.69 9.05
C LEU A 79 11.23 16.95 7.69
N ARG A 80 12.00 16.70 6.63
CA ARG A 80 11.61 17.23 5.33
C ARG A 80 10.65 16.28 4.60
N GLY A 81 9.92 16.85 3.65
CA GLY A 81 8.97 16.12 2.83
C GLY A 81 7.71 16.92 2.62
N SER A 82 7.48 17.39 1.38
CA SER A 82 6.31 18.20 0.93
C SER A 82 5.15 17.32 0.44
N ILE A 83 5.41 16.04 0.19
CA ILE A 83 4.38 15.07 -0.31
C ILE A 83 4.35 13.84 0.59
N PRO A 84 3.66 13.89 1.75
CA PRO A 84 3.54 12.75 2.65
C PRO A 84 2.85 11.54 2.01
N SER A 85 1.95 11.77 1.05
CA SER A 85 1.23 10.69 0.34
C SER A 85 2.16 9.93 -0.60
N GLY A 86 3.41 10.38 -0.77
CA GLY A 86 4.35 9.75 -1.71
C GLY A 86 4.08 10.21 -3.13
N VAL A 87 2.88 9.98 -3.64
CA VAL A 87 2.51 10.54 -4.96
C VAL A 87 1.44 11.59 -4.69
N PRO A 88 1.58 12.81 -5.23
CA PRO A 88 0.63 13.88 -4.94
C PRO A 88 -0.72 13.65 -5.60
N THR A 89 -1.79 14.22 -5.04
CA THR A 89 -3.05 14.32 -5.76
C THR A 89 -3.28 15.70 -6.35
N ASP A 90 -2.63 16.73 -5.82
CA ASP A 90 -2.85 18.09 -6.35
C ASP A 90 -2.28 18.19 -7.75
N PRO A 91 -3.08 18.58 -8.74
CA PRO A 91 -2.60 18.52 -10.14
C PRO A 91 -1.34 19.31 -10.39
N THR A 92 -1.19 20.49 -9.77
CA THR A 92 0.00 21.30 -10.00
C THR A 92 1.26 20.56 -9.57
N ILE A 93 1.22 19.94 -8.39
CA ILE A 93 2.37 19.18 -7.94
C ILE A 93 2.52 17.90 -8.75
N TYR A 94 1.39 17.28 -9.13
CA TYR A 94 1.46 16.00 -9.82
C TYR A 94 2.21 16.13 -11.14
N ARG A 95 2.06 17.26 -11.84
CA ARG A 95 2.75 17.42 -13.12
C ARG A 95 4.26 17.29 -12.95
N PHE A 96 4.82 17.87 -11.88
CA PHE A 96 6.25 17.72 -11.64
C PHE A 96 6.60 16.26 -11.31
N TYR A 97 5.75 15.58 -10.56
CA TYR A 97 5.95 14.16 -10.31
C TYR A 97 5.88 13.37 -11.62
N GLU A 98 4.93 13.71 -12.49
CA GLU A 98 4.78 12.99 -13.75
C GLU A 98 6.00 13.18 -14.63
N MET A 99 6.60 14.37 -14.62
CA MET A 99 7.83 14.58 -15.36
C MET A 99 8.88 13.56 -14.95
N VAL A 100 8.98 13.27 -13.65
CA VAL A 100 9.93 12.27 -13.18
C VAL A 100 9.45 10.88 -13.53
N GLN A 101 8.14 10.66 -13.43
CA GLN A 101 7.58 9.35 -13.76
C GLN A 101 7.85 8.99 -15.22
N ILE A 102 7.71 9.95 -16.12
CA ILE A 102 7.91 9.68 -17.54
C ILE A 102 9.39 9.62 -17.88
N TYR A 103 10.18 10.61 -17.44
CA TYR A 103 11.57 10.74 -17.87
C TYR A 103 12.58 10.19 -16.84
N GLY A 104 12.12 9.44 -15.84
CA GLY A 104 13.01 8.96 -14.79
C GLY A 104 14.13 8.07 -15.31
N SER A 105 13.77 7.06 -16.10
CA SER A 105 14.80 6.16 -16.62
C SER A 105 15.67 6.83 -17.68
N THR A 106 15.11 7.80 -18.41
CA THR A 106 15.90 8.55 -19.38
C THR A 106 16.96 9.40 -18.69
N LEU A 107 16.56 10.10 -17.62
CA LEU A 107 17.51 10.90 -16.84
C LEU A 107 18.63 10.01 -16.28
N LYS A 108 18.27 8.83 -15.75
CA LYS A 108 19.31 7.90 -15.28
C LYS A 108 20.27 7.53 -16.40
N ALA A 109 19.72 7.08 -17.53
CA ALA A 109 20.56 6.63 -18.64
C ALA A 109 21.48 7.74 -19.12
N LEU A 110 20.96 8.96 -19.26
CA LEU A 110 21.77 10.07 -19.77
C LEU A 110 22.76 10.58 -18.72
N VAL A 111 22.41 10.52 -17.44
CA VAL A 111 23.40 10.84 -16.40
C VAL A 111 24.56 9.86 -16.47
N HIS A 112 24.27 8.55 -16.55
CA HIS A 112 25.34 7.57 -16.62
C HIS A 112 26.16 7.72 -17.90
N GLU A 113 25.54 8.17 -18.98
CA GLU A 113 26.24 8.30 -20.25
C GLU A 113 27.17 9.50 -20.26
N GLN A 114 26.70 10.64 -19.73
CA GLN A 114 27.44 11.88 -19.85
C GLN A 114 28.31 12.19 -18.65
N PHE A 115 28.04 11.58 -17.50
CA PHE A 115 28.83 11.77 -16.29
C PHE A 115 29.52 10.48 -15.86
N GLY A 116 28.76 9.41 -15.70
CA GLY A 116 29.28 8.14 -15.24
C GLY A 116 28.36 7.55 -14.21
N ASP A 117 28.79 6.42 -13.63
CA ASP A 117 28.03 5.83 -12.55
C ASP A 117 27.95 6.79 -11.37
N GLY A 118 26.82 6.72 -10.67
CA GLY A 118 26.61 7.59 -9.52
C GLY A 118 25.27 8.30 -9.62
N ILE A 119 25.21 9.53 -9.09
CA ILE A 119 23.97 10.29 -8.99
C ILE A 119 24.23 11.75 -9.33
N ILE A 120 23.14 12.45 -9.60
CA ILE A 120 23.08 13.91 -9.53
C ILE A 120 22.45 14.25 -8.19
N SER A 121 23.16 15.03 -7.39
CA SER A 121 22.79 15.20 -5.99
C SER A 121 21.53 16.05 -5.85
N ALA A 122 20.72 15.73 -4.85
CA ALA A 122 19.58 16.54 -4.48
C ALA A 122 19.85 17.41 -3.27
N ILE A 123 21.08 17.36 -2.74
CA ILE A 123 21.49 18.15 -1.58
C ILE A 123 22.45 19.28 -1.99
N ASN A 124 23.57 18.93 -2.62
CA ASN A 124 24.38 19.92 -3.33
C ASN A 124 23.60 20.27 -4.60
N PHE A 125 22.61 21.15 -4.45
CA PHE A 125 21.54 21.26 -5.42
C PHE A 125 20.85 22.60 -5.25
N LYS A 126 20.46 23.20 -6.38
CA LYS A 126 19.74 24.46 -6.40
C LYS A 126 18.61 24.37 -7.42
N LEU A 127 17.49 25.02 -7.09
CA LEU A 127 16.30 25.03 -7.93
C LEU A 127 15.93 26.46 -8.26
N ASP A 128 15.39 26.65 -9.47
CA ASP A 128 14.97 27.96 -9.92
C ASP A 128 13.80 27.81 -10.89
N ILE A 129 12.90 28.80 -10.89
CA ILE A 129 11.76 28.84 -11.80
C ILE A 129 11.63 30.23 -12.38
N LYS A 130 11.49 30.32 -13.70
CA LYS A 130 11.41 31.59 -14.41
C LYS A 130 10.29 31.54 -15.44
N LYS A 131 9.56 32.65 -15.58
CA LYS A 131 8.46 32.74 -16.53
C LYS A 131 8.96 33.32 -17.85
N VAL A 132 8.75 32.59 -18.92
CA VAL A 132 9.17 33.04 -20.25
C VAL A 132 7.93 33.04 -21.15
N PRO A 133 7.89 33.87 -22.19
CA PRO A 133 6.73 33.84 -23.09
C PRO A 133 6.78 32.65 -24.03
N ASP A 134 5.59 32.17 -24.38
CA ASP A 134 5.53 31.10 -25.37
C ASP A 134 5.43 31.71 -26.77
N PRO A 135 6.26 31.28 -27.72
CA PRO A 135 6.20 31.86 -29.07
C PRO A 135 4.86 31.68 -29.76
N ASP A 136 4.07 30.70 -29.35
CA ASP A 136 2.74 30.46 -29.91
C ASP A 136 1.64 31.09 -29.06
N GLY A 137 1.97 32.08 -28.25
CA GLY A 137 0.99 32.69 -27.36
C GLY A 137 0.91 31.96 -26.03
N GLY A 138 0.94 32.70 -24.94
CA GLY A 138 0.86 32.13 -23.61
C GLY A 138 2.17 32.29 -22.85
N GLU A 139 2.20 31.67 -21.68
CA GLU A 139 3.35 31.74 -20.79
C GLU A 139 3.92 30.33 -20.57
N ARG A 140 5.23 30.27 -20.37
CA ARG A 140 5.90 29.02 -20.06
C ARG A 140 6.70 29.15 -18.77
N ALA A 141 6.84 28.04 -18.07
CA ALA A 141 7.70 27.95 -16.89
C ALA A 141 8.94 27.15 -17.25
N VAL A 142 10.10 27.75 -17.00
CA VAL A 142 11.38 27.08 -17.18
C VAL A 142 11.94 26.84 -15.78
N ILE A 143 11.85 25.59 -15.32
CA ILE A 143 12.36 25.17 -14.01
C ILE A 143 13.72 24.52 -14.23
N THR A 144 14.74 25.00 -13.51
CA THR A 144 16.11 24.52 -13.65
C THR A 144 16.49 23.73 -12.41
N LEU A 145 16.92 22.47 -12.61
CA LEU A 145 17.46 21.62 -11.56
C LEU A 145 18.97 21.54 -11.72
N ASP A 146 19.71 21.96 -10.70
CA ASP A 146 21.16 22.15 -10.79
C ASP A 146 21.82 21.39 -9.64
N GLY A 147 22.26 20.16 -9.89
CA GLY A 147 22.83 19.31 -8.86
C GLY A 147 24.24 18.85 -9.20
N LYS A 148 25.02 18.62 -8.15
CA LYS A 148 26.39 18.11 -8.30
C LYS A 148 26.36 16.64 -8.70
N TYR A 149 27.29 16.26 -9.58
CA TYR A 149 27.44 14.85 -9.91
C TYR A 149 28.34 14.18 -8.88
N LEU A 150 27.82 13.15 -8.23
CA LEU A 150 28.60 12.36 -7.27
C LEU A 150 28.87 10.99 -7.87
N PRO A 151 30.11 10.66 -8.19
CA PRO A 151 30.39 9.37 -8.83
C PRO A 151 30.30 8.22 -7.85
N THR A 152 29.86 7.08 -8.37
CA THR A 152 29.96 5.79 -7.71
C THR A 152 31.21 5.12 -8.26
N LYS A 153 32.24 5.00 -7.44
CA LYS A 153 33.47 4.38 -7.89
C LYS A 153 33.69 3.05 -7.16
N PRO A 154 34.21 2.04 -7.85
CA PRO A 154 34.48 0.77 -7.18
C PRO A 154 35.48 0.96 -6.05
N PHE A 155 35.21 0.30 -4.93
CA PHE A 155 36.13 0.32 -3.79
C PHE A 155 36.47 -1.10 -3.34
N THR B 1 -3.88 -35.07 5.18
CA THR B 1 -4.44 -34.73 3.87
C THR B 1 -3.43 -33.90 3.07
N GLN B 2 -3.41 -34.13 1.75
CA GLN B 2 -2.46 -33.43 0.89
C GLN B 2 -2.79 -31.95 0.81
N SER B 3 -1.77 -31.12 1.02
CA SER B 3 -1.90 -29.66 1.03
C SER B 3 -0.97 -29.07 -0.03
N LEU B 4 -1.21 -27.80 -0.38
CA LEU B 4 -0.39 -27.09 -1.34
C LEU B 4 0.30 -25.91 -0.68
N HIS B 5 1.43 -25.50 -1.28
CA HIS B 5 2.31 -24.47 -0.78
C HIS B 5 2.06 -23.10 -1.41
N HIS B 6 1.76 -23.07 -2.70
CA HIS B 6 1.53 -21.83 -3.43
C HIS B 6 0.37 -22.06 -4.41
N SER B 7 0.00 -21.01 -5.14
CA SER B 7 -1.23 -21.03 -5.93
C SER B 7 -1.03 -21.61 -7.33
N SER B 8 0.20 -21.66 -7.84
CA SER B 8 0.40 -21.73 -9.29
C SER B 8 0.12 -23.11 -9.87
N SER B 9 0.58 -24.19 -9.23
CA SER B 9 0.31 -25.52 -9.77
C SER B 9 -1.18 -25.82 -9.75
N ARG B 10 -1.88 -25.35 -8.71
CA ARG B 10 -3.33 -25.38 -8.75
C ARG B 10 -3.89 -24.32 -9.70
N GLU B 11 -3.18 -23.20 -9.88
CA GLU B 11 -3.60 -22.21 -10.85
C GLU B 11 -3.46 -22.75 -12.26
N ALA B 12 -2.37 -23.48 -12.53
CA ALA B 12 -2.22 -24.11 -13.84
C ALA B 12 -3.36 -25.06 -14.13
N LEU B 13 -3.82 -25.80 -13.12
CA LEU B 13 -4.95 -26.71 -13.31
C LEU B 13 -6.24 -25.93 -13.56
N THR B 14 -6.43 -24.83 -12.84
CA THR B 14 -7.62 -24.01 -13.02
C THR B 14 -7.69 -23.44 -14.43
N ASP B 15 -6.54 -23.06 -15.00
CA ASP B 15 -6.51 -22.63 -16.40
C ASP B 15 -6.94 -23.76 -17.32
N ILE B 16 -6.42 -24.96 -17.11
CA ILE B 16 -6.80 -26.12 -17.92
C ILE B 16 -8.28 -26.43 -17.75
N ILE B 17 -8.77 -26.35 -16.52
CA ILE B 17 -10.20 -26.59 -16.26
C ILE B 17 -11.03 -25.58 -17.03
N MET B 18 -10.70 -24.29 -16.90
CA MET B 18 -11.49 -23.25 -17.55
C MET B 18 -11.39 -23.36 -19.07
N ASP B 19 -10.19 -23.67 -19.58
CA ASP B 19 -10.03 -23.81 -21.02
C ASP B 19 -10.93 -24.90 -21.58
N ALA B 20 -11.01 -26.04 -20.89
CA ALA B 20 -11.85 -27.14 -21.34
C ALA B 20 -13.33 -26.82 -21.20
N LYS B 21 -13.71 -26.08 -20.17
CA LYS B 21 -15.12 -25.75 -19.98
C LYS B 21 -15.61 -24.81 -21.08
N ILE B 22 -14.77 -23.89 -21.53
CA ILE B 22 -15.17 -22.97 -22.59
C ILE B 22 -15.23 -23.68 -23.93
N ARG B 23 -14.20 -24.48 -24.24
CA ARG B 23 -14.18 -25.19 -25.52
C ARG B 23 -15.35 -26.15 -25.64
N LYS B 24 -15.72 -26.81 -24.54
CA LYS B 24 -16.87 -27.70 -24.54
C LYS B 24 -18.17 -26.97 -24.28
N ASN B 25 -18.13 -25.66 -24.03
CA ASN B 25 -19.30 -24.85 -23.73
C ASN B 25 -20.16 -25.48 -22.64
N LEU B 26 -19.50 -25.90 -21.57
CA LEU B 26 -20.17 -26.52 -20.44
C LEU B 26 -20.47 -25.47 -19.37
N THR B 27 -21.52 -25.71 -18.60
CA THR B 27 -21.82 -24.95 -17.41
C THR B 27 -21.26 -25.67 -16.18
N PHE B 28 -21.12 -24.92 -15.09
CA PHE B 28 -20.67 -25.54 -13.85
C PHE B 28 -21.70 -26.56 -13.35
N GLU B 29 -22.99 -26.26 -13.51
CA GLU B 29 -24.04 -27.22 -13.13
C GLU B 29 -23.91 -28.52 -13.90
N ALA B 30 -23.60 -28.42 -15.21
CA ALA B 30 -23.40 -29.64 -15.99
C ALA B 30 -22.18 -30.41 -15.49
N ILE B 31 -21.07 -29.71 -15.22
CA ILE B 31 -19.88 -30.37 -14.71
C ILE B 31 -20.17 -31.02 -13.36
N ASN B 32 -21.04 -30.41 -12.56
CA ASN B 32 -21.34 -30.90 -11.23
C ASN B 32 -22.30 -32.10 -11.20
N GLU B 33 -22.75 -32.60 -12.34
CA GLU B 33 -23.77 -33.64 -12.30
C GLU B 33 -23.18 -34.92 -11.72
N GLY B 34 -23.90 -35.51 -10.76
CA GLY B 34 -23.49 -36.76 -10.16
C GLY B 34 -22.37 -36.67 -9.15
N THR B 35 -22.01 -35.47 -8.70
CA THR B 35 -20.98 -35.35 -7.68
C THR B 35 -21.54 -35.55 -6.28
N GLY B 36 -22.84 -35.32 -6.08
CA GLY B 36 -23.42 -35.38 -4.75
C GLY B 36 -23.19 -34.15 -3.90
N LEU B 37 -22.46 -33.16 -4.41
CA LEU B 37 -22.12 -31.98 -3.64
C LEU B 37 -22.77 -30.75 -4.26
N SER B 38 -22.86 -29.68 -3.47
CA SER B 38 -23.54 -28.48 -3.92
C SER B 38 -22.74 -27.79 -5.01
N LEU B 39 -23.46 -27.05 -5.87
CA LEU B 39 -22.81 -26.35 -6.96
C LEU B 39 -21.83 -25.30 -6.45
N ALA B 40 -22.14 -24.64 -5.34
CA ALA B 40 -21.26 -23.59 -4.82
C ALA B 40 -19.92 -24.16 -4.36
N PHE B 41 -19.92 -25.34 -3.74
CA PHE B 41 -18.67 -25.91 -3.26
C PHE B 41 -17.82 -26.42 -4.42
N VAL B 42 -18.44 -27.10 -5.38
CA VAL B 42 -17.69 -27.71 -6.47
C VAL B 42 -17.18 -26.64 -7.44
N THR B 43 -17.97 -25.60 -7.67
CA THR B 43 -17.48 -24.48 -8.49
C THR B 43 -16.26 -23.84 -7.84
N ALA B 44 -16.29 -23.61 -6.52
CA ALA B 44 -15.12 -23.09 -5.84
C ALA B 44 -13.92 -24.02 -5.98
N ALA B 45 -14.14 -25.33 -5.87
CA ALA B 45 -13.05 -26.28 -5.99
C ALA B 45 -12.45 -26.25 -7.38
N LEU B 46 -13.30 -26.17 -8.42
CA LEU B 46 -12.79 -26.07 -9.78
C LEU B 46 -12.03 -24.78 -9.99
N LEU B 47 -12.40 -23.74 -9.27
CA LEU B 47 -11.69 -22.47 -9.31
C LEU B 47 -10.51 -22.42 -8.34
N GLY B 48 -10.10 -23.57 -7.81
CA GLY B 48 -8.89 -23.62 -7.01
C GLY B 48 -9.04 -23.24 -5.55
N GLN B 49 -10.25 -23.22 -5.02
CA GLN B 49 -10.46 -22.78 -3.65
C GLN B 49 -10.81 -23.92 -2.70
N HIS B 50 -10.96 -25.15 -3.19
CA HIS B 50 -11.37 -26.26 -2.33
C HIS B 50 -10.83 -27.57 -2.89
N PRO B 51 -10.62 -28.56 -2.04
CA PRO B 51 -10.39 -29.92 -2.54
C PRO B 51 -11.68 -30.66 -2.80
N LEU B 52 -11.60 -31.60 -3.72
CA LEU B 52 -12.74 -32.46 -4.01
C LEU B 52 -12.50 -33.87 -3.50
N PRO B 53 -13.51 -34.52 -2.91
CA PRO B 53 -13.39 -35.96 -2.65
C PRO B 53 -13.21 -36.70 -3.98
N GLU B 54 -12.73 -37.95 -3.88
CA GLU B 54 -12.22 -38.61 -5.07
C GLU B 54 -13.31 -38.87 -6.10
N GLN B 55 -14.50 -39.28 -5.67
CA GLN B 55 -15.57 -39.52 -6.62
C GLN B 55 -15.93 -38.25 -7.37
N ALA B 56 -16.18 -37.17 -6.63
CA ALA B 56 -16.42 -35.86 -7.25
C ALA B 56 -15.26 -35.45 -8.13
N ALA B 57 -14.03 -35.77 -7.74
CA ALA B 57 -12.87 -35.39 -8.53
C ALA B 57 -12.83 -36.14 -9.86
N ARG B 58 -13.11 -37.45 -9.83
CA ARG B 58 -13.13 -38.24 -11.06
C ARG B 58 -14.31 -37.87 -11.94
N VAL B 59 -15.41 -37.39 -11.36
CA VAL B 59 -16.57 -37.05 -12.16
C VAL B 59 -16.28 -35.82 -13.02
N VAL B 60 -15.84 -34.72 -12.39
CA VAL B 60 -15.51 -33.52 -13.14
C VAL B 60 -14.34 -33.79 -14.10
N ALA B 61 -13.43 -34.69 -13.73
CA ALA B 61 -12.31 -34.99 -14.61
C ALA B 61 -12.78 -35.69 -15.88
N ALA B 62 -13.78 -36.57 -15.75
CA ALA B 62 -14.36 -37.19 -16.93
C ALA B 62 -15.15 -36.18 -17.76
N LYS B 63 -15.76 -35.19 -17.11
CA LYS B 63 -16.53 -34.19 -17.85
C LYS B 63 -15.63 -33.29 -18.69
N LEU B 64 -14.44 -32.98 -18.21
CA LEU B 64 -13.52 -32.09 -18.90
C LEU B 64 -12.31 -32.82 -19.49
N ASP B 65 -12.29 -34.15 -19.41
CA ASP B 65 -11.21 -34.98 -19.95
C ASP B 65 -9.85 -34.55 -19.42
N LEU B 66 -9.68 -34.72 -18.11
CA LEU B 66 -8.43 -34.47 -17.43
C LEU B 66 -7.79 -35.80 -17.02
N ASP B 67 -6.47 -35.78 -16.85
CA ASP B 67 -5.73 -37.00 -16.57
C ASP B 67 -5.79 -37.33 -15.07
N GLU B 68 -5.08 -38.39 -14.68
CA GLU B 68 -5.07 -38.80 -13.28
C GLU B 68 -4.26 -37.83 -12.42
N ASP B 69 -3.30 -37.12 -13.02
CA ASP B 69 -2.58 -36.09 -12.28
C ASP B 69 -3.52 -34.97 -11.86
N ALA B 70 -4.51 -34.65 -12.70
CA ALA B 70 -5.51 -33.66 -12.31
C ALA B 70 -6.44 -34.20 -11.25
N VAL B 71 -6.77 -35.50 -11.30
CA VAL B 71 -7.63 -36.09 -10.28
C VAL B 71 -6.98 -36.00 -8.91
N ARG B 72 -5.69 -36.38 -8.82
CA ARG B 72 -5.01 -36.31 -7.54
C ARG B 72 -4.84 -34.86 -7.06
N LEU B 73 -4.45 -33.97 -7.97
CA LEU B 73 -4.26 -32.58 -7.59
C LEU B 73 -5.56 -31.93 -7.14
N LEU B 74 -6.68 -32.31 -7.76
CA LEU B 74 -7.99 -31.80 -7.36
C LEU B 74 -8.37 -32.25 -5.96
N GLN B 75 -7.76 -33.32 -5.46
CA GLN B 75 -8.00 -33.79 -4.10
C GLN B 75 -7.09 -33.12 -3.08
N THR B 76 -6.20 -32.23 -3.50
CA THR B 76 -5.29 -31.56 -2.60
C THR B 76 -5.88 -30.25 -2.10
N ILE B 77 -5.56 -29.91 -0.86
CA ILE B 77 -6.04 -28.66 -0.26
C ILE B 77 -5.22 -27.51 -0.82
N PRO B 78 -5.84 -26.47 -1.37
CA PRO B 78 -5.09 -25.37 -1.97
C PRO B 78 -4.75 -24.28 -0.95
N LEU B 79 -3.86 -23.39 -1.37
CA LEU B 79 -3.62 -22.12 -0.68
C LEU B 79 -4.74 -21.18 -1.10
N ARG B 80 -5.69 -20.96 -0.20
CA ARG B 80 -6.97 -20.38 -0.59
C ARG B 80 -6.87 -18.85 -0.75
N GLY B 81 -7.81 -18.31 -1.52
CA GLY B 81 -7.91 -16.89 -1.73
C GLY B 81 -8.21 -16.56 -3.18
N SER B 82 -9.40 -16.02 -3.45
CA SER B 82 -9.89 -15.76 -4.84
C SER B 82 -9.59 -14.32 -5.27
N ILE B 83 -9.30 -13.45 -4.33
CA ILE B 83 -9.01 -12.03 -4.63
C ILE B 83 -7.59 -11.69 -4.15
N PRO B 84 -6.56 -11.93 -4.97
CA PRO B 84 -5.17 -11.69 -4.57
C PRO B 84 -4.90 -10.21 -4.27
N SER B 85 -5.61 -9.32 -4.95
CA SER B 85 -5.47 -7.86 -4.73
C SER B 85 -6.06 -7.42 -3.38
N GLY B 86 -6.75 -8.30 -2.66
CA GLY B 86 -7.45 -7.92 -1.43
C GLY B 86 -8.75 -7.20 -1.75
N VAL B 87 -8.68 -6.16 -2.57
CA VAL B 87 -9.90 -5.46 -3.03
C VAL B 87 -10.02 -5.72 -4.55
N PRO B 88 -11.16 -6.24 -5.03
CA PRO B 88 -11.32 -6.55 -6.43
C PRO B 88 -11.45 -5.28 -7.30
N THR B 89 -11.17 -5.39 -8.59
CA THR B 89 -11.57 -4.37 -9.55
C THR B 89 -12.70 -4.81 -10.46
N ASP B 90 -12.89 -6.11 -10.66
CA ASP B 90 -14.02 -6.59 -11.44
C ASP B 90 -15.33 -6.15 -10.80
N PRO B 91 -16.20 -5.44 -11.51
CA PRO B 91 -17.43 -4.93 -10.89
C PRO B 91 -18.32 -6.00 -10.27
N THR B 92 -18.38 -7.19 -10.87
CA THR B 92 -19.27 -8.23 -10.34
C THR B 92 -18.81 -8.69 -8.97
N ILE B 93 -17.50 -8.90 -8.80
CA ILE B 93 -16.98 -9.27 -7.50
C ILE B 93 -16.98 -8.08 -6.55
N TYR B 94 -16.72 -6.88 -7.08
CA TYR B 94 -16.62 -5.71 -6.21
C TYR B 94 -17.93 -5.46 -5.45
N ARG B 95 -19.07 -5.69 -6.09
CA ARG B 95 -20.34 -5.41 -5.43
C ARG B 95 -20.47 -6.21 -4.14
N PHE B 96 -20.02 -7.45 -4.16
CA PHE B 96 -20.04 -8.26 -2.95
C PHE B 96 -19.08 -7.72 -1.90
N TYR B 97 -17.91 -7.24 -2.34
CA TYR B 97 -17.04 -6.57 -1.39
C TYR B 97 -17.70 -5.31 -0.84
N GLU B 98 -18.37 -4.54 -1.71
CA GLU B 98 -19.04 -3.32 -1.26
C GLU B 98 -20.07 -3.63 -0.17
N MET B 99 -20.77 -4.76 -0.28
CA MET B 99 -21.77 -5.10 0.73
C MET B 99 -21.12 -5.23 2.11
N VAL B 100 -19.95 -5.87 2.18
CA VAL B 100 -19.25 -5.98 3.45
C VAL B 100 -18.69 -4.63 3.87
N GLN B 101 -18.17 -3.85 2.91
CA GLN B 101 -17.64 -2.54 3.24
C GLN B 101 -18.71 -1.63 3.83
N ILE B 102 -19.92 -1.66 3.27
CA ILE B 102 -21.01 -0.83 3.74
C ILE B 102 -21.59 -1.35 5.05
N TYR B 103 -21.91 -2.64 5.11
CA TYR B 103 -22.67 -3.20 6.22
C TYR B 103 -21.81 -3.97 7.22
N GLY B 104 -20.49 -3.90 7.10
CA GLY B 104 -19.62 -4.69 7.96
C GLY B 104 -19.79 -4.39 9.43
N SER B 105 -19.80 -3.11 9.80
CA SER B 105 -19.96 -2.78 11.22
C SER B 105 -21.39 -3.09 11.69
N THR B 106 -22.37 -3.00 10.80
CA THR B 106 -23.74 -3.38 11.17
C THR B 106 -23.83 -4.89 11.44
N LEU B 107 -23.25 -5.70 10.57
CA LEU B 107 -23.25 -7.14 10.82
C LEU B 107 -22.59 -7.46 12.16
N LYS B 108 -21.44 -6.84 12.43
CA LYS B 108 -20.79 -7.03 13.72
C LYS B 108 -21.71 -6.62 14.86
N ALA B 109 -22.31 -5.43 14.74
CA ALA B 109 -23.15 -4.94 15.83
C ALA B 109 -24.36 -5.84 16.05
N LEU B 110 -24.93 -6.40 14.97
CA LEU B 110 -26.13 -7.23 15.13
C LEU B 110 -25.78 -8.67 15.49
N VAL B 111 -24.60 -9.16 15.08
CA VAL B 111 -24.15 -10.46 15.55
C VAL B 111 -23.97 -10.41 17.07
N HIS B 112 -23.30 -9.37 17.56
CA HIS B 112 -23.09 -9.24 19.00
C HIS B 112 -24.39 -9.04 19.75
N GLU B 113 -25.38 -8.37 19.14
CA GLU B 113 -26.65 -8.16 19.84
C GLU B 113 -27.45 -9.45 19.92
N GLN B 114 -27.54 -10.20 18.82
CA GLN B 114 -28.44 -11.35 18.78
C GLN B 114 -27.77 -12.65 19.19
N PHE B 115 -26.44 -12.71 19.15
CA PHE B 115 -25.70 -13.92 19.54
C PHE B 115 -24.81 -13.68 20.73
N GLY B 116 -23.98 -12.62 20.70
CA GLY B 116 -23.04 -12.29 21.75
C GLY B 116 -21.67 -12.05 21.18
N ASP B 117 -20.69 -11.96 22.06
CA ASP B 117 -19.31 -11.77 21.63
C ASP B 117 -18.83 -13.00 20.88
N GLY B 118 -17.97 -12.78 19.89
CA GLY B 118 -17.47 -13.86 19.08
C GLY B 118 -17.67 -13.58 17.60
N ILE B 119 -17.81 -14.64 16.80
CA ILE B 119 -17.87 -14.49 15.35
C ILE B 119 -18.97 -15.37 14.79
N ILE B 120 -19.37 -15.05 13.56
CA ILE B 120 -20.03 -16.00 12.68
C ILE B 120 -18.94 -16.63 11.82
N SER B 121 -18.81 -17.95 11.89
CA SER B 121 -17.68 -18.65 11.27
C SER B 121 -17.74 -18.56 9.74
N ALA B 122 -16.58 -18.40 9.13
CA ALA B 122 -16.46 -18.56 7.69
C ALA B 122 -15.97 -19.94 7.29
N ILE B 123 -15.79 -20.84 8.25
CA ILE B 123 -15.30 -22.20 8.00
C ILE B 123 -16.40 -23.23 8.23
N ASN B 124 -17.02 -23.22 9.41
CA ASN B 124 -18.27 -23.93 9.60
C ASN B 124 -19.35 -23.12 8.91
N PHE B 125 -19.40 -23.19 7.57
CA PHE B 125 -20.04 -22.18 6.75
C PHE B 125 -20.46 -22.80 5.44
N LYS B 126 -21.64 -22.42 4.96
CA LYS B 126 -22.14 -22.82 3.64
C LYS B 126 -22.67 -21.59 2.91
N LEU B 127 -22.48 -21.57 1.60
CA LEU B 127 -22.93 -20.46 0.75
C LEU B 127 -23.91 -21.00 -0.28
N ASP B 128 -24.88 -20.17 -0.64
CA ASP B 128 -25.90 -20.56 -1.61
C ASP B 128 -26.39 -19.32 -2.34
N ILE B 129 -26.59 -19.44 -3.65
CA ILE B 129 -27.13 -18.36 -4.46
C ILE B 129 -28.30 -18.89 -5.28
N LYS B 130 -29.39 -18.14 -5.32
CA LYS B 130 -30.58 -18.56 -6.05
C LYS B 130 -31.16 -17.37 -6.79
N LYS B 131 -31.71 -17.63 -7.97
CA LYS B 131 -32.33 -16.61 -8.80
C LYS B 131 -33.82 -16.57 -8.53
N VAL B 132 -34.33 -15.39 -8.19
CA VAL B 132 -35.75 -15.18 -7.91
C VAL B 132 -36.26 -14.04 -8.78
N PRO B 133 -37.51 -14.06 -9.21
CA PRO B 133 -38.04 -12.93 -10.00
C PRO B 133 -38.21 -11.70 -9.12
N ASP B 134 -37.94 -10.54 -9.72
CA ASP B 134 -38.22 -9.28 -9.04
C ASP B 134 -39.67 -8.89 -9.28
N PRO B 135 -40.44 -8.56 -8.24
CA PRO B 135 -41.85 -8.19 -8.45
C PRO B 135 -42.02 -7.00 -9.36
N ASP B 136 -41.00 -6.17 -9.54
CA ASP B 136 -41.08 -5.00 -10.42
C ASP B 136 -40.40 -5.23 -11.76
N GLY B 137 -40.35 -6.48 -12.22
CA GLY B 137 -39.68 -6.79 -13.47
C GLY B 137 -38.20 -7.03 -13.26
N GLY B 138 -37.65 -8.00 -14.00
CA GLY B 138 -36.27 -8.36 -13.80
C GLY B 138 -36.11 -9.45 -12.77
N GLU B 139 -34.86 -9.67 -12.38
CA GLU B 139 -34.51 -10.78 -11.51
C GLU B 139 -33.58 -10.31 -10.40
N ARG B 140 -33.64 -11.02 -9.27
CA ARG B 140 -32.79 -10.76 -8.13
C ARG B 140 -31.99 -12.01 -7.80
N ALA B 141 -30.84 -11.80 -7.17
CA ALA B 141 -30.02 -12.87 -6.62
C ALA B 141 -30.12 -12.84 -5.10
N VAL B 142 -30.47 -13.98 -4.53
CA VAL B 142 -30.57 -14.15 -3.08
C VAL B 142 -29.39 -15.04 -2.69
N ILE B 143 -28.34 -14.43 -2.14
CA ILE B 143 -27.17 -15.16 -1.67
C ILE B 143 -27.33 -15.39 -0.17
N THR B 144 -27.25 -16.65 0.25
CA THR B 144 -27.42 -17.05 1.64
C THR B 144 -26.05 -17.41 2.22
N LEU B 145 -25.66 -16.72 3.29
CA LEU B 145 -24.43 -16.99 4.04
C LEU B 145 -24.83 -17.64 5.36
N ASP B 146 -24.49 -18.93 5.53
CA ASP B 146 -24.93 -19.72 6.67
C ASP B 146 -23.71 -20.15 7.47
N GLY B 147 -23.44 -19.45 8.57
CA GLY B 147 -22.25 -19.69 9.37
C GLY B 147 -22.59 -19.98 10.82
N LYS B 148 -21.83 -20.89 11.41
CA LYS B 148 -22.02 -21.22 12.83
C LYS B 148 -21.56 -20.07 13.71
N TYR B 149 -22.26 -19.85 14.82
CA TYR B 149 -21.87 -18.84 15.78
C TYR B 149 -20.84 -19.43 16.76
N LEU B 150 -19.67 -18.81 16.82
CA LEU B 150 -18.60 -19.20 17.74
C LEU B 150 -18.43 -18.12 18.80
N PRO B 151 -18.75 -18.38 20.07
CA PRO B 151 -18.66 -17.33 21.08
C PRO B 151 -17.24 -17.07 21.56
N THR B 152 -16.97 -15.81 21.89
CA THR B 152 -15.75 -15.41 22.57
C THR B 152 -16.08 -15.32 24.06
N LYS B 153 -15.56 -16.25 24.84
CA LYS B 153 -15.85 -16.27 26.27
C LYS B 153 -14.60 -15.96 27.08
N PRO B 154 -14.74 -15.29 28.23
CA PRO B 154 -13.57 -15.01 29.06
C PRO B 154 -12.93 -16.30 29.57
N PHE B 155 -11.60 -16.30 29.58
CA PHE B 155 -10.87 -17.46 30.05
C PHE B 155 -9.79 -17.05 31.04
N THR C 1 -23.68 -17.96 -19.22
CA THR C 1 -22.70 -17.33 -20.10
C THR C 1 -21.28 -17.61 -19.64
N GLN C 2 -20.42 -18.04 -20.57
CA GLN C 2 -19.03 -18.34 -20.23
C GLN C 2 -18.33 -17.09 -19.70
N SER C 3 -17.58 -17.25 -18.61
CA SER C 3 -16.83 -16.15 -18.02
C SER C 3 -15.44 -16.62 -17.64
N LEU C 4 -14.50 -15.67 -17.61
CA LEU C 4 -13.10 -15.96 -17.31
C LEU C 4 -12.81 -15.65 -15.85
N HIS C 5 -11.98 -16.50 -15.24
CA HIS C 5 -11.62 -16.37 -13.83
C HIS C 5 -10.45 -15.44 -13.60
N HIS C 6 -9.73 -15.04 -14.64
CA HIS C 6 -8.56 -14.22 -14.49
C HIS C 6 -8.41 -13.33 -15.72
N SER C 7 -7.39 -12.47 -15.68
CA SER C 7 -7.07 -11.62 -16.82
C SER C 7 -6.09 -12.27 -17.77
N SER C 8 -5.47 -13.39 -17.38
CA SER C 8 -4.33 -13.94 -18.11
C SER C 8 -4.70 -14.34 -19.54
N SER C 9 -5.69 -15.21 -19.70
CA SER C 9 -6.05 -15.72 -21.02
C SER C 9 -6.56 -14.60 -21.92
N ARG C 10 -7.38 -13.70 -21.38
CA ARG C 10 -7.89 -12.59 -22.18
C ARG C 10 -6.79 -11.59 -22.52
N GLU C 11 -5.77 -11.49 -21.67
CA GLU C 11 -4.64 -10.62 -21.99
C GLU C 11 -3.85 -11.15 -23.19
N ALA C 12 -3.62 -12.46 -23.22
CA ALA C 12 -2.90 -13.04 -24.35
C ALA C 12 -3.61 -12.76 -25.66
N LEU C 13 -4.95 -12.83 -25.66
CA LEU C 13 -5.71 -12.54 -26.88
C LEU C 13 -5.60 -11.06 -27.25
N THR C 14 -5.60 -10.17 -26.25
CA THR C 14 -5.45 -8.76 -26.55
C THR C 14 -4.10 -8.46 -27.20
N ASP C 15 -3.05 -9.15 -26.75
CA ASP C 15 -1.74 -9.00 -27.39
C ASP C 15 -1.81 -9.38 -28.86
N ILE C 16 -2.42 -10.53 -29.16
CA ILE C 16 -2.57 -10.97 -30.54
C ILE C 16 -3.41 -9.99 -31.34
N ILE C 17 -4.51 -9.50 -30.74
CA ILE C 17 -5.35 -8.53 -31.43
C ILE C 17 -4.58 -7.25 -31.73
N MET C 18 -3.81 -6.77 -30.76
CA MET C 18 -3.06 -5.53 -31.00
C MET C 18 -1.94 -5.75 -32.00
N ASP C 19 -1.30 -6.93 -31.99
CA ASP C 19 -0.27 -7.21 -32.96
C ASP C 19 -0.85 -7.27 -34.38
N ALA C 20 -1.99 -7.92 -34.54
CA ALA C 20 -2.63 -7.96 -35.86
C ALA C 20 -3.07 -6.57 -36.28
N LYS C 21 -3.59 -5.79 -35.32
CA LYS C 21 -4.04 -4.43 -35.62
C LYS C 21 -2.88 -3.56 -36.10
N ILE C 22 -1.74 -3.62 -35.41
CA ILE C 22 -0.58 -2.83 -35.78
C ILE C 22 -0.03 -3.29 -37.14
N ARG C 23 0.01 -4.60 -37.36
CA ARG C 23 0.56 -5.12 -38.61
C ARG C 23 -0.30 -4.72 -39.79
N LYS C 24 -1.62 -4.81 -39.65
CA LYS C 24 -2.53 -4.45 -40.74
C LYS C 24 -2.81 -2.96 -40.80
N ASN C 25 -2.24 -2.17 -39.88
CA ASN C 25 -2.46 -0.73 -39.82
C ASN C 25 -3.95 -0.39 -39.84
N LEU C 26 -4.69 -1.01 -38.94
CA LEU C 26 -6.13 -0.85 -38.87
C LEU C 26 -6.51 0.03 -37.68
N THR C 27 -7.57 0.80 -37.87
CA THR C 27 -8.16 1.55 -36.77
C THR C 27 -9.18 0.67 -36.05
N PHE C 28 -9.46 1.03 -34.80
CA PHE C 28 -10.60 0.40 -34.12
C PHE C 28 -11.90 0.66 -34.88
N GLU C 29 -12.00 1.81 -35.54
CA GLU C 29 -13.18 2.10 -36.34
C GLU C 29 -13.27 1.16 -37.55
N ALA C 30 -12.12 0.83 -38.15
CA ALA C 30 -12.12 -0.11 -39.26
C ALA C 30 -12.51 -1.51 -38.79
N ILE C 31 -11.96 -1.94 -37.66
CA ILE C 31 -12.31 -3.24 -37.10
C ILE C 31 -13.78 -3.29 -36.73
N ASN C 32 -14.37 -2.15 -36.34
CA ASN C 32 -15.75 -2.09 -35.91
C ASN C 32 -16.75 -2.08 -37.07
N GLU C 33 -16.29 -2.21 -38.32
CA GLU C 33 -17.18 -2.11 -39.47
C GLU C 33 -18.23 -3.20 -39.47
N GLY C 34 -19.50 -2.81 -39.62
CA GLY C 34 -20.57 -3.77 -39.79
C GLY C 34 -20.88 -4.62 -38.58
N THR C 35 -20.52 -4.17 -37.38
CA THR C 35 -20.89 -4.88 -36.17
C THR C 35 -22.25 -4.45 -35.64
N GLY C 36 -22.68 -3.22 -35.93
CA GLY C 36 -23.88 -2.70 -35.32
C GLY C 36 -23.74 -2.31 -33.87
N LEU C 37 -22.52 -2.27 -33.34
CA LEU C 37 -22.29 -1.88 -31.96
C LEU C 37 -21.39 -0.66 -31.91
N SER C 38 -21.45 0.05 -30.78
CA SER C 38 -20.70 1.29 -30.62
C SER C 38 -19.20 1.00 -30.60
N LEU C 39 -18.42 1.99 -31.03
CA LEU C 39 -16.98 1.84 -31.07
C LEU C 39 -16.39 1.68 -29.67
N ALA C 40 -16.94 2.38 -28.69
CA ALA C 40 -16.43 2.31 -27.32
C ALA C 40 -16.62 0.92 -26.72
N PHE C 41 -17.77 0.29 -26.98
CA PHE C 41 -18.01 -1.04 -26.43
C PHE C 41 -17.09 -2.09 -27.06
N VAL C 42 -17.00 -2.08 -28.40
CA VAL C 42 -16.19 -3.09 -29.09
C VAL C 42 -14.71 -2.88 -28.81
N THR C 43 -14.26 -1.62 -28.75
CA THR C 43 -12.87 -1.36 -28.38
C THR C 43 -12.57 -1.90 -26.99
N ALA C 44 -13.48 -1.66 -26.04
CA ALA C 44 -13.27 -2.20 -24.70
C ALA C 44 -13.26 -3.72 -24.71
N ALA C 45 -14.10 -4.33 -25.56
CA ALA C 45 -14.08 -5.79 -25.67
C ALA C 45 -12.76 -6.29 -26.24
N LEU C 46 -12.29 -5.65 -27.31
CA LEU C 46 -10.99 -6.01 -27.88
C LEU C 46 -9.87 -5.84 -26.85
N LEU C 47 -9.99 -4.86 -25.96
CA LEU C 47 -9.01 -4.66 -24.91
C LEU C 47 -9.27 -5.54 -23.69
N GLY C 48 -10.16 -6.51 -23.80
CA GLY C 48 -10.33 -7.49 -22.74
C GLY C 48 -11.24 -7.10 -21.62
N GLN C 49 -12.16 -6.16 -21.86
CA GLN C 49 -13.03 -5.65 -20.81
C GLN C 49 -14.50 -5.97 -21.02
N HIS C 50 -14.87 -6.59 -22.14
CA HIS C 50 -16.24 -6.92 -22.44
C HIS C 50 -16.25 -8.18 -23.30
N PRO C 51 -17.32 -8.97 -23.24
CA PRO C 51 -17.52 -10.01 -24.25
C PRO C 51 -18.23 -9.43 -25.46
N LEU C 52 -18.07 -10.11 -26.61
CA LEU C 52 -18.75 -9.69 -27.82
C LEU C 52 -19.80 -10.72 -28.23
N PRO C 53 -20.94 -10.28 -28.77
CA PRO C 53 -21.86 -11.23 -29.40
C PRO C 53 -21.18 -11.95 -30.55
N GLU C 54 -21.68 -13.15 -30.84
CA GLU C 54 -20.98 -14.02 -31.80
C GLU C 54 -20.81 -13.33 -33.14
N GLN C 55 -21.85 -12.64 -33.62
CA GLN C 55 -21.76 -11.96 -34.91
C GLN C 55 -20.62 -10.95 -34.92
N ALA C 56 -20.61 -10.05 -33.92
CA ALA C 56 -19.53 -9.07 -33.83
C ALA C 56 -18.18 -9.75 -33.64
N ALA C 57 -18.14 -10.82 -32.83
CA ALA C 57 -16.89 -11.53 -32.61
C ALA C 57 -16.35 -12.09 -33.91
N ARG C 58 -17.21 -12.67 -34.75
CA ARG C 58 -16.77 -13.22 -36.03
C ARG C 58 -16.37 -12.11 -37.00
N VAL C 59 -17.04 -10.96 -36.94
CA VAL C 59 -16.70 -9.85 -37.81
C VAL C 59 -15.28 -9.38 -37.54
N VAL C 60 -14.98 -9.02 -36.29
CA VAL C 60 -13.65 -8.52 -35.97
C VAL C 60 -12.59 -9.60 -36.06
N ALA C 61 -12.99 -10.87 -35.90
CA ALA C 61 -12.04 -11.97 -36.11
C ALA C 61 -11.69 -12.10 -37.58
N ALA C 62 -12.64 -11.84 -38.47
CA ALA C 62 -12.36 -11.91 -39.89
C ALA C 62 -11.37 -10.84 -40.32
N LYS C 63 -11.53 -9.62 -39.79
CA LYS C 63 -10.67 -8.52 -40.19
C LYS C 63 -9.29 -8.55 -39.54
N LEU C 64 -9.09 -9.38 -38.51
CA LEU C 64 -7.80 -9.51 -37.86
C LEU C 64 -7.19 -10.90 -38.06
N ASP C 65 -7.82 -11.75 -38.88
CA ASP C 65 -7.30 -13.07 -39.21
C ASP C 65 -7.18 -13.96 -37.97
N LEU C 66 -8.17 -13.89 -37.10
CA LEU C 66 -8.18 -14.69 -35.87
C LEU C 66 -8.89 -16.02 -36.10
N ASP C 67 -8.50 -17.04 -35.33
CA ASP C 67 -9.03 -18.38 -35.53
C ASP C 67 -10.32 -18.55 -34.71
N GLU C 68 -10.85 -19.78 -34.69
CA GLU C 68 -12.08 -20.04 -33.96
C GLU C 68 -11.86 -20.00 -32.45
N ASP C 69 -10.63 -20.26 -31.99
CA ASP C 69 -10.34 -20.14 -30.56
C ASP C 69 -10.46 -18.69 -30.09
N ALA C 70 -10.07 -17.75 -30.95
CA ALA C 70 -10.25 -16.34 -30.62
C ALA C 70 -11.73 -15.95 -30.67
N VAL C 71 -12.47 -16.50 -31.62
CA VAL C 71 -13.91 -16.19 -31.70
C VAL C 71 -14.60 -16.61 -30.41
N ARG C 72 -14.19 -17.76 -29.86
CA ARG C 72 -14.86 -18.27 -28.66
C ARG C 72 -14.46 -17.48 -27.43
N LEU C 73 -13.18 -17.11 -27.31
CA LEU C 73 -12.74 -16.35 -26.14
C LEU C 73 -13.26 -14.92 -26.15
N LEU C 74 -13.44 -14.33 -27.33
CA LEU C 74 -14.04 -13.00 -27.41
C LEU C 74 -15.48 -12.99 -26.91
N GLN C 75 -16.16 -14.14 -26.91
CA GLN C 75 -17.54 -14.22 -26.44
C GLN C 75 -17.65 -14.47 -24.94
N THR C 76 -16.54 -14.66 -24.24
CA THR C 76 -16.58 -14.94 -22.82
C THR C 76 -16.48 -13.65 -22.01
N ILE C 77 -17.19 -13.60 -20.89
CA ILE C 77 -17.14 -12.47 -19.95
C ILE C 77 -15.80 -12.46 -19.26
N PRO C 78 -15.04 -11.36 -19.34
CA PRO C 78 -13.72 -11.32 -18.72
C PRO C 78 -13.80 -10.92 -17.25
N LEU C 79 -12.67 -11.08 -16.56
CA LEU C 79 -12.45 -10.48 -15.25
C LEU C 79 -12.03 -9.03 -15.48
N ARG C 80 -12.89 -8.09 -15.14
CA ARG C 80 -12.76 -6.73 -15.65
C ARG C 80 -11.78 -5.90 -14.81
N GLY C 81 -11.26 -4.85 -15.44
CA GLY C 81 -10.27 -3.98 -14.84
C GLY C 81 -9.16 -3.67 -15.82
N SER C 82 -9.05 -2.41 -16.22
CA SER C 82 -8.09 -1.90 -17.25
C SER C 82 -6.88 -1.23 -16.58
N ILE C 83 -6.98 -0.94 -15.30
CA ILE C 83 -5.88 -0.27 -14.55
C ILE C 83 -5.49 -1.15 -13.37
N PRO C 84 -4.56 -2.10 -13.57
CA PRO C 84 -4.15 -3.01 -12.50
C PRO C 84 -3.58 -2.28 -11.28
N SER C 85 -2.86 -1.18 -11.50
CA SER C 85 -2.22 -0.42 -10.40
C SER C 85 -3.23 0.37 -9.56
N GLY C 86 -4.50 0.38 -9.96
CA GLY C 86 -5.49 1.22 -9.26
C GLY C 86 -5.37 2.65 -9.72
N VAL C 87 -4.17 3.22 -9.62
CA VAL C 87 -3.91 4.58 -10.14
C VAL C 87 -2.96 4.42 -11.33
N PRO C 88 -3.30 4.97 -12.50
CA PRO C 88 -2.46 4.76 -13.67
C PRO C 88 -1.21 5.64 -13.60
N THR C 89 -0.15 5.21 -14.29
CA THR C 89 0.97 6.11 -14.55
C THR C 89 0.87 6.78 -15.91
N ASP C 90 0.17 6.18 -16.87
CA ASP C 90 0.08 6.74 -18.20
C ASP C 90 -0.61 8.09 -18.17
N PRO C 91 0.01 9.16 -18.70
CA PRO C 91 -0.60 10.49 -18.61
C PRO C 91 -1.99 10.55 -19.21
N THR C 92 -2.22 9.93 -20.38
CA THR C 92 -3.55 9.96 -20.99
C THR C 92 -4.59 9.37 -20.05
N ILE C 93 -4.31 8.20 -19.49
CA ILE C 93 -5.29 7.59 -18.59
C ILE C 93 -5.38 8.39 -17.30
N TYR C 94 -4.25 8.91 -16.82
CA TYR C 94 -4.25 9.58 -15.53
C TYR C 94 -5.17 10.80 -15.53
N ARG C 95 -5.26 11.52 -16.65
CA ARG C 95 -6.09 12.72 -16.70
C ARG C 95 -7.55 12.40 -16.37
N PHE C 96 -8.04 11.26 -16.86
CA PHE C 96 -9.41 10.86 -16.53
C PHE C 96 -9.52 10.47 -15.06
N TYR C 97 -8.49 9.82 -14.51
CA TYR C 97 -8.50 9.52 -13.08
C TYR C 97 -8.49 10.80 -12.26
N GLU C 98 -7.76 11.82 -12.72
CA GLU C 98 -7.67 13.09 -12.00
C GLU C 98 -9.00 13.82 -12.00
N MET C 99 -9.80 13.70 -13.06
CA MET C 99 -11.11 14.34 -13.06
C MET C 99 -11.98 13.77 -11.94
N VAL C 100 -11.92 12.45 -11.71
CA VAL C 100 -12.64 11.86 -10.59
C VAL C 100 -12.01 12.28 -9.27
N GLN C 101 -10.68 12.35 -9.21
CA GLN C 101 -10.03 12.77 -7.97
C GLN C 101 -10.46 14.18 -7.58
N ILE C 102 -10.47 15.11 -8.53
CA ILE C 102 -10.82 16.50 -8.24
C ILE C 102 -12.32 16.65 -7.97
N TYR C 103 -13.17 16.10 -8.85
CA TYR C 103 -14.60 16.38 -8.82
C TYR C 103 -15.43 15.27 -8.18
N GLY C 104 -14.78 14.27 -7.58
CA GLY C 104 -15.54 13.15 -7.02
C GLY C 104 -16.54 13.58 -5.96
N SER C 105 -16.09 14.40 -5.01
CA SER C 105 -17.03 14.85 -3.99
C SER C 105 -18.12 15.74 -4.58
N THR C 106 -17.80 16.51 -5.61
CA THR C 106 -18.81 17.35 -6.26
C THR C 106 -19.84 16.51 -6.99
N LEU C 107 -19.41 15.42 -7.62
CA LEU C 107 -20.35 14.57 -8.33
C LEU C 107 -21.28 13.87 -7.35
N LYS C 108 -20.74 13.45 -6.21
CA LYS C 108 -21.62 12.87 -5.18
C LYS C 108 -22.62 13.89 -4.69
N ALA C 109 -22.16 15.11 -4.41
CA ALA C 109 -23.06 16.12 -3.86
C ALA C 109 -24.17 16.45 -4.84
N LEU C 110 -23.83 16.60 -6.12
CA LEU C 110 -24.83 17.00 -7.11
C LEU C 110 -25.74 15.85 -7.49
N VAL C 111 -25.24 14.62 -7.50
CA VAL C 111 -26.12 13.47 -7.69
C VAL C 111 -27.16 13.42 -6.58
N HIS C 112 -26.74 13.65 -5.33
CA HIS C 112 -27.69 13.61 -4.22
C HIS C 112 -28.65 14.79 -4.27
N GLU C 113 -28.17 15.96 -4.71
CA GLU C 113 -29.05 17.12 -4.80
C GLU C 113 -30.06 16.98 -5.92
N GLN C 114 -29.62 16.51 -7.10
CA GLN C 114 -30.48 16.51 -8.27
C GLN C 114 -31.26 15.21 -8.45
N PHE C 115 -30.82 14.10 -7.85
CA PHE C 115 -31.49 12.82 -8.00
C PHE C 115 -32.00 12.26 -6.68
N GLY C 116 -31.15 12.23 -5.65
CA GLY C 116 -31.47 11.72 -4.35
C GLY C 116 -30.36 10.81 -3.84
N ASP C 117 -30.65 10.10 -2.75
CA ASP C 117 -29.70 9.13 -2.23
C ASP C 117 -29.60 7.95 -3.19
N GLY C 118 -28.38 7.43 -3.32
CA GLY C 118 -28.13 6.36 -4.27
C GLY C 118 -26.89 6.59 -5.10
N ILE C 119 -26.88 6.03 -6.32
CA ILE C 119 -25.72 6.08 -7.20
C ILE C 119 -26.18 6.35 -8.62
N ILE C 120 -25.22 6.78 -9.44
CA ILE C 120 -25.33 6.72 -10.89
C ILE C 120 -24.62 5.45 -11.34
N SER C 121 -25.35 4.57 -12.02
CA SER C 121 -24.87 3.22 -12.27
C SER C 121 -23.66 3.23 -13.20
N ALA C 122 -22.68 2.39 -12.89
CA ALA C 122 -21.60 2.11 -13.83
C ALA C 122 -21.87 0.88 -14.67
N ILE C 123 -23.01 0.22 -14.51
CA ILE C 123 -23.36 -0.98 -15.27
C ILE C 123 -24.47 -0.69 -16.27
N ASN C 124 -25.62 -0.23 -15.80
CA ASN C 124 -26.63 0.37 -16.68
C ASN C 124 -26.08 1.73 -17.12
N PHE C 125 -25.15 1.67 -18.07
CA PHE C 125 -24.24 2.77 -18.33
C PHE C 125 -23.69 2.63 -19.74
N LYS C 126 -23.57 3.76 -20.44
CA LYS C 126 -22.92 3.80 -21.74
C LYS C 126 -21.97 4.98 -21.79
N LEU C 127 -20.84 4.80 -22.46
CA LEU C 127 -19.85 5.86 -22.63
C LEU C 127 -19.73 6.20 -24.11
N ASP C 128 -19.46 7.47 -24.37
CA ASP C 128 -19.20 7.93 -25.72
C ASP C 128 -18.13 9.00 -25.68
N ILE C 129 -17.27 9.03 -26.69
CA ILE C 129 -16.27 10.07 -26.88
C ILE C 129 -16.44 10.65 -28.27
N LYS C 130 -16.51 11.97 -28.35
CA LYS C 130 -16.63 12.67 -29.63
C LYS C 130 -15.55 13.75 -29.70
N LYS C 131 -14.97 13.91 -30.89
CA LYS C 131 -14.08 15.03 -31.15
C LYS C 131 -14.92 16.25 -31.53
N VAL C 132 -14.66 17.34 -30.84
CA VAL C 132 -15.40 18.61 -31.07
C VAL C 132 -14.35 19.69 -31.30
N PRO C 133 -14.39 20.39 -32.44
CA PRO C 133 -13.46 21.47 -32.69
C PRO C 133 -13.53 22.46 -31.54
N ASP C 134 -12.37 22.87 -31.03
CA ASP C 134 -12.31 23.87 -29.94
C ASP C 134 -12.29 25.23 -30.60
N PRO C 135 -13.06 26.23 -30.08
CA PRO C 135 -13.15 27.59 -30.62
C PRO C 135 -11.82 28.37 -30.67
N ASP C 136 -10.92 28.19 -29.69
CA ASP C 136 -9.69 29.02 -29.58
C ASP C 136 -8.56 28.41 -30.40
N GLY C 137 -8.88 27.46 -31.25
CA GLY C 137 -7.87 26.76 -32.04
C GLY C 137 -7.59 25.42 -31.41
N GLY C 138 -7.53 24.37 -32.21
CA GLY C 138 -7.29 23.05 -31.64
C GLY C 138 -8.57 22.27 -31.52
N GLU C 139 -8.51 21.15 -30.80
CA GLU C 139 -9.69 20.27 -30.70
C GLU C 139 -10.00 20.00 -29.23
N ARG C 140 -11.24 19.63 -28.96
CA ARG C 140 -11.63 19.27 -27.58
C ARG C 140 -12.23 17.87 -27.67
N ALA C 141 -12.14 17.13 -26.58
CA ALA C 141 -12.82 15.86 -26.44
C ALA C 141 -13.99 16.05 -25.48
N VAL C 142 -15.19 15.72 -25.93
CA VAL C 142 -16.37 15.72 -25.09
C VAL C 142 -16.72 14.25 -24.84
N ILE C 143 -16.49 13.81 -23.61
CA ILE C 143 -16.75 12.44 -23.18
C ILE C 143 -17.99 12.46 -22.30
N THR C 144 -19.00 11.68 -22.67
CA THR C 144 -20.26 11.64 -21.95
C THR C 144 -20.36 10.33 -21.18
N LEU C 145 -20.64 10.44 -19.89
CA LEU C 145 -20.95 9.29 -19.05
C LEU C 145 -22.46 9.27 -18.84
N ASP C 146 -23.12 8.22 -19.33
CA ASP C 146 -24.58 8.13 -19.30
C ASP C 146 -24.97 6.93 -18.45
N GLY C 147 -25.25 7.17 -17.17
CA GLY C 147 -25.60 6.11 -16.25
C GLY C 147 -26.99 6.30 -15.68
N LYS C 148 -27.64 5.19 -15.36
CA LYS C 148 -28.96 5.24 -14.76
C LYS C 148 -28.86 5.57 -13.27
N TYR C 149 -29.80 6.38 -12.78
CA TYR C 149 -29.87 6.69 -11.36
C TYR C 149 -30.56 5.53 -10.63
N LEU C 150 -29.85 4.92 -9.68
CA LEU C 150 -30.38 3.84 -8.86
C LEU C 150 -30.53 4.36 -7.43
N PRO C 151 -31.74 4.54 -6.92
CA PRO C 151 -31.90 5.19 -5.61
C PRO C 151 -31.52 4.25 -4.47
N THR C 152 -30.94 4.85 -3.42
CA THR C 152 -30.75 4.16 -2.15
C THR C 152 -31.89 4.55 -1.23
N LYS C 153 -32.41 3.58 -0.49
CA LYS C 153 -33.72 3.84 -0.03
C LYS C 153 -34.10 2.97 1.17
N PRO C 154 -34.74 3.54 2.20
CA PRO C 154 -34.98 2.78 3.44
C PRO C 154 -35.78 1.52 3.19
N PHE C 155 -35.48 0.49 3.96
CA PHE C 155 -36.20 -0.78 3.89
C PHE C 155 -36.40 -1.39 5.29
N THR D 1 28.34 -20.63 4.64
CA THR D 1 27.29 -21.48 4.11
C THR D 1 26.64 -20.84 2.89
N GLN D 2 26.33 -21.65 1.88
CA GLN D 2 25.69 -21.12 0.67
C GLN D 2 24.32 -20.52 1.01
N SER D 3 24.06 -19.36 0.45
CA SER D 3 22.79 -18.66 0.64
C SER D 3 22.17 -18.35 -0.71
N LEU D 4 20.88 -18.03 -0.69
CA LEU D 4 20.13 -17.71 -1.90
C LEU D 4 19.68 -16.26 -1.86
N HIS D 5 19.63 -15.65 -3.04
CA HIS D 5 19.28 -14.23 -3.17
C HIS D 5 17.81 -14.02 -3.55
N HIS D 6 17.12 -15.05 -4.01
CA HIS D 6 15.76 -14.92 -4.49
C HIS D 6 14.95 -16.13 -4.02
N SER D 7 13.63 -15.95 -4.03
CA SER D 7 12.73 -17.03 -3.63
C SER D 7 12.57 -18.09 -4.71
N SER D 8 12.80 -17.74 -5.97
CA SER D 8 12.31 -18.56 -7.09
C SER D 8 13.02 -19.89 -7.19
N SER D 9 14.35 -19.91 -7.06
CA SER D 9 15.09 -21.16 -7.27
C SER D 9 14.65 -22.23 -6.28
N ARG D 10 14.51 -21.87 -5.00
CA ARG D 10 13.96 -22.80 -4.03
C ARG D 10 12.46 -23.02 -4.26
N GLU D 11 11.76 -22.02 -4.79
CA GLU D 11 10.36 -22.21 -5.12
C GLU D 11 10.20 -23.35 -6.12
N ALA D 12 11.06 -23.38 -7.14
CA ALA D 12 11.02 -24.48 -8.10
C ALA D 12 11.27 -25.82 -7.41
N LEU D 13 12.27 -25.88 -6.51
CA LEU D 13 12.52 -27.12 -5.77
C LEU D 13 11.34 -27.48 -4.89
N THR D 14 10.69 -26.49 -4.28
CA THR D 14 9.53 -26.80 -3.45
C THR D 14 8.39 -27.38 -4.28
N ASP D 15 8.18 -26.85 -5.49
CA ASP D 15 7.16 -27.42 -6.38
C ASP D 15 7.50 -28.87 -6.72
N ILE D 16 8.76 -29.14 -7.06
CA ILE D 16 9.21 -30.51 -7.30
C ILE D 16 8.94 -31.38 -6.07
N ILE D 17 9.28 -30.86 -4.89
CA ILE D 17 9.09 -31.62 -3.64
C ILE D 17 7.62 -31.95 -3.44
N MET D 18 6.76 -30.94 -3.60
CA MET D 18 5.33 -31.17 -3.39
C MET D 18 4.75 -32.10 -4.45
N ASP D 19 5.19 -31.95 -5.70
CA ASP D 19 4.72 -32.85 -6.75
C ASP D 19 5.10 -34.29 -6.46
N ALA D 20 6.35 -34.52 -6.03
CA ALA D 20 6.75 -35.88 -5.69
C ALA D 20 5.99 -36.39 -4.47
N LYS D 21 5.77 -35.52 -3.48
CA LYS D 21 5.02 -35.93 -2.29
C LYS D 21 3.60 -36.34 -2.64
N ILE D 22 2.93 -35.59 -3.51
CA ILE D 22 1.55 -35.91 -3.87
C ILE D 22 1.50 -37.20 -4.69
N ARG D 23 2.40 -37.35 -5.67
CA ARG D 23 2.38 -38.53 -6.52
C ARG D 23 2.60 -39.80 -5.70
N LYS D 24 3.45 -39.72 -4.67
CA LYS D 24 3.76 -40.88 -3.85
C LYS D 24 2.83 -41.01 -2.65
N ASN D 25 1.91 -40.07 -2.47
CA ASN D 25 0.97 -40.07 -1.34
C ASN D 25 1.72 -40.18 -0.01
N LEU D 26 2.71 -39.32 0.17
CA LEU D 26 3.52 -39.32 1.37
C LEU D 26 3.11 -38.20 2.32
N THR D 27 3.25 -38.45 3.61
CA THR D 27 3.11 -37.42 4.61
C THR D 27 4.47 -36.80 4.91
N PHE D 28 4.44 -35.57 5.44
CA PHE D 28 5.68 -34.95 5.91
C PHE D 28 6.33 -35.80 7.00
N GLU D 29 5.53 -36.50 7.80
CA GLU D 29 6.09 -37.35 8.85
C GLU D 29 6.86 -38.52 8.24
N ALA D 30 6.33 -39.12 7.17
CA ALA D 30 7.04 -40.21 6.50
C ALA D 30 8.33 -39.72 5.86
N ILE D 31 8.27 -38.56 5.19
CA ILE D 31 9.48 -37.97 4.60
C ILE D 31 10.52 -37.67 5.66
N ASN D 32 10.11 -37.35 6.89
CA ASN D 32 11.03 -36.97 7.95
C ASN D 32 11.60 -38.17 8.73
N GLU D 33 11.26 -39.39 8.33
CA GLU D 33 11.54 -40.55 9.17
C GLU D 33 13.01 -40.63 9.57
N GLY D 34 13.93 -40.40 8.63
CA GLY D 34 15.33 -40.64 8.94
C GLY D 34 16.23 -39.42 8.94
N THR D 35 15.67 -38.23 9.14
CA THR D 35 16.46 -37.01 9.09
C THR D 35 17.20 -36.74 10.39
N GLY D 36 16.69 -37.27 11.50
CA GLY D 36 17.21 -36.93 12.81
C GLY D 36 16.75 -35.58 13.34
N LEU D 37 15.77 -34.95 12.72
CA LEU D 37 15.39 -33.59 13.05
C LEU D 37 13.89 -33.50 13.28
N SER D 38 13.46 -32.37 13.84
CA SER D 38 12.06 -32.12 14.14
C SER D 38 11.23 -32.03 12.88
N LEU D 39 9.97 -32.47 12.99
CA LEU D 39 9.04 -32.36 11.87
C LEU D 39 8.82 -30.90 11.47
N ALA D 40 8.70 -29.99 12.44
CA ALA D 40 8.41 -28.60 12.10
C ALA D 40 9.57 -27.95 11.35
N PHE D 41 10.81 -28.22 11.77
CA PHE D 41 11.96 -27.65 11.08
C PHE D 41 12.09 -28.21 9.67
N VAL D 42 12.00 -29.53 9.52
CA VAL D 42 12.21 -30.15 8.22
C VAL D 42 11.08 -29.79 7.25
N THR D 43 9.84 -29.74 7.72
CA THR D 43 8.74 -29.32 6.86
C THR D 43 8.97 -27.91 6.35
N ALA D 44 9.42 -27.00 7.23
CA ALA D 44 9.72 -25.64 6.80
C ALA D 44 10.84 -25.64 5.78
N ALA D 45 11.84 -26.50 5.94
CA ALA D 45 12.92 -26.61 4.95
C ALA D 45 12.36 -27.04 3.61
N LEU D 46 11.55 -28.10 3.60
CA LEU D 46 10.96 -28.58 2.35
C LEU D 46 10.13 -27.48 1.69
N LEU D 47 9.44 -26.67 2.49
CA LEU D 47 8.69 -25.54 1.96
C LEU D 47 9.57 -24.30 1.71
N GLY D 48 10.89 -24.44 1.78
CA GLY D 48 11.80 -23.42 1.31
C GLY D 48 12.16 -22.34 2.30
N GLN D 49 12.06 -22.61 3.60
CA GLN D 49 12.31 -21.62 4.65
C GLN D 49 13.53 -21.94 5.51
N HIS D 50 14.21 -23.06 5.27
CA HIS D 50 15.36 -23.45 6.06
C HIS D 50 16.29 -24.28 5.19
N PRO D 51 17.58 -24.28 5.47
CA PRO D 51 18.48 -25.29 4.90
C PRO D 51 18.43 -26.58 5.72
N LEU D 52 18.81 -27.67 5.06
CA LEU D 52 19.00 -28.92 5.77
C LEU D 52 20.48 -29.27 5.83
N PRO D 53 20.95 -29.85 6.92
CA PRO D 53 22.30 -30.42 6.92
C PRO D 53 22.38 -31.56 5.91
N GLU D 54 23.61 -31.89 5.50
CA GLU D 54 23.80 -32.80 4.36
C GLU D 54 23.07 -34.12 4.54
N GLN D 55 23.28 -34.78 5.68
CA GLN D 55 22.70 -36.12 5.84
C GLN D 55 21.18 -36.05 5.92
N ALA D 56 20.62 -35.00 6.54
CA ALA D 56 19.18 -34.85 6.56
C ALA D 56 18.62 -34.56 5.16
N ALA D 57 19.35 -33.79 4.36
CA ALA D 57 18.92 -33.53 2.99
C ALA D 57 18.95 -34.79 2.14
N ARG D 58 19.91 -35.68 2.37
CA ARG D 58 19.94 -36.93 1.62
C ARG D 58 18.79 -37.86 2.03
N VAL D 59 18.33 -37.80 3.28
CA VAL D 59 17.21 -38.65 3.67
C VAL D 59 15.94 -38.23 2.94
N VAL D 60 15.62 -36.93 2.95
CA VAL D 60 14.40 -36.49 2.29
C VAL D 60 14.50 -36.71 0.78
N ALA D 61 15.71 -36.63 0.22
CA ALA D 61 15.86 -36.86 -1.21
C ALA D 61 15.64 -38.31 -1.56
N ALA D 62 16.01 -39.23 -0.68
CA ALA D 62 15.77 -40.65 -0.95
C ALA D 62 14.28 -40.98 -0.91
N LYS D 63 13.56 -40.41 0.07
CA LYS D 63 12.12 -40.63 0.15
C LYS D 63 11.41 -40.09 -1.09
N LEU D 64 11.89 -38.98 -1.65
CA LEU D 64 11.22 -38.31 -2.74
C LEU D 64 11.90 -38.52 -4.09
N ASP D 65 12.95 -39.34 -4.15
CA ASP D 65 13.68 -39.59 -5.40
C ASP D 65 14.18 -38.29 -6.02
N LEU D 66 14.77 -37.44 -5.19
CA LEU D 66 15.41 -36.22 -5.69
C LEU D 66 16.85 -36.51 -6.06
N ASP D 67 17.40 -35.70 -6.96
CA ASP D 67 18.75 -35.90 -7.45
C ASP D 67 19.77 -35.11 -6.62
N GLU D 68 21.03 -35.19 -7.02
CA GLU D 68 22.12 -34.56 -6.28
C GLU D 68 22.01 -33.05 -6.31
N ASP D 69 21.49 -32.48 -7.39
CA ASP D 69 21.27 -31.04 -7.45
C ASP D 69 20.27 -30.59 -6.39
N ALA D 70 19.21 -31.39 -6.20
CA ALA D 70 18.26 -31.10 -5.14
C ALA D 70 18.92 -31.19 -3.77
N VAL D 71 19.78 -32.21 -3.56
CA VAL D 71 20.48 -32.36 -2.29
C VAL D 71 21.30 -31.10 -1.99
N ARG D 72 22.02 -30.61 -2.99
CA ARG D 72 22.86 -29.42 -2.81
C ARG D 72 22.01 -28.20 -2.48
N LEU D 73 20.95 -27.96 -3.27
CA LEU D 73 20.12 -26.79 -3.05
C LEU D 73 19.41 -26.84 -1.71
N LEU D 74 19.07 -28.04 -1.23
CA LEU D 74 18.45 -28.15 0.09
C LEU D 74 19.37 -27.71 1.22
N GLN D 75 20.67 -27.72 1.00
CA GLN D 75 21.64 -27.29 2.00
C GLN D 75 21.93 -25.80 1.94
N THR D 76 21.31 -25.05 1.03
CA THR D 76 21.54 -23.62 0.93
C THR D 76 20.52 -22.85 1.76
N ILE D 77 20.99 -21.82 2.45
CA ILE D 77 20.10 -20.92 3.20
C ILE D 77 19.20 -20.18 2.21
N PRO D 78 17.89 -20.17 2.39
CA PRO D 78 17.02 -19.44 1.48
C PRO D 78 16.85 -17.99 1.90
N LEU D 79 16.23 -17.23 1.01
CA LEU D 79 15.63 -15.94 1.34
C LEU D 79 14.28 -16.21 1.99
N ARG D 80 14.16 -15.94 3.28
CA ARG D 80 13.05 -16.51 4.03
C ARG D 80 11.80 -15.64 3.94
N GLY D 81 10.66 -16.28 4.15
CA GLY D 81 9.38 -15.62 4.13
C GLY D 81 8.35 -16.46 3.42
N SER D 82 7.30 -16.88 4.13
CA SER D 82 6.26 -17.82 3.67
C SER D 82 4.99 -17.07 3.26
N ILE D 83 4.91 -15.80 3.59
CA ILE D 83 3.72 -14.96 3.30
C ILE D 83 4.21 -13.71 2.58
N PRO D 84 4.44 -13.81 1.26
CA PRO D 84 4.94 -12.68 0.47
C PRO D 84 4.00 -11.48 0.53
N SER D 85 2.70 -11.70 0.66
CA SER D 85 1.69 -10.61 0.71
C SER D 85 1.75 -9.85 2.04
N GLY D 86 2.57 -10.29 3.00
CA GLY D 86 2.61 -9.69 4.35
C GLY D 86 1.45 -10.21 5.18
N VAL D 87 0.23 -10.05 4.69
CA VAL D 87 -0.96 -10.63 5.37
C VAL D 87 -1.51 -11.74 4.46
N PRO D 88 -1.74 -12.96 4.97
CA PRO D 88 -2.20 -14.05 4.13
C PRO D 88 -3.69 -13.89 3.79
N THR D 89 -4.11 -14.50 2.68
CA THR D 89 -5.53 -14.69 2.40
C THR D 89 -6.02 -16.07 2.82
N ASP D 90 -5.12 -17.05 2.86
CA ASP D 90 -5.50 -18.41 3.21
C ASP D 90 -6.05 -18.45 4.63
N PRO D 91 -7.23 -19.02 4.85
CA PRO D 91 -7.84 -18.98 6.20
C PRO D 91 -7.03 -19.70 7.27
N THR D 92 -6.43 -20.85 6.93
CA THR D 92 -5.62 -21.57 7.91
C THR D 92 -4.45 -20.71 8.39
N ILE D 93 -3.71 -20.11 7.44
CA ILE D 93 -2.60 -19.25 7.83
C ILE D 93 -3.12 -17.97 8.48
N TYR D 94 -4.26 -17.45 8.02
CA TYR D 94 -4.74 -16.17 8.55
C TYR D 94 -5.06 -16.27 10.04
N ARG D 95 -5.52 -17.42 10.52
CA ARG D 95 -5.88 -17.52 11.93
C ARG D 95 -4.67 -17.30 12.84
N PHE D 96 -3.50 -17.78 12.42
CA PHE D 96 -2.28 -17.53 13.19
C PHE D 96 -1.87 -16.06 13.10
N TYR D 97 -2.03 -15.46 11.91
CA TYR D 97 -1.82 -14.02 11.81
C TYR D 97 -2.78 -13.28 12.73
N GLU D 98 -4.02 -13.77 12.86
CA GLU D 98 -5.01 -13.06 13.66
C GLU D 98 -4.71 -13.17 15.15
N MET D 99 -4.13 -14.28 15.61
CA MET D 99 -3.74 -14.35 17.01
C MET D 99 -2.73 -13.26 17.33
N VAL D 100 -1.81 -12.97 16.42
CA VAL D 100 -0.83 -11.91 16.66
C VAL D 100 -1.48 -10.54 16.52
N GLN D 101 -2.39 -10.40 15.55
CA GLN D 101 -3.11 -9.14 15.40
C GLN D 101 -3.89 -8.80 16.65
N ILE D 102 -4.55 -9.79 17.25
CA ILE D 102 -5.36 -9.55 18.45
C ILE D 102 -4.47 -9.38 19.68
N TYR D 103 -3.55 -10.32 19.91
CA TYR D 103 -2.82 -10.39 21.17
C TYR D 103 -1.41 -9.79 21.08
N GLY D 104 -1.07 -9.13 19.97
CA GLY D 104 0.27 -8.59 19.83
C GLY D 104 0.65 -7.59 20.90
N SER D 105 -0.26 -6.66 21.21
CA SER D 105 0.05 -5.68 22.25
C SER D 105 0.10 -6.31 23.64
N THR D 106 -0.73 -7.34 23.88
CA THR D 106 -0.70 -8.08 25.14
C THR D 106 0.63 -8.83 25.30
N LEU D 107 1.07 -9.53 24.26
CA LEU D 107 2.35 -10.22 24.34
C LEU D 107 3.48 -9.26 24.64
N LYS D 108 3.52 -8.11 23.95
CA LYS D 108 4.54 -7.12 24.26
C LYS D 108 4.45 -6.69 25.73
N ALA D 109 3.25 -6.35 26.19
CA ALA D 109 3.08 -5.87 27.56
C ALA D 109 3.53 -6.93 28.57
N LEU D 110 3.16 -8.18 28.36
CA LEU D 110 3.50 -9.20 29.34
C LEU D 110 4.97 -9.62 29.22
N VAL D 111 5.55 -9.53 28.02
CA VAL D 111 6.98 -9.79 27.91
C VAL D 111 7.76 -8.75 28.71
N HIS D 112 7.36 -7.48 28.60
CA HIS D 112 8.05 -6.43 29.34
C HIS D 112 7.79 -6.54 30.84
N GLU D 113 6.60 -7.01 31.23
CA GLU D 113 6.30 -7.19 32.64
C GLU D 113 7.10 -8.33 33.25
N GLN D 114 7.17 -9.47 32.55
CA GLN D 114 7.75 -10.68 33.13
C GLN D 114 9.24 -10.81 32.89
N PHE D 115 9.77 -10.22 31.82
CA PHE D 115 11.18 -10.35 31.48
C PHE D 115 11.92 -9.03 31.59
N GLY D 116 11.36 -7.97 31.02
CA GLY D 116 11.96 -6.67 30.96
C GLY D 116 11.94 -6.16 29.55
N ASP D 117 12.64 -5.05 29.34
CA ASP D 117 12.73 -4.49 28.00
C ASP D 117 13.48 -5.44 27.08
N GLY D 118 13.10 -5.43 25.81
CA GLY D 118 13.74 -6.28 24.84
C GLY D 118 12.73 -7.12 24.07
N ILE D 119 13.15 -8.31 23.64
CA ILE D 119 12.34 -9.12 22.73
C ILE D 119 12.35 -10.58 23.19
N ILE D 120 11.35 -11.31 22.70
CA ILE D 120 11.40 -12.76 22.61
C ILE D 120 11.89 -13.10 21.21
N SER D 121 13.03 -13.78 21.12
CA SER D 121 13.67 -14.04 19.83
C SER D 121 12.83 -14.94 18.95
N ALA D 122 12.86 -14.66 17.65
CA ALA D 122 12.36 -15.55 16.62
C ALA D 122 13.46 -16.35 15.92
N ILE D 123 14.71 -16.22 16.37
CA ILE D 123 15.83 -16.99 15.79
C ILE D 123 16.32 -18.06 16.77
N ASN D 124 16.67 -17.66 17.99
CA ASN D 124 16.88 -18.63 19.08
C ASN D 124 15.49 -19.05 19.52
N PHE D 125 14.91 -19.95 18.74
CA PHE D 125 13.46 -20.14 18.76
C PHE D 125 13.13 -21.51 18.17
N LYS D 126 12.22 -22.22 18.83
CA LYS D 126 11.69 -23.47 18.33
C LYS D 126 10.17 -23.42 18.35
N LEU D 127 9.55 -24.16 17.46
CA LEU D 127 8.11 -24.25 17.33
C LEU D 127 7.68 -25.70 17.42
N ASP D 128 6.46 -25.93 17.91
CA ASP D 128 5.94 -27.28 18.01
C ASP D 128 4.42 -27.22 17.89
N ILE D 129 3.82 -28.23 17.26
CA ILE D 129 2.38 -28.36 17.20
C ILE D 129 2.00 -29.76 17.68
N LYS D 130 0.96 -29.83 18.51
CA LYS D 130 0.49 -31.08 19.07
C LYS D 130 -1.02 -31.14 18.94
N LYS D 131 -1.54 -32.34 18.69
CA LYS D 131 -2.99 -32.56 18.61
C LYS D 131 -3.45 -33.14 19.94
N VAL D 132 -4.43 -32.49 20.56
CA VAL D 132 -4.98 -32.96 21.83
C VAL D 132 -6.49 -33.03 21.71
N PRO D 133 -7.17 -33.87 22.49
CA PRO D 133 -8.64 -33.91 22.43
C PRO D 133 -9.24 -32.70 23.10
N ASP D 134 -10.37 -32.23 22.55
CA ASP D 134 -11.18 -31.22 23.21
C ASP D 134 -12.12 -31.89 24.22
N PRO D 135 -12.17 -31.43 25.47
CA PRO D 135 -13.06 -32.05 26.46
C PRO D 135 -14.52 -32.09 26.05
N ASP D 136 -14.97 -31.12 25.24
CA ASP D 136 -16.34 -31.06 24.78
C ASP D 136 -16.51 -31.69 23.40
N GLY D 137 -15.67 -32.68 23.07
CA GLY D 137 -15.75 -33.32 21.76
C GLY D 137 -14.95 -32.59 20.70
N GLY D 138 -14.31 -33.33 19.81
CA GLY D 138 -13.48 -32.74 18.79
C GLY D 138 -12.01 -32.77 19.15
N GLU D 139 -11.23 -32.00 18.38
CA GLU D 139 -9.79 -31.93 18.59
C GLU D 139 -9.35 -30.48 18.67
N ARG D 140 -8.21 -30.28 19.32
CA ARG D 140 -7.57 -28.97 19.44
C ARG D 140 -6.11 -29.09 19.05
N ALA D 141 -5.56 -28.01 18.52
CA ALA D 141 -4.13 -27.89 18.28
C ALA D 141 -3.52 -27.05 19.38
N VAL D 142 -2.39 -27.51 19.92
CA VAL D 142 -1.63 -26.77 20.90
C VAL D 142 -0.30 -26.43 20.23
N ILE D 143 -0.14 -25.18 19.81
CA ILE D 143 1.08 -24.72 19.15
C ILE D 143 1.92 -24.02 20.20
N THR D 144 3.14 -24.52 20.41
CA THR D 144 4.06 -23.94 21.39
C THR D 144 5.12 -23.13 20.67
N LEU D 145 5.29 -21.88 21.11
CA LEU D 145 6.36 -21.00 20.64
C LEU D 145 7.35 -20.84 21.78
N ASP D 146 8.63 -21.14 21.53
CA ASP D 146 9.64 -21.22 22.59
C ASP D 146 10.83 -20.37 22.17
N GLY D 147 10.88 -19.12 22.63
CA GLY D 147 11.90 -18.18 22.20
C GLY D 147 12.73 -17.64 23.35
N LYS D 148 14.00 -17.40 23.07
CA LYS D 148 14.92 -16.86 24.08
C LYS D 148 14.64 -15.37 24.30
N TYR D 149 14.71 -14.96 25.57
CA TYR D 149 14.59 -13.54 25.89
C TYR D 149 15.91 -12.82 25.65
N LEU D 150 15.87 -11.76 24.85
CA LEU D 150 17.05 -10.91 24.63
C LEU D 150 16.78 -9.54 25.23
N PRO D 151 17.49 -9.11 26.28
CA PRO D 151 17.19 -7.84 26.90
C PRO D 151 17.67 -6.65 26.09
N THR D 152 16.96 -5.54 26.24
CA THR D 152 17.42 -4.23 25.80
C THR D 152 17.97 -3.53 27.03
N LYS D 153 19.28 -3.38 27.08
CA LYS D 153 19.92 -2.73 28.20
C LYS D 153 20.54 -1.41 27.75
N PRO D 154 20.43 -0.36 28.56
CA PRO D 154 21.08 0.90 28.21
C PRO D 154 22.57 0.68 27.98
N PHE D 155 23.14 1.48 27.09
CA PHE D 155 24.57 1.41 26.84
C PHE D 155 25.15 2.81 26.67
N THR E 1 -24.83 -8.23 23.68
CA THR E 1 -23.94 -7.40 24.47
C THR E 1 -23.63 -6.10 23.73
N GLN E 2 -23.44 -5.02 24.49
CA GLN E 2 -23.03 -3.75 23.90
C GLN E 2 -21.70 -3.91 23.17
N SER E 3 -21.65 -3.42 21.94
CA SER E 3 -20.46 -3.49 21.11
C SER E 3 -20.05 -2.08 20.70
N LEU E 4 -18.79 -1.94 20.33
CA LEU E 4 -18.23 -0.66 19.91
C LEU E 4 -17.99 -0.66 18.42
N HIS E 5 -18.33 0.45 17.77
CA HIS E 5 -18.22 0.58 16.32
C HIS E 5 -16.84 1.05 15.87
N HIS E 6 -16.07 1.72 16.73
CA HIS E 6 -14.73 2.16 16.37
C HIS E 6 -13.85 2.20 17.61
N SER E 7 -12.55 2.36 17.37
CA SER E 7 -11.57 2.18 18.43
C SER E 7 -11.55 3.34 19.42
N SER E 8 -12.11 4.49 19.06
CA SER E 8 -11.69 5.76 19.67
C SER E 8 -12.08 5.85 21.15
N SER E 9 -13.35 5.59 21.49
CA SER E 9 -13.74 5.69 22.89
C SER E 9 -13.05 4.62 23.72
N ARG E 10 -12.85 3.42 23.15
CA ARG E 10 -12.03 2.42 23.83
C ARG E 10 -10.55 2.76 23.74
N GLU E 11 -10.15 3.50 22.70
CA GLU E 11 -8.77 3.99 22.64
C GLU E 11 -8.49 4.95 23.78
N ALA E 12 -9.37 5.94 23.97
CA ALA E 12 -9.17 6.91 25.03
C ALA E 12 -9.13 6.25 26.39
N LEU E 13 -10.01 5.26 26.61
CA LEU E 13 -10.03 4.57 27.90
C LEU E 13 -8.73 3.82 28.13
N THR E 14 -8.23 3.13 27.10
CA THR E 14 -6.95 2.45 27.23
C THR E 14 -5.83 3.42 27.59
N ASP E 15 -5.85 4.62 26.99
CA ASP E 15 -4.88 5.65 27.37
C ASP E 15 -5.00 5.99 28.86
N ILE E 16 -6.22 6.12 29.36
CA ILE E 16 -6.43 6.42 30.77
C ILE E 16 -5.95 5.26 31.64
N ILE E 17 -6.25 4.03 31.22
CA ILE E 17 -5.82 2.85 31.97
C ILE E 17 -4.30 2.85 32.12
N MET E 18 -3.59 3.00 30.99
CA MET E 18 -2.13 2.99 31.02
C MET E 18 -1.57 4.18 31.77
N ASP E 19 -2.24 5.33 31.72
CA ASP E 19 -1.78 6.48 32.49
C ASP E 19 -1.82 6.18 33.97
N ALA E 20 -2.95 5.66 34.47
CA ALA E 20 -3.07 5.31 35.88
C ALA E 20 -2.15 4.17 36.26
N LYS E 21 -1.94 3.20 35.36
CA LYS E 21 -1.09 2.06 35.69
C LYS E 21 0.35 2.51 35.89
N ILE E 22 0.84 3.41 35.05
CA ILE E 22 2.21 3.90 35.17
C ILE E 22 2.36 4.77 36.41
N ARG E 23 1.38 5.65 36.67
CA ARG E 23 1.45 6.54 37.83
C ARG E 23 1.43 5.75 39.14
N LYS E 24 0.64 4.68 39.19
CA LYS E 24 0.62 3.83 40.38
C LYS E 24 1.73 2.78 40.38
N ASN E 25 2.50 2.68 39.30
CA ASN E 25 3.56 1.68 39.16
C ASN E 25 3.02 0.26 39.38
N LEU E 26 1.89 -0.04 38.77
CA LEU E 26 1.24 -1.33 38.93
C LEU E 26 1.62 -2.27 37.79
N THR E 27 1.60 -3.56 38.09
CA THR E 27 1.71 -4.60 37.09
C THR E 27 0.33 -5.04 36.64
N PHE E 28 0.27 -5.66 35.45
CA PHE E 28 -0.99 -6.26 35.03
C PHE E 28 -1.39 -7.40 35.96
N GLU E 29 -0.42 -8.13 36.51
CA GLU E 29 -0.74 -9.20 37.46
C GLU E 29 -1.38 -8.65 38.73
N ALA E 30 -0.89 -7.52 39.23
CA ALA E 30 -1.55 -6.89 40.37
C ALA E 30 -2.96 -6.43 40.02
N ILE E 31 -3.13 -5.77 38.86
CA ILE E 31 -4.45 -5.32 38.44
C ILE E 31 -5.41 -6.49 38.31
N ASN E 32 -4.91 -7.64 37.85
CA ASN E 32 -5.73 -8.83 37.68
C ASN E 32 -6.10 -9.54 38.96
N GLU E 33 -5.60 -9.10 40.12
CA GLU E 33 -5.89 -9.81 41.36
C GLU E 33 -7.40 -9.86 41.62
N GLY E 34 -7.93 -11.06 41.78
CA GLY E 34 -9.32 -11.23 42.16
C GLY E 34 -10.32 -11.27 41.03
N THR E 35 -9.86 -11.31 39.78
CA THR E 35 -10.82 -11.40 38.69
C THR E 35 -11.31 -12.82 38.47
N GLY E 36 -10.51 -13.82 38.83
CA GLY E 36 -10.83 -15.18 38.46
C GLY E 36 -10.58 -15.49 37.00
N LEU E 37 -9.98 -14.56 36.26
CA LEU E 37 -9.74 -14.74 34.84
C LEU E 37 -8.24 -14.75 34.57
N SER E 38 -7.88 -15.22 33.38
CA SER E 38 -6.48 -15.37 33.05
C SER E 38 -5.83 -14.03 32.75
N LEU E 39 -4.54 -13.93 33.07
CA LEU E 39 -3.82 -12.67 32.90
C LEU E 39 -3.80 -12.23 31.44
N ALA E 40 -3.73 -13.17 30.50
CA ALA E 40 -3.64 -12.77 29.10
C ALA E 40 -4.97 -12.21 28.60
N PHE E 41 -6.09 -12.81 29.04
CA PHE E 41 -7.39 -12.27 28.65
C PHE E 41 -7.61 -10.87 29.23
N VAL E 42 -7.34 -10.71 30.53
CA VAL E 42 -7.63 -9.43 31.17
C VAL E 42 -6.70 -8.34 30.65
N THR E 43 -5.41 -8.66 30.47
CA THR E 43 -4.50 -7.68 29.88
C THR E 43 -5.00 -7.24 28.50
N ALA E 44 -5.39 -8.20 27.65
CA ALA E 44 -5.93 -7.83 26.35
C ALA E 44 -7.20 -6.98 26.48
N ALA E 45 -8.02 -7.23 27.51
CA ALA E 45 -9.19 -6.38 27.70
C ALA E 45 -8.78 -4.97 28.10
N LEU E 46 -7.82 -4.83 29.01
CA LEU E 46 -7.34 -3.51 29.38
C LEU E 46 -6.73 -2.80 28.17
N LEU E 47 -6.08 -3.55 27.28
CA LEU E 47 -5.50 -2.96 26.08
C LEU E 47 -6.52 -2.80 24.94
N GLY E 48 -7.82 -2.92 25.23
CA GLY E 48 -8.84 -2.60 24.26
C GLY E 48 -9.25 -3.70 23.30
N GLN E 49 -8.97 -4.96 23.62
CA GLN E 49 -9.18 -6.07 22.69
C GLN E 49 -10.26 -7.04 23.14
N HIS E 50 -10.85 -6.84 24.31
CA HIS E 50 -11.81 -7.78 24.87
C HIS E 50 -12.72 -7.03 25.82
N PRO E 51 -13.97 -7.47 25.96
CA PRO E 51 -14.82 -6.99 27.06
C PRO E 51 -14.54 -7.77 28.33
N LEU E 52 -14.89 -7.16 29.45
CA LEU E 52 -14.80 -7.85 30.73
C LEU E 52 -16.17 -8.06 31.32
N PRO E 53 -16.44 -9.21 31.94
CA PRO E 53 -17.64 -9.34 32.77
C PRO E 53 -17.64 -8.28 33.86
N GLU E 54 -18.83 -7.94 34.36
CA GLU E 54 -18.97 -6.77 35.21
C GLU E 54 -18.06 -6.85 36.44
N GLN E 55 -18.01 -8.00 37.09
CA GLN E 55 -17.23 -8.05 38.32
C GLN E 55 -15.74 -7.96 38.03
N ALA E 56 -15.29 -8.51 36.90
CA ALA E 56 -13.89 -8.30 36.52
C ALA E 56 -13.65 -6.84 36.15
N ALA E 57 -14.62 -6.21 35.49
CA ALA E 57 -14.46 -4.81 35.10
C ALA E 57 -14.39 -3.91 36.33
N ARG E 58 -15.16 -4.23 37.36
CA ARG E 58 -15.18 -3.38 38.53
C ARG E 58 -13.89 -3.52 39.35
N VAL E 59 -13.27 -4.71 39.35
CA VAL E 59 -12.08 -4.85 40.17
C VAL E 59 -10.86 -4.24 39.49
N VAL E 60 -10.77 -4.30 38.16
CA VAL E 60 -9.66 -3.62 37.49
C VAL E 60 -9.85 -2.11 37.56
N ALA E 61 -11.10 -1.65 37.54
CA ALA E 61 -11.36 -0.21 37.69
C ALA E 61 -11.04 0.26 39.09
N ALA E 62 -11.33 -0.57 40.10
CA ALA E 62 -11.02 -0.20 41.48
C ALA E 62 -9.52 -0.09 41.71
N LYS E 63 -8.73 -1.00 41.12
CA LYS E 63 -7.28 -0.92 41.24
C LYS E 63 -6.72 0.35 40.60
N LEU E 64 -7.34 0.81 39.51
CA LEU E 64 -6.87 1.98 38.78
C LEU E 64 -7.65 3.24 39.09
N ASP E 65 -8.60 3.18 40.04
CA ASP E 65 -9.42 4.32 40.44
C ASP E 65 -10.11 4.96 39.23
N LEU E 66 -10.71 4.12 38.38
CA LEU E 66 -11.54 4.56 37.28
C LEU E 66 -13.01 4.62 37.71
N ASP E 67 -13.80 5.41 36.97
CA ASP E 67 -15.16 5.72 37.38
C ASP E 67 -16.16 4.73 36.79
N GLU E 68 -17.45 5.01 36.98
CA GLU E 68 -18.50 4.11 36.52
C GLU E 68 -18.61 4.12 35.00
N ASP E 69 -18.23 5.21 34.35
CA ASP E 69 -18.20 5.21 32.88
C ASP E 69 -17.17 4.22 32.36
N ALA E 70 -16.01 4.16 33.01
CA ALA E 70 -15.00 3.19 32.58
C ALA E 70 -15.49 1.76 32.80
N VAL E 71 -16.22 1.53 33.89
CA VAL E 71 -16.73 0.20 34.19
C VAL E 71 -17.71 -0.27 33.12
N ARG E 72 -18.59 0.64 32.66
CA ARG E 72 -19.53 0.29 31.60
C ARG E 72 -18.82 0.06 30.28
N LEU E 73 -17.85 0.91 29.95
CA LEU E 73 -17.15 0.77 28.69
C LEU E 73 -16.32 -0.50 28.65
N LEU E 74 -15.75 -0.93 29.78
CA LEU E 74 -14.95 -2.15 29.80
C LEU E 74 -15.77 -3.40 29.50
N GLN E 75 -17.09 -3.36 29.71
CA GLN E 75 -17.96 -4.48 29.42
C GLN E 75 -18.43 -4.52 27.96
N THR E 76 -18.06 -3.55 27.14
CA THR E 76 -18.54 -3.51 25.77
C THR E 76 -17.53 -4.16 24.83
N ILE E 77 -18.04 -4.77 23.77
CA ILE E 77 -17.22 -5.49 22.80
C ILE E 77 -16.54 -4.48 21.89
N PRO E 78 -15.21 -4.43 21.85
CA PRO E 78 -14.52 -3.45 21.01
C PRO E 78 -14.46 -3.89 19.55
N LEU E 79 -14.09 -2.94 18.71
CA LEU E 79 -13.57 -3.24 17.38
C LEU E 79 -12.12 -3.68 17.53
N ARG E 80 -11.85 -4.96 17.32
CA ARG E 80 -10.61 -5.56 17.73
C ARG E 80 -9.48 -5.32 16.72
N GLY E 81 -8.24 -5.44 17.22
CA GLY E 81 -7.06 -5.31 16.41
C GLY E 81 -5.99 -4.45 17.07
N SER E 82 -4.85 -5.05 17.43
CA SER E 82 -3.74 -4.43 18.19
C SER E 82 -2.64 -3.89 17.26
N ILE E 83 -2.69 -4.22 15.97
CA ILE E 83 -1.67 -3.81 14.98
C ILE E 83 -2.40 -3.14 13.82
N PRO E 84 -2.76 -1.85 13.95
CA PRO E 84 -3.52 -1.15 12.90
C PRO E 84 -2.79 -1.09 11.55
N SER E 85 -1.46 -1.15 11.57
CA SER E 85 -0.64 -1.05 10.35
C SER E 85 -0.56 -2.38 9.59
N GLY E 86 -1.22 -3.43 10.08
CA GLY E 86 -1.11 -4.77 9.48
C GLY E 86 0.19 -5.46 9.84
N VAL E 87 1.32 -4.83 9.53
CA VAL E 87 2.62 -5.38 9.97
C VAL E 87 3.20 -4.42 11.01
N PRO E 88 3.57 -4.92 12.20
CA PRO E 88 4.08 -4.06 13.25
C PRO E 88 5.48 -3.51 12.96
N THR E 89 5.80 -2.36 13.55
CA THR E 89 7.17 -1.86 13.55
C THR E 89 7.89 -2.10 14.87
N ASP E 90 7.16 -2.24 15.98
CA ASP E 90 7.80 -2.46 17.26
C ASP E 90 8.52 -3.81 17.25
N PRO E 91 9.79 -3.87 17.67
CA PRO E 91 10.53 -5.13 17.59
C PRO E 91 9.95 -6.27 18.40
N THR E 92 9.44 -5.99 19.60
CA THR E 92 8.90 -7.08 20.41
C THR E 92 7.69 -7.69 19.73
N ILE E 93 6.81 -6.87 19.19
CA ILE E 93 5.67 -7.39 18.46
C ILE E 93 6.12 -7.98 17.13
N TYR E 94 7.13 -7.38 16.49
CA TYR E 94 7.50 -7.88 15.16
C TYR E 94 7.99 -9.32 15.22
N ARG E 95 8.62 -9.73 16.33
CA ARG E 95 9.16 -11.09 16.41
C ARG E 95 8.05 -12.13 16.33
N PHE E 96 6.89 -11.82 16.93
CA PHE E 96 5.78 -12.76 16.87
C PHE E 96 5.17 -12.78 15.47
N TYR E 97 5.10 -11.61 14.82
CA TYR E 97 4.68 -11.60 13.43
C TYR E 97 5.66 -12.39 12.56
N GLU E 98 6.95 -12.26 12.84
CA GLU E 98 7.95 -12.96 12.03
C GLU E 98 7.83 -14.47 12.18
N MET E 99 7.50 -14.94 13.38
CA MET E 99 7.23 -16.35 13.63
C MET E 99 6.18 -16.88 12.66
N VAL E 100 5.08 -16.15 12.50
CA VAL E 100 4.03 -16.54 11.58
C VAL E 100 4.50 -16.36 10.14
N GLN E 101 5.30 -15.34 9.88
CA GLN E 101 5.83 -15.13 8.54
C GLN E 101 6.69 -16.31 8.09
N ILE E 102 7.58 -16.77 8.96
CA ILE E 102 8.45 -17.88 8.59
C ILE E 102 7.68 -19.20 8.60
N TYR E 103 6.94 -19.48 9.67
CA TYR E 103 6.36 -20.82 9.83
C TYR E 103 4.90 -20.92 9.39
N GLY E 104 4.35 -19.87 8.77
CA GLY E 104 2.95 -19.91 8.39
C GLY E 104 2.62 -21.06 7.46
N SER E 105 3.42 -21.24 6.41
CA SER E 105 3.13 -22.32 5.48
C SER E 105 3.35 -23.69 6.12
N THR E 106 4.29 -23.78 7.07
CA THR E 106 4.49 -25.04 7.79
C THR E 106 3.30 -25.36 8.70
N LEU E 107 2.76 -24.35 9.38
CA LEU E 107 1.62 -24.58 10.25
C LEU E 107 0.43 -25.09 9.45
N LYS E 108 0.12 -24.43 8.33
CA LYS E 108 -0.95 -24.89 7.46
C LYS E 108 -0.72 -26.33 7.02
N ALA E 109 0.50 -26.64 6.57
CA ALA E 109 0.79 -27.97 6.06
C ALA E 109 0.61 -29.04 7.13
N LEU E 110 1.10 -28.79 8.35
CA LEU E 110 0.98 -29.78 9.42
C LEU E 110 -0.41 -29.80 10.05
N VAL E 111 -1.17 -28.71 9.98
CA VAL E 111 -2.57 -28.77 10.39
C VAL E 111 -3.35 -29.67 9.45
N HIS E 112 -3.18 -29.48 8.14
CA HIS E 112 -3.89 -30.32 7.18
C HIS E 112 -3.44 -31.78 7.28
N GLU E 113 -2.18 -32.02 7.65
CA GLU E 113 -1.69 -33.39 7.76
C GLU E 113 -2.20 -34.09 9.02
N GLN E 114 -2.18 -33.39 10.15
CA GLN E 114 -2.49 -34.04 11.43
C GLN E 114 -3.96 -33.91 11.81
N PHE E 115 -4.68 -32.94 11.26
CA PHE E 115 -6.09 -32.75 11.57
C PHE E 115 -6.96 -32.95 10.33
N GLY E 116 -6.63 -32.30 9.23
CA GLY E 116 -7.39 -32.35 8.00
C GLY E 116 -7.63 -30.96 7.45
N ASP E 117 -8.47 -30.88 6.42
CA ASP E 117 -8.83 -29.59 5.87
C ASP E 117 -9.56 -28.75 6.91
N GLY E 118 -9.36 -27.44 6.84
CA GLY E 118 -10.00 -26.54 7.79
C GLY E 118 -9.03 -25.59 8.45
N ILE E 119 -9.31 -25.19 9.70
CA ILE E 119 -8.49 -24.22 10.41
C ILE E 119 -8.29 -24.66 11.86
N ILE E 120 -7.29 -24.08 12.49
CA ILE E 120 -7.19 -23.99 13.94
C ILE E 120 -7.78 -22.65 14.32
N SER E 121 -8.81 -22.65 15.15
CA SER E 121 -9.59 -21.45 15.38
C SER E 121 -8.81 -20.43 16.18
N ALA E 122 -8.99 -19.15 15.82
CA ALA E 122 -8.52 -18.03 16.65
C ALA E 122 -9.62 -17.47 17.55
N ILE E 123 -10.79 -18.10 17.59
CA ILE E 123 -11.89 -17.66 18.44
C ILE E 123 -12.17 -18.67 19.56
N ASN E 124 -12.34 -19.94 19.21
CA ASN E 124 -12.32 -21.02 20.20
C ASN E 124 -10.84 -21.27 20.50
N PHE E 125 -10.29 -20.44 21.37
CA PHE E 125 -8.86 -20.25 21.40
C PHE E 125 -8.44 -19.63 22.72
N LYS E 126 -7.35 -20.13 23.27
CA LYS E 126 -6.74 -19.55 24.46
C LYS E 126 -5.26 -19.33 24.20
N LEU E 127 -4.70 -18.32 24.84
CA LEU E 127 -3.29 -17.97 24.74
C LEU E 127 -2.70 -17.91 26.14
N ASP E 128 -1.47 -18.36 26.27
CA ASP E 128 -0.75 -18.29 27.52
C ASP E 128 0.72 -17.97 27.24
N ILE E 129 1.33 -17.18 28.10
CA ILE E 129 2.76 -16.86 28.02
C ILE E 129 3.38 -17.21 29.37
N LYS E 130 4.55 -17.85 29.32
CA LYS E 130 5.19 -18.38 30.49
C LYS E 130 6.69 -18.10 30.41
N LYS E 131 7.26 -17.61 31.51
CA LYS E 131 8.69 -17.40 31.62
C LYS E 131 9.34 -18.62 32.27
N VAL E 132 10.37 -19.16 31.63
CA VAL E 132 11.13 -20.29 32.15
C VAL E 132 12.62 -19.99 32.04
N PRO E 133 13.45 -20.61 32.86
CA PRO E 133 14.90 -20.43 32.72
C PRO E 133 15.42 -21.19 31.52
N ASP E 134 16.39 -20.60 30.85
CA ASP E 134 17.14 -21.29 29.82
C ASP E 134 18.26 -22.08 30.47
N PRO E 135 18.41 -23.37 30.16
CA PRO E 135 19.51 -24.16 30.77
C PRO E 135 20.89 -23.58 30.50
N ASP E 136 21.10 -22.96 29.34
CA ASP E 136 22.37 -22.35 28.98
C ASP E 136 22.57 -20.98 29.62
N GLY E 137 21.69 -20.57 30.53
CA GLY E 137 21.73 -19.22 31.08
C GLY E 137 20.70 -18.31 30.43
N GLY E 138 20.10 -17.43 31.21
CA GLY E 138 19.08 -16.55 30.68
C GLY E 138 17.69 -17.11 30.86
N GLU E 139 16.75 -16.49 30.15
CA GLU E 139 15.34 -16.84 30.27
C GLU E 139 14.76 -17.06 28.88
N ARG E 140 13.66 -17.81 28.83
CA ARG E 140 12.90 -18.05 27.62
C ARG E 140 11.43 -17.81 27.89
N ALA E 141 10.71 -17.45 26.83
CA ALA E 141 9.25 -17.34 26.87
C ALA E 141 8.67 -18.52 26.13
N VAL E 142 7.68 -19.15 26.75
CA VAL E 142 6.96 -20.27 26.16
C VAL E 142 5.53 -19.79 25.96
N ILE E 143 5.17 -19.51 24.71
CA ILE E 143 3.83 -19.03 24.37
C ILE E 143 3.07 -20.21 23.81
N THR E 144 1.87 -20.44 24.37
CA THR E 144 1.04 -21.57 23.99
C THR E 144 -0.19 -21.03 23.26
N LEU E 145 -0.38 -21.46 22.03
CA LEU E 145 -1.57 -21.17 21.24
C LEU E 145 -2.43 -22.43 21.22
N ASP E 146 -3.64 -22.34 21.77
CA ASP E 146 -4.51 -23.49 21.97
C ASP E 146 -5.83 -23.21 21.28
N GLY E 147 -6.01 -23.77 20.08
CA GLY E 147 -7.19 -23.50 19.28
C GLY E 147 -7.90 -24.76 18.83
N LYS E 148 -9.21 -24.67 18.74
CA LYS E 148 -10.03 -25.79 18.30
C LYS E 148 -9.87 -26.02 16.81
N TYR E 149 -9.85 -27.29 16.41
CA TYR E 149 -9.82 -27.64 14.99
C TYR E 149 -11.24 -27.60 14.44
N LEU E 150 -11.45 -26.79 13.40
CA LEU E 150 -12.74 -26.71 12.71
C LEU E 150 -12.58 -27.19 11.28
N PRO E 151 -13.20 -28.30 10.89
CA PRO E 151 -12.92 -28.88 9.57
C PRO E 151 -13.66 -28.17 8.45
N THR E 152 -13.06 -28.23 7.27
CA THR E 152 -13.70 -27.84 6.01
C THR E 152 -14.17 -29.14 5.35
N LYS E 153 -15.48 -29.37 5.40
CA LYS E 153 -16.07 -30.55 4.79
C LYS E 153 -16.83 -30.15 3.54
N PRO E 154 -16.81 -30.98 2.49
CA PRO E 154 -17.64 -30.72 1.32
C PRO E 154 -19.11 -30.68 1.70
N PHE E 155 -19.83 -29.71 1.16
CA PHE E 155 -21.28 -29.64 1.34
C PHE E 155 -22.00 -29.59 0.00
N THR F 1 8.63 -4.33 33.84
CA THR F 1 8.81 -2.93 33.47
C THR F 1 7.56 -2.40 32.80
N GLN F 2 7.24 -1.13 33.05
CA GLN F 2 6.11 -0.49 32.41
C GLN F 2 6.37 -0.35 30.92
N SER F 3 5.33 -0.55 30.11
CA SER F 3 5.43 -0.45 28.66
C SER F 3 4.21 0.30 28.15
N LEU F 4 4.32 0.84 26.93
CA LEU F 4 3.24 1.57 26.29
C LEU F 4 2.64 0.75 25.14
N HIS F 5 1.36 0.98 24.87
CA HIS F 5 0.61 0.26 23.84
C HIS F 5 0.46 1.03 22.53
N HIS F 6 0.83 2.32 22.50
CA HIS F 6 0.64 3.16 21.33
C HIS F 6 1.72 4.23 21.31
N SER F 7 1.89 4.88 20.15
CA SER F 7 2.91 5.91 20.00
C SER F 7 2.54 7.24 20.67
N SER F 8 1.28 7.46 21.01
CA SER F 8 0.78 8.82 21.20
C SER F 8 1.29 9.46 22.48
N SER F 9 1.08 8.79 23.63
CA SER F 9 1.43 9.42 24.90
C SER F 9 2.94 9.63 25.03
N ARG F 10 3.73 8.75 24.39
CA ARG F 10 5.15 9.03 24.30
C ARG F 10 5.44 10.14 23.28
N GLU F 11 4.61 10.26 22.24
CA GLU F 11 4.81 11.34 21.28
C GLU F 11 4.61 12.70 21.93
N ALA F 12 3.63 12.80 22.83
CA ALA F 12 3.38 14.06 23.52
C ALA F 12 4.58 14.46 24.38
N LEU F 13 5.21 13.49 25.06
CA LEU F 13 6.40 13.82 25.82
C LEU F 13 7.56 14.20 24.91
N THR F 14 7.75 13.45 23.82
CA THR F 14 8.80 13.82 22.88
C THR F 14 8.60 15.24 22.35
N ASP F 15 7.35 15.63 22.11
CA ASP F 15 7.09 17.02 21.69
C ASP F 15 7.52 18.00 22.77
N ILE F 16 7.17 17.71 24.02
CA ILE F 16 7.54 18.58 25.14
C ILE F 16 9.05 18.64 25.28
N ILE F 17 9.72 17.51 25.09
CA ILE F 17 11.17 17.46 25.22
C ILE F 17 11.83 18.29 24.13
N MET F 18 11.40 18.11 22.88
CA MET F 18 12.02 18.86 21.79
C MET F 18 11.71 20.35 21.90
N ASP F 19 10.50 20.69 22.36
CA ASP F 19 10.17 22.10 22.56
C ASP F 19 11.08 22.73 23.61
N ALA F 20 11.27 22.06 24.75
CA ALA F 20 12.15 22.59 25.78
C ALA F 20 13.61 22.63 25.31
N LYS F 21 14.02 21.65 24.51
CA LYS F 21 15.39 21.62 24.01
C LYS F 21 15.67 22.83 23.13
N ILE F 22 14.79 23.11 22.19
CA ILE F 22 14.98 24.23 21.27
C ILE F 22 14.90 25.56 22.03
N ARG F 23 13.95 25.66 22.96
CA ARG F 23 13.81 26.91 23.72
C ARG F 23 15.02 27.18 24.59
N LYS F 24 15.70 26.14 25.06
CA LYS F 24 16.89 26.33 25.87
C LYS F 24 18.18 26.26 25.06
N ASN F 25 18.08 26.08 23.74
CA ASN F 25 19.24 25.99 22.86
C ASN F 25 20.22 24.92 23.34
N LEU F 26 19.67 23.79 23.78
CA LEU F 26 20.46 22.68 24.29
C LEU F 26 20.77 21.68 23.18
N THR F 27 21.99 21.14 23.22
CA THR F 27 22.35 19.99 22.41
C THR F 27 21.99 18.70 23.14
N PHE F 28 21.80 17.63 22.37
CA PHE F 28 21.63 16.32 22.99
C PHE F 28 22.83 15.96 23.87
N GLU F 29 24.03 16.40 23.48
CA GLU F 29 25.22 16.10 24.28
C GLU F 29 25.17 16.81 25.63
N ALA F 30 24.72 18.06 25.67
CA ALA F 30 24.58 18.74 26.95
C ALA F 30 23.46 18.13 27.79
N ILE F 31 22.41 17.62 27.15
CA ILE F 31 21.35 16.97 27.90
C ILE F 31 21.84 15.64 28.47
N ASN F 32 22.77 14.98 27.79
CA ASN F 32 23.28 13.68 28.21
C ASN F 32 24.36 13.76 29.30
N GLU F 33 24.76 14.96 29.71
CA GLU F 33 25.82 15.09 30.72
C GLU F 33 25.38 14.50 32.05
N GLY F 34 26.20 13.60 32.59
CA GLY F 34 25.94 13.00 33.88
C GLY F 34 25.08 11.75 33.89
N THR F 35 24.62 11.28 32.73
CA THR F 35 23.79 10.09 32.69
C THR F 35 24.59 8.81 32.82
N GLY F 36 25.87 8.84 32.45
CA GLY F 36 26.67 7.63 32.38
C GLY F 36 26.34 6.71 31.22
N LEU F 37 25.48 7.15 30.29
CA LEU F 37 25.08 6.35 29.15
C LEU F 37 25.51 7.05 27.87
N SER F 38 25.49 6.30 26.77
CA SER F 38 25.99 6.77 25.49
C SER F 38 25.01 7.75 24.85
N LEU F 39 25.57 8.67 24.07
CA LEU F 39 24.75 9.70 23.43
C LEU F 39 23.72 9.09 22.48
N ALA F 40 24.09 8.04 21.74
CA ALA F 40 23.14 7.43 20.81
C ALA F 40 21.94 6.84 21.53
N PHE F 41 22.17 6.13 22.65
CA PHE F 41 21.05 5.50 23.34
C PHE F 41 20.14 6.55 23.99
N VAL F 42 20.73 7.55 24.64
CA VAL F 42 19.94 8.55 25.34
C VAL F 42 19.19 9.43 24.36
N THR F 43 19.84 9.78 23.24
CA THR F 43 19.13 10.54 22.23
C THR F 43 17.94 9.76 21.71
N ALA F 44 18.12 8.46 21.46
CA ALA F 44 16.99 7.64 21.03
C ALA F 44 15.87 7.64 22.07
N ALA F 45 16.22 7.59 23.36
CA ALA F 45 15.18 7.60 24.39
C ALA F 45 14.43 8.91 24.40
N LEU F 46 15.15 10.03 24.29
CA LEU F 46 14.49 11.33 24.27
C LEU F 46 13.55 11.44 23.08
N LEU F 47 13.88 10.79 21.96
CA LEU F 47 13.06 10.79 20.76
C LEU F 47 12.00 9.68 20.76
N GLY F 48 11.76 9.03 21.91
CA GLY F 48 10.66 8.10 22.02
C GLY F 48 10.94 6.64 21.73
N GLN F 49 12.20 6.23 21.62
CA GLN F 49 12.52 4.88 21.15
C GLN F 49 13.09 3.97 22.23
N HIS F 50 13.27 4.47 23.45
CA HIS F 50 13.90 3.70 24.52
C HIS F 50 13.40 4.22 25.85
N PRO F 51 13.34 3.36 26.87
CA PRO F 51 13.22 3.85 28.24
C PRO F 51 14.59 4.30 28.76
N LEU F 52 14.55 5.10 29.82
CA LEU F 52 15.75 5.46 30.56
C LEU F 52 15.68 4.93 31.99
N PRO F 53 16.78 4.43 32.54
CA PRO F 53 16.83 4.16 33.98
C PRO F 53 16.59 5.44 34.78
N GLU F 54 16.22 5.26 36.05
CA GLU F 54 15.66 6.36 36.84
C GLU F 54 16.62 7.53 36.94
N GLN F 55 17.89 7.25 37.24
CA GLN F 55 18.84 8.34 37.45
C GLN F 55 19.08 9.10 36.14
N ALA F 56 19.12 8.39 35.02
CA ALA F 56 19.24 9.08 33.73
C ALA F 56 17.98 9.87 33.41
N ALA F 57 16.81 9.33 33.77
CA ALA F 57 15.57 10.06 33.52
C ALA F 57 15.50 11.33 34.35
N ARG F 58 16.00 11.29 35.59
CA ARG F 58 15.94 12.46 36.45
C ARG F 58 16.93 13.54 36.02
N VAL F 59 18.10 13.15 35.50
CA VAL F 59 19.06 14.18 35.10
C VAL F 59 18.65 14.85 33.79
N VAL F 60 18.01 14.13 32.86
CA VAL F 60 17.53 14.82 31.67
C VAL F 60 16.29 15.65 32.01
N ALA F 61 15.46 15.18 32.95
CA ALA F 61 14.28 15.94 33.35
C ALA F 61 14.68 17.22 34.09
N ALA F 62 15.81 17.19 34.80
CA ALA F 62 16.28 18.40 35.45
C ALA F 62 16.85 19.37 34.41
N LYS F 63 17.62 18.86 33.46
CA LYS F 63 18.19 19.71 32.43
C LYS F 63 17.11 20.33 31.56
N LEU F 64 16.03 19.60 31.30
CA LEU F 64 14.95 20.10 30.46
C LEU F 64 13.79 20.68 31.24
N ASP F 65 13.85 20.64 32.58
CA ASP F 65 12.82 21.23 33.44
C ASP F 65 11.47 20.51 33.31
N LEU F 66 11.50 19.19 33.43
CA LEU F 66 10.33 18.34 33.32
C LEU F 66 9.88 17.86 34.70
N ASP F 67 8.60 17.54 34.82
CA ASP F 67 8.03 17.23 36.12
C ASP F 67 8.15 15.74 36.41
N GLU F 68 7.54 15.30 37.52
CA GLU F 68 7.70 13.91 37.97
C GLU F 68 6.95 12.95 37.06
N ASP F 69 5.83 13.40 36.47
CA ASP F 69 5.14 12.55 35.51
C ASP F 69 6.05 12.23 34.32
N ALA F 70 6.86 13.21 33.90
CA ALA F 70 7.79 12.98 32.80
C ALA F 70 8.86 11.96 33.16
N VAL F 71 9.38 12.04 34.39
CA VAL F 71 10.37 11.07 34.85
C VAL F 71 9.82 9.65 34.75
N ARG F 72 8.59 9.43 35.24
CA ARG F 72 7.99 8.10 35.17
C ARG F 72 7.78 7.68 33.72
N LEU F 73 7.24 8.58 32.88
CA LEU F 73 7.02 8.22 31.49
C LEU F 73 8.33 7.95 30.76
N LEU F 74 9.40 8.70 31.07
CA LEU F 74 10.69 8.42 30.46
C LEU F 74 11.23 7.04 30.81
N GLN F 75 10.80 6.47 31.94
CA GLN F 75 11.22 5.13 32.34
C GLN F 75 10.34 4.03 31.75
N THR F 76 9.33 4.39 30.96
CA THR F 76 8.42 3.41 30.38
C THR F 76 8.94 2.94 29.02
N ILE F 77 8.78 1.65 28.75
CA ILE F 77 9.17 1.13 27.44
C ILE F 77 8.16 1.59 26.39
N PRO F 78 8.61 2.21 25.30
CA PRO F 78 7.66 2.68 24.29
C PRO F 78 7.36 1.62 23.24
N LEU F 79 6.32 1.90 22.46
CA LEU F 79 6.06 1.19 21.21
C LEU F 79 7.03 1.76 20.16
N ARG F 80 7.99 0.96 19.74
CA ARG F 80 9.12 1.52 19.02
C ARG F 80 8.84 1.65 17.53
N GLY F 81 9.61 2.56 16.90
CA GLY F 81 9.57 2.79 15.47
C GLY F 81 9.62 4.28 15.19
N SER F 82 10.74 4.77 14.64
CA SER F 82 11.02 6.21 14.37
C SER F 82 10.51 6.64 12.99
N ILE F 83 10.19 5.67 12.15
CA ILE F 83 9.72 5.97 10.77
C ILE F 83 8.31 5.37 10.60
N PRO F 84 7.25 6.14 10.90
CA PRO F 84 5.90 5.64 10.84
C PRO F 84 5.48 5.15 9.45
N SER F 85 5.92 5.84 8.42
CA SER F 85 5.59 5.45 7.02
C SER F 85 6.29 4.17 6.58
N GLY F 86 7.26 3.67 7.34
CA GLY F 86 8.07 2.53 6.86
C GLY F 86 9.15 3.04 5.95
N VAL F 87 8.81 3.93 5.02
CA VAL F 87 9.81 4.56 4.14
C VAL F 87 9.86 6.05 4.49
N PRO F 88 11.03 6.60 4.87
CA PRO F 88 11.14 8.01 5.19
C PRO F 88 11.07 8.91 3.95
N THR F 89 10.50 10.12 4.10
CA THR F 89 10.71 11.15 3.08
C THR F 89 11.87 12.09 3.39
N ASP F 90 12.26 12.21 4.66
CA ASP F 90 13.34 13.12 5.01
C ASP F 90 14.64 12.64 4.37
N PRO F 91 15.38 13.50 3.66
CA PRO F 91 16.60 13.04 2.97
C PRO F 91 17.65 12.46 3.88
N THR F 92 17.86 13.05 5.05
CA THR F 92 18.89 12.57 5.97
C THR F 92 18.59 11.16 6.44
N ILE F 93 17.34 10.90 6.83
CA ILE F 93 16.95 9.54 7.20
C ILE F 93 16.94 8.64 5.98
N TYR F 94 16.50 9.16 4.82
CA TYR F 94 16.35 8.28 3.66
C TYR F 94 17.68 7.67 3.24
N ARG F 95 18.80 8.40 3.42
CA ARG F 95 20.09 7.88 3.00
C ARG F 95 20.43 6.59 3.73
N PHE F 96 20.15 6.53 5.03
CA PHE F 96 20.40 5.30 5.77
C PHE F 96 19.47 4.19 5.31
N TYR F 97 18.20 4.52 5.03
CA TYR F 97 17.31 3.55 4.43
C TYR F 97 17.85 3.07 3.09
N GLU F 98 18.38 3.98 2.27
CA GLU F 98 18.94 3.59 0.97
C GLU F 98 20.10 2.62 1.14
N MET F 99 20.96 2.86 2.15
CA MET F 99 22.08 1.95 2.38
C MET F 99 21.60 0.52 2.56
N VAL F 100 20.49 0.32 3.28
CA VAL F 100 19.96 -1.02 3.47
C VAL F 100 19.31 -1.54 2.20
N GLN F 101 18.60 -0.68 1.46
CA GLN F 101 18.01 -1.08 0.19
C GLN F 101 19.06 -1.61 -0.80
N ILE F 102 20.22 -0.93 -0.86
CA ILE F 102 21.25 -1.28 -1.83
C ILE F 102 22.04 -2.51 -1.37
N TYR F 103 22.47 -2.52 -0.11
CA TYR F 103 23.39 -3.54 0.37
C TYR F 103 22.71 -4.64 1.19
N GLY F 104 21.37 -4.67 1.22
CA GLY F 104 20.69 -5.64 2.06
C GLY F 104 20.99 -7.08 1.66
N SER F 105 20.88 -7.40 0.36
CA SER F 105 21.21 -8.76 -0.04
C SER F 105 22.70 -9.07 0.16
N THR F 106 23.56 -8.06 0.03
CA THR F 106 24.98 -8.28 0.30
C THR F 106 25.22 -8.57 1.78
N LEU F 107 24.56 -7.82 2.67
CA LEU F 107 24.77 -8.03 4.09
C LEU F 107 24.33 -9.44 4.50
N LYS F 108 23.17 -9.88 4.03
CA LYS F 108 22.74 -11.24 4.32
C LYS F 108 23.75 -12.25 3.81
N ALA F 109 24.21 -12.07 2.57
CA ALA F 109 25.10 -13.05 1.94
C ALA F 109 26.41 -13.18 2.72
N LEU F 110 27.00 -12.05 3.11
CA LEU F 110 28.25 -12.09 3.85
C LEU F 110 28.06 -12.51 5.31
N VAL F 111 26.89 -12.24 5.89
CA VAL F 111 26.60 -12.77 7.23
C VAL F 111 26.60 -14.30 7.20
N HIS F 112 25.92 -14.89 6.20
CA HIS F 112 25.88 -16.34 6.09
C HIS F 112 27.24 -16.91 5.70
N GLU F 113 28.02 -16.19 4.89
CA GLU F 113 29.33 -16.68 4.50
C GLU F 113 30.31 -16.63 5.68
N GLN F 114 30.33 -15.52 6.42
CA GLN F 114 31.34 -15.34 7.44
C GLN F 114 30.91 -15.80 8.82
N PHE F 115 29.60 -15.87 9.09
CA PHE F 115 29.10 -16.30 10.39
C PHE F 115 28.35 -17.63 10.32
N GLY F 116 27.46 -17.78 9.34
CA GLY F 116 26.64 -18.96 9.20
C GLY F 116 25.19 -18.56 9.09
N ASP F 117 24.31 -19.55 9.13
CA ASP F 117 22.88 -19.28 9.09
C ASP F 117 22.46 -18.52 10.34
N GLY F 118 21.49 -17.63 10.18
CA GLY F 118 20.96 -16.88 11.30
C GLY F 118 20.96 -15.38 11.04
N ILE F 119 21.08 -14.58 12.10
CA ILE F 119 20.97 -13.13 11.98
C ILE F 119 22.11 -12.45 12.74
N ILE F 120 22.33 -11.19 12.39
CA ILE F 120 22.98 -10.23 13.25
C ILE F 120 21.86 -9.52 14.01
N SER F 121 21.88 -9.63 15.35
CA SER F 121 20.81 -9.10 16.19
C SER F 121 20.68 -7.59 16.04
N ALA F 122 19.44 -7.10 16.15
CA ALA F 122 19.16 -5.68 16.26
C ALA F 122 18.79 -5.29 17.70
N ILE F 123 18.88 -6.23 18.63
CA ILE F 123 18.56 -6.01 20.04
C ILE F 123 19.81 -6.15 20.92
N ASN F 124 20.55 -7.24 20.77
CA ASN F 124 21.90 -7.33 21.35
C ASN F 124 22.81 -6.58 20.39
N PHE F 125 22.79 -5.26 20.53
CA PHE F 125 23.16 -4.39 19.43
C PHE F 125 23.47 -3.01 20.01
N LYS F 126 24.55 -2.41 19.51
CA LYS F 126 24.93 -1.06 19.86
C LYS F 126 25.22 -0.29 18.57
N LEU F 127 25.01 1.02 18.64
CA LEU F 127 25.18 1.91 17.51
C LEU F 127 26.03 3.10 17.94
N ASP F 128 26.92 3.54 17.07
CA ASP F 128 27.77 4.70 17.33
C ASP F 128 27.92 5.50 16.05
N ILE F 129 27.98 6.84 16.17
CA ILE F 129 28.27 7.71 15.04
C ILE F 129 29.42 8.63 15.44
N LYS F 130 30.41 8.75 14.55
CA LYS F 130 31.63 9.49 14.81
C LYS F 130 31.92 10.42 13.64
N LYS F 131 32.32 11.65 13.94
CA LYS F 131 32.73 12.61 12.92
C LYS F 131 34.23 12.55 12.74
N VAL F 132 34.67 12.41 11.49
CA VAL F 132 36.10 12.38 11.18
C VAL F 132 36.34 13.30 9.99
N PRO F 133 37.57 13.82 9.85
CA PRO F 133 37.88 14.63 8.66
C PRO F 133 38.06 13.75 7.44
N ASP F 134 37.54 14.22 6.30
CA ASP F 134 37.86 13.57 5.04
C ASP F 134 39.22 14.04 4.56
N PRO F 135 40.13 13.12 4.21
CA PRO F 135 41.47 13.54 3.78
C PRO F 135 41.47 14.48 2.58
N ASP F 136 40.46 14.42 1.71
CA ASP F 136 40.41 15.28 0.55
C ASP F 136 39.54 16.51 0.77
N GLY F 137 39.27 16.87 2.02
CA GLY F 137 38.44 18.03 2.31
C GLY F 137 37.04 17.66 2.77
N GLY F 138 36.54 18.35 3.78
CA GLY F 138 35.22 18.03 4.31
C GLY F 138 35.28 17.08 5.49
N GLU F 139 34.10 16.56 5.83
CA GLU F 139 33.92 15.67 6.96
C GLU F 139 33.19 14.41 6.49
N ARG F 140 33.35 13.35 7.29
CA ARG F 140 32.67 12.08 7.06
C ARG F 140 32.05 11.61 8.36
N ALA F 141 30.94 10.88 8.26
CA ALA F 141 30.36 10.19 9.40
C ALA F 141 30.73 8.71 9.30
N VAL F 142 31.23 8.16 10.40
CA VAL F 142 31.51 6.73 10.52
C VAL F 142 30.47 6.18 11.49
N ILE F 143 29.47 5.49 10.95
CA ILE F 143 28.39 4.91 11.74
C ILE F 143 28.72 3.44 11.90
N THR F 144 28.80 2.99 13.14
CA THR F 144 29.14 1.59 13.43
C THR F 144 27.90 0.88 13.96
N LEU F 145 27.57 -0.25 13.35
CA LEU F 145 26.49 -1.14 13.77
C LEU F 145 27.14 -2.41 14.31
N ASP F 146 26.87 -2.71 15.58
CA ASP F 146 27.59 -3.75 16.32
C ASP F 146 26.56 -4.69 16.94
N GLY F 147 26.30 -5.82 16.28
CA GLY F 147 25.27 -6.73 16.72
C GLY F 147 25.77 -8.15 16.92
N LYS F 148 25.18 -8.82 17.90
CA LYS F 148 25.50 -10.22 18.17
C LYS F 148 25.02 -11.12 17.03
N TYR F 149 25.84 -12.11 16.68
CA TYR F 149 25.41 -13.17 15.77
C TYR F 149 24.59 -14.20 16.52
N LEU F 150 23.35 -14.42 16.08
CA LEU F 150 22.50 -15.49 16.60
C LEU F 150 22.35 -16.56 15.54
N PRO F 151 22.88 -17.76 15.74
CA PRO F 151 22.78 -18.80 14.71
C PRO F 151 21.38 -19.38 14.59
N THR F 152 21.02 -19.74 13.37
CA THR F 152 19.89 -20.62 13.10
C THR F 152 20.45 -22.02 12.95
N LYS F 153 20.10 -22.91 13.87
CA LYS F 153 20.56 -24.29 13.88
C LYS F 153 19.37 -25.23 13.72
N PRO F 154 19.56 -26.35 13.02
CA PRO F 154 18.46 -27.33 12.89
C PRO F 154 18.05 -27.88 14.25
N PHE F 155 16.75 -28.09 14.42
CA PHE F 155 16.25 -28.68 15.65
C PHE F 155 15.24 -29.78 15.35
N THR G 1 -3.45 7.13 -34.62
CA THR G 1 -2.14 6.54 -34.40
C THR G 1 -2.24 5.29 -33.53
N GLN G 2 -1.51 4.25 -33.91
CA GLN G 2 -1.50 3.02 -33.11
C GLN G 2 -0.98 3.29 -31.71
N SER G 3 -1.59 2.65 -30.73
CA SER G 3 -1.18 2.77 -29.34
C SER G 3 -1.19 1.40 -28.68
N LEU G 4 -0.40 1.26 -27.62
CA LEU G 4 -0.26 -0.01 -26.92
C LEU G 4 -1.13 -0.04 -25.67
N HIS G 5 -1.71 -1.21 -25.39
CA HIS G 5 -2.57 -1.38 -24.24
C HIS G 5 -1.80 -1.78 -22.98
N HIS G 6 -0.63 -2.39 -23.14
CA HIS G 6 0.15 -2.88 -22.01
C HIS G 6 1.63 -2.65 -22.30
N SER G 7 2.43 -2.70 -21.24
CA SER G 7 3.86 -2.46 -21.38
C SER G 7 4.60 -3.66 -21.97
N SER G 8 4.01 -4.86 -21.94
CA SER G 8 4.74 -6.08 -22.23
C SER G 8 5.43 -6.05 -23.59
N SER G 9 4.72 -5.61 -24.63
CA SER G 9 5.31 -5.63 -25.98
C SER G 9 6.41 -4.57 -26.11
N ARG G 10 6.18 -3.37 -25.56
CA ARG G 10 7.21 -2.34 -25.62
C ARG G 10 8.37 -2.63 -24.69
N GLU G 11 8.13 -3.37 -23.59
CA GLU G 11 9.22 -3.75 -22.71
C GLU G 11 10.11 -4.79 -23.36
N ALA G 12 9.52 -5.74 -24.08
CA ALA G 12 10.32 -6.74 -24.79
C ALA G 12 11.25 -6.07 -25.79
N LEU G 13 10.75 -5.09 -26.54
CA LEU G 13 11.58 -4.38 -27.50
C LEU G 13 12.69 -3.61 -26.80
N THR G 14 12.36 -2.97 -25.68
CA THR G 14 13.36 -2.22 -24.93
C THR G 14 14.51 -3.13 -24.49
N ASP G 15 14.20 -4.35 -24.05
CA ASP G 15 15.28 -5.27 -23.68
C ASP G 15 16.14 -5.62 -24.89
N ILE G 16 15.50 -5.85 -26.04
CA ILE G 16 16.24 -6.13 -27.27
C ILE G 16 17.11 -4.93 -27.64
N ILE G 17 16.55 -3.72 -27.52
CA ILE G 17 17.31 -2.51 -27.83
C ILE G 17 18.52 -2.40 -26.90
N MET G 18 18.31 -2.59 -25.61
CA MET G 18 19.43 -2.49 -24.68
C MET G 18 20.45 -3.59 -24.91
N ASP G 19 19.99 -4.79 -25.26
CA ASP G 19 20.92 -5.87 -25.57
C ASP G 19 21.83 -5.50 -26.73
N ALA G 20 21.26 -4.93 -27.79
CA ALA G 20 22.07 -4.55 -28.94
C ALA G 20 22.97 -3.36 -28.62
N LYS G 21 22.44 -2.39 -27.87
CA LYS G 21 23.23 -1.22 -27.49
C LYS G 21 24.49 -1.62 -26.71
N ILE G 22 24.35 -2.54 -25.76
CA ILE G 22 25.49 -2.97 -24.96
C ILE G 22 26.42 -3.84 -25.79
N ARG G 23 25.85 -4.74 -26.59
CA ARG G 23 26.67 -5.64 -27.41
C ARG G 23 27.54 -4.85 -28.38
N LYS G 24 27.01 -3.77 -28.93
CA LYS G 24 27.75 -2.93 -29.87
C LYS G 24 28.51 -1.80 -29.17
N ASN G 25 28.40 -1.71 -27.84
CA ASN G 25 29.05 -0.67 -27.06
C ASN G 25 28.73 0.72 -27.62
N LEU G 26 27.44 0.97 -27.84
CA LEU G 26 26.98 2.23 -28.41
C LEU G 26 26.42 3.13 -27.32
N THR G 27 26.60 4.43 -27.52
CA THR G 27 25.93 5.44 -26.71
C THR G 27 24.60 5.83 -27.31
N PHE G 28 23.72 6.37 -26.47
CA PHE G 28 22.46 6.92 -26.98
C PHE G 28 22.73 8.06 -27.96
N GLU G 29 23.74 8.89 -27.68
CA GLU G 29 24.10 9.95 -28.62
C GLU G 29 24.51 9.38 -29.97
N ALA G 30 25.23 8.26 -29.98
CA ALA G 30 25.55 7.63 -31.26
C ALA G 30 24.30 7.08 -31.93
N ILE G 31 23.41 6.45 -31.15
CA ILE G 31 22.18 5.90 -31.71
C ILE G 31 21.31 7.00 -32.28
N ASN G 32 21.35 8.20 -31.69
CA ASN G 32 20.51 9.32 -32.08
C ASN G 32 21.07 10.15 -33.25
N GLU G 33 22.23 9.81 -33.80
CA GLU G 33 22.74 10.62 -34.90
C GLU G 33 21.90 10.36 -36.15
N GLY G 34 21.46 11.44 -36.80
CA GLY G 34 20.63 11.34 -37.98
C GLY G 34 19.12 11.30 -37.73
N THR G 35 18.67 11.44 -36.48
CA THR G 35 17.23 11.45 -36.24
C THR G 35 16.62 12.83 -36.44
N GLY G 36 17.42 13.89 -36.32
CA GLY G 36 16.88 15.23 -36.30
C GLY G 36 16.08 15.58 -35.06
N LEU G 37 16.13 14.76 -34.02
CA LEU G 37 15.37 14.98 -32.80
C LEU G 37 16.31 15.09 -31.60
N SER G 38 15.76 15.56 -30.48
CA SER G 38 16.57 15.74 -29.28
C SER G 38 16.91 14.39 -28.64
N LEU G 39 18.09 14.33 -28.02
CA LEU G 39 18.54 13.09 -27.40
C LEU G 39 17.59 12.64 -26.29
N ALA G 40 17.05 13.58 -25.51
CA ALA G 40 16.18 13.20 -24.39
C ALA G 40 14.90 12.55 -24.88
N PHE G 41 14.33 13.06 -25.97
CA PHE G 41 13.10 12.46 -26.52
C PHE G 41 13.38 11.06 -27.07
N VAL G 42 14.42 10.92 -27.91
CA VAL G 42 14.67 9.63 -28.55
C VAL G 42 15.14 8.60 -27.53
N THR G 43 15.91 9.03 -26.51
CA THR G 43 16.29 8.09 -25.46
C THR G 43 15.06 7.60 -24.70
N ALA G 44 14.12 8.50 -24.42
CA ALA G 44 12.87 8.10 -23.79
C ALA G 44 12.10 7.12 -24.65
N ALA G 45 12.02 7.39 -25.96
CA ALA G 45 11.32 6.49 -26.86
C ALA G 45 11.96 5.11 -26.84
N LEU G 46 13.29 5.05 -26.93
CA LEU G 46 13.99 3.77 -26.92
C LEU G 46 13.77 3.01 -25.61
N LEU G 47 13.58 3.74 -24.52
CA LEU G 47 13.24 3.14 -23.25
C LEU G 47 11.75 2.95 -23.07
N GLY G 48 10.98 3.09 -24.15
CA GLY G 48 9.57 2.74 -24.17
C GLY G 48 8.60 3.82 -23.73
N GLN G 49 8.99 5.08 -23.76
CA GLN G 49 8.14 6.15 -23.22
C GLN G 49 7.59 7.08 -24.30
N HIS G 50 7.97 6.88 -25.56
CA HIS G 50 7.49 7.75 -26.63
C HIS G 50 7.45 6.95 -27.93
N PRO G 51 6.57 7.31 -28.87
CA PRO G 51 6.71 6.81 -30.23
C PRO G 51 7.76 7.62 -30.98
N LEU G 52 8.28 7.01 -32.05
CA LEU G 52 9.20 7.72 -32.93
C LEU G 52 8.55 7.94 -34.30
N PRO G 53 8.83 9.07 -34.93
CA PRO G 53 8.51 9.21 -36.36
C PRO G 53 9.28 8.19 -37.17
N GLU G 54 8.74 7.86 -38.35
CA GLU G 54 9.28 6.76 -39.14
C GLU G 54 10.78 6.93 -39.38
N GLN G 55 11.19 8.11 -39.84
CA GLN G 55 12.60 8.35 -40.10
C GLN G 55 13.45 8.09 -38.87
N ALA G 56 13.00 8.54 -37.70
CA ALA G 56 13.74 8.29 -36.47
C ALA G 56 13.72 6.81 -36.09
N ALA G 57 12.58 6.14 -36.31
CA ALA G 57 12.49 4.72 -36.02
C ALA G 57 13.44 3.90 -36.90
N ARG G 58 13.60 4.28 -38.16
CA ARG G 58 14.43 3.48 -39.06
C ARG G 58 15.91 3.75 -38.86
N VAL G 59 16.28 4.95 -38.43
CA VAL G 59 17.70 5.22 -38.23
C VAL G 59 18.21 4.56 -36.97
N VAL G 60 17.41 4.53 -35.90
CA VAL G 60 17.86 3.81 -34.70
C VAL G 60 17.84 2.31 -34.96
N ALA G 61 16.90 1.83 -35.77
CA ALA G 61 16.86 0.40 -36.06
C ALA G 61 18.02 -0.02 -36.95
N ALA G 62 18.51 0.90 -37.78
CA ALA G 62 19.68 0.59 -38.60
C ALA G 62 20.93 0.47 -37.74
N LYS G 63 21.09 1.36 -36.75
CA LYS G 63 22.27 1.31 -35.87
C LYS G 63 22.22 0.14 -34.91
N LEU G 64 21.04 -0.36 -34.57
CA LEU G 64 20.91 -1.45 -33.62
C LEU G 64 20.60 -2.78 -34.29
N ASP G 65 20.59 -2.83 -35.64
CA ASP G 65 20.30 -4.06 -36.38
C ASP G 65 18.94 -4.65 -36.01
N LEU G 66 17.93 -3.79 -35.89
CA LEU G 66 16.57 -4.24 -35.61
C LEU G 66 15.80 -4.45 -36.91
N ASP G 67 14.78 -5.31 -36.84
CA ASP G 67 14.06 -5.72 -38.03
C ASP G 67 12.85 -4.80 -38.24
N GLU G 68 11.99 -5.16 -39.20
CA GLU G 68 10.85 -4.31 -39.52
C GLU G 68 9.82 -4.30 -38.39
N ASP G 69 9.67 -5.41 -37.67
CA ASP G 69 8.73 -5.45 -36.55
C ASP G 69 9.08 -4.42 -35.50
N ALA G 70 10.38 -4.22 -35.26
CA ALA G 70 10.81 -3.22 -34.29
C ALA G 70 10.56 -1.81 -34.79
N VAL G 71 10.68 -1.58 -36.11
CA VAL G 71 10.41 -0.25 -36.65
C VAL G 71 8.94 0.12 -36.47
N ARG G 72 8.04 -0.84 -36.72
CA ARG G 72 6.61 -0.58 -36.55
C ARG G 72 6.27 -0.32 -35.09
N LEU G 73 6.83 -1.11 -34.17
CA LEU G 73 6.51 -0.95 -32.76
C LEU G 73 7.10 0.33 -32.19
N LEU G 74 8.24 0.78 -32.71
CA LEU G 74 8.82 2.04 -32.27
C LEU G 74 7.95 3.23 -32.62
N GLN G 75 7.09 3.10 -33.62
CA GLN G 75 6.19 4.17 -34.05
C GLN G 75 4.85 4.15 -33.33
N THR G 76 4.63 3.23 -32.40
CA THR G 76 3.36 3.13 -31.70
C THR G 76 3.44 3.83 -30.35
N ILE G 77 2.36 4.49 -29.98
CA ILE G 77 2.30 5.16 -28.68
C ILE G 77 2.29 4.12 -27.57
N PRO G 78 3.17 4.20 -26.58
CA PRO G 78 3.19 3.19 -25.53
C PRO G 78 2.25 3.55 -24.38
N LEU G 79 2.07 2.57 -23.50
CA LEU G 79 1.51 2.82 -22.17
C LEU G 79 2.63 3.39 -21.31
N ARG G 80 2.56 4.68 -21.00
CA ARG G 80 3.73 5.39 -20.50
C ARG G 80 3.91 5.20 -18.99
N GLY G 81 5.17 5.34 -18.56
CA GLY G 81 5.54 5.31 -17.15
C GLY G 81 6.80 4.52 -16.92
N SER G 82 7.86 5.19 -16.45
CA SER G 82 9.20 4.59 -16.22
C SER G 82 9.39 4.09 -14.78
N ILE G 83 8.48 4.46 -13.88
CA ILE G 83 8.62 4.09 -12.45
C ILE G 83 7.34 3.37 -12.01
N PRO G 84 7.21 2.07 -12.35
CA PRO G 84 6.00 1.30 -12.01
C PRO G 84 5.75 1.24 -10.51
N SER G 85 6.79 1.29 -9.71
CA SER G 85 6.67 1.27 -8.22
C SER G 85 6.08 2.58 -7.69
N GLY G 86 5.91 3.59 -8.53
CA GLY G 86 5.44 4.91 -8.08
C GLY G 86 6.59 5.70 -7.48
N VAL G 87 7.27 5.10 -6.51
CA VAL G 87 8.48 5.74 -5.94
C VAL G 87 9.67 4.84 -6.25
N PRO G 88 10.75 5.37 -6.85
CA PRO G 88 11.89 4.54 -7.25
C PRO G 88 12.74 4.03 -6.07
N THR G 89 13.44 2.92 -6.27
CA THR G 89 14.50 2.53 -5.36
C THR G 89 15.89 2.83 -5.90
N ASP G 90 16.04 2.99 -7.22
CA ASP G 90 17.35 3.26 -7.76
C ASP G 90 17.81 4.65 -7.31
N PRO G 91 19.01 4.78 -6.73
CA PRO G 91 19.41 6.09 -6.19
C PRO G 91 19.45 7.20 -7.22
N THR G 92 19.86 6.91 -8.46
CA THR G 92 19.94 7.94 -9.49
C THR G 92 18.56 8.52 -9.80
N ILE G 93 17.58 7.64 -9.99
CA ILE G 93 16.22 8.13 -10.25
C ILE G 93 15.62 8.71 -8.98
N TYR G 94 15.98 8.17 -7.80
CA TYR G 94 15.37 8.66 -6.56
C TYR G 94 15.68 10.13 -6.32
N ARG G 95 16.92 10.56 -6.60
CA ARG G 95 17.28 11.96 -6.37
C ARG G 95 16.33 12.90 -7.11
N PHE G 96 15.94 12.55 -8.34
CA PHE G 96 15.01 13.40 -9.06
C PHE G 96 13.63 13.38 -8.42
N TYR G 97 13.20 12.19 -7.96
CA TYR G 97 11.97 12.13 -7.19
C TYR G 97 12.07 12.95 -5.91
N GLU G 98 13.24 12.93 -5.26
CA GLU G 98 13.40 13.67 -4.01
C GLU G 98 13.31 15.18 -4.24
N MET G 99 13.87 15.68 -5.33
CA MET G 99 13.70 17.09 -5.64
C MET G 99 12.24 17.49 -5.61
N VAL G 100 11.37 16.67 -6.24
CA VAL G 100 9.95 16.97 -6.27
C VAL G 100 9.34 16.81 -4.88
N GLN G 101 9.77 15.80 -4.14
CA GLN G 101 9.27 15.58 -2.79
C GLN G 101 9.58 16.77 -1.87
N ILE G 102 10.76 17.37 -2.02
CA ILE G 102 11.15 18.48 -1.15
C ILE G 102 10.52 19.78 -1.64
N TYR G 103 10.62 20.08 -2.93
CA TYR G 103 10.20 21.37 -3.48
C TYR G 103 8.84 21.33 -4.13
N GLY G 104 8.09 20.22 -4.00
CA GLY G 104 6.78 20.14 -4.61
C GLY G 104 5.85 21.24 -4.14
N SER G 105 5.76 21.46 -2.83
CA SER G 105 4.91 22.52 -2.30
C SER G 105 5.41 23.91 -2.75
N THR G 106 6.73 24.09 -2.80
CA THR G 106 7.29 25.38 -3.23
C THR G 106 6.99 25.66 -4.70
N LEU G 107 7.16 24.66 -5.56
CA LEU G 107 6.89 24.85 -6.98
C LEU G 107 5.41 25.18 -7.22
N LYS G 108 4.51 24.50 -6.51
CA LYS G 108 3.10 24.88 -6.61
C LYS G 108 2.90 26.31 -6.15
N ALA G 109 3.49 26.68 -5.01
CA ALA G 109 3.28 28.02 -4.47
C ALA G 109 3.77 29.09 -5.44
N LEU G 110 4.95 28.89 -6.02
CA LEU G 110 5.52 29.91 -6.91
C LEU G 110 4.86 29.91 -8.28
N VAL G 111 4.39 28.76 -8.74
CA VAL G 111 3.61 28.73 -9.98
C VAL G 111 2.34 29.55 -9.81
N HIS G 112 1.65 29.38 -8.69
CA HIS G 112 0.43 30.15 -8.45
C HIS G 112 0.72 31.63 -8.25
N GLU G 113 1.89 31.96 -7.68
CA GLU G 113 2.25 33.35 -7.46
C GLU G 113 2.60 34.04 -8.78
N GLN G 114 3.42 33.40 -9.60
CA GLN G 114 3.95 34.05 -10.80
C GLN G 114 3.10 33.82 -12.04
N PHE G 115 2.27 32.79 -12.06
CA PHE G 115 1.42 32.50 -13.22
C PHE G 115 -0.06 32.57 -12.91
N GLY G 116 -0.49 32.05 -11.77
CA GLY G 116 -1.88 32.02 -11.41
C GLY G 116 -2.33 30.61 -11.10
N ASP G 117 -3.63 30.45 -10.94
CA ASP G 117 -4.19 29.13 -10.71
C ASP G 117 -4.01 28.28 -11.95
N GLY G 118 -3.74 27.01 -11.75
CA GLY G 118 -3.55 26.08 -12.85
C GLY G 118 -2.33 25.21 -12.67
N ILE G 119 -1.71 24.79 -13.78
CA ILE G 119 -0.57 23.88 -13.75
C ILE G 119 0.49 24.38 -14.72
N ILE G 120 1.70 23.87 -14.52
CA ILE G 120 2.72 23.82 -15.55
C ILE G 120 2.61 22.46 -16.22
N SER G 121 2.41 22.46 -17.54
CA SER G 121 2.09 21.24 -18.24
C SER G 121 3.26 20.27 -18.24
N ALA G 122 2.94 18.99 -18.19
CA ALA G 122 3.91 17.92 -18.43
C ALA G 122 3.77 17.31 -19.82
N ILE G 123 2.87 17.82 -20.66
CA ILE G 123 2.65 17.31 -22.01
C ILE G 123 3.15 18.31 -23.06
N ASN G 124 2.68 19.56 -22.99
CA ASN G 124 3.32 20.67 -23.68
C ASN G 124 4.61 20.96 -22.91
N PHE G 125 5.61 20.12 -23.15
CA PHE G 125 6.73 20.02 -22.23
C PHE G 125 7.97 19.53 -22.96
N LYS G 126 9.11 20.11 -22.62
CA LYS G 126 10.39 19.71 -23.15
C LYS G 126 11.39 19.61 -22.00
N LEU G 127 12.35 18.70 -22.14
CA LEU G 127 13.32 18.43 -21.09
C LEU G 127 14.71 18.45 -21.70
N ASP G 128 15.67 19.03 -20.99
CA ASP G 128 17.06 19.04 -21.40
C ASP G 128 17.95 18.79 -20.18
N ILE G 129 19.09 18.14 -20.41
CA ILE G 129 20.10 17.94 -19.38
C ILE G 129 21.46 18.30 -19.95
N LYS G 130 22.23 19.11 -19.21
CA LYS G 130 23.49 19.69 -19.65
C LYS G 130 24.55 19.50 -18.58
N LYS G 131 25.75 19.13 -19.00
CA LYS G 131 26.88 18.95 -18.07
C LYS G 131 27.68 20.25 -18.03
N VAL G 132 27.77 20.85 -16.84
CA VAL G 132 28.56 22.07 -16.69
C VAL G 132 29.63 21.83 -15.63
N PRO G 133 30.73 22.58 -15.65
CA PRO G 133 31.73 22.46 -14.57
C PRO G 133 31.18 23.00 -13.27
N ASP G 134 31.75 22.50 -12.17
CA ASP G 134 31.47 23.09 -10.86
C ASP G 134 32.62 24.01 -10.48
N PRO G 135 32.35 25.28 -10.12
CA PRO G 135 33.44 26.21 -9.82
C PRO G 135 34.35 25.75 -8.70
N ASP G 136 33.87 24.87 -7.81
CA ASP G 136 34.67 24.36 -6.71
C ASP G 136 35.23 22.97 -7.01
N GLY G 137 35.36 22.61 -8.28
CA GLY G 137 35.85 21.30 -8.64
C GLY G 137 34.74 20.29 -8.87
N GLY G 138 34.81 19.58 -9.98
CA GLY G 138 33.83 18.55 -10.31
C GLY G 138 32.89 19.02 -11.42
N GLU G 139 31.81 18.26 -11.58
CA GLU G 139 30.81 18.54 -12.59
C GLU G 139 29.43 18.65 -11.96
N ARG G 140 28.56 19.37 -12.64
CA ARG G 140 27.16 19.51 -12.25
C ARG G 140 26.29 19.16 -13.45
N ALA G 141 25.05 18.78 -13.16
CA ALA G 141 24.03 18.59 -14.19
C ALA G 141 22.98 19.67 -14.05
N VAL G 142 22.70 20.36 -15.15
CA VAL G 142 21.64 21.35 -15.20
C VAL G 142 20.50 20.71 -15.99
N ILE G 143 19.41 20.38 -15.31
CA ILE G 143 18.25 19.78 -15.93
C ILE G 143 17.20 20.87 -16.08
N THR G 144 16.77 21.11 -17.31
CA THR G 144 15.82 22.16 -17.61
C THR G 144 14.47 21.51 -17.88
N LEU G 145 13.46 21.92 -17.10
CA LEU G 145 12.08 21.52 -17.32
C LEU G 145 11.35 22.73 -17.89
N ASP G 146 10.74 22.55 -19.08
CA ASP G 146 10.13 23.66 -19.83
C ASP G 146 8.67 23.29 -20.15
N GLY G 147 7.73 23.82 -19.39
CA GLY G 147 6.34 23.45 -19.52
C GLY G 147 5.43 24.64 -19.73
N LYS G 148 4.40 24.44 -20.54
CA LYS G 148 3.41 25.48 -20.79
C LYS G 148 2.54 25.69 -19.56
N TYR G 149 2.22 26.94 -19.27
CA TYR G 149 1.29 27.26 -18.18
C TYR G 149 -0.15 27.12 -18.69
N LEU G 150 -0.93 26.28 -18.02
CA LEU G 150 -2.34 26.11 -18.34
C LEU G 150 -3.18 26.65 -17.18
N PRO G 151 -3.88 27.75 -17.35
CA PRO G 151 -4.62 28.34 -16.23
C PRO G 151 -5.87 27.55 -15.86
N THR G 152 -6.22 27.61 -14.58
CA THR G 152 -7.51 27.15 -14.07
C THR G 152 -8.38 28.38 -13.86
N LYS G 153 -9.46 28.48 -14.62
CA LYS G 153 -10.35 29.63 -14.52
C LYS G 153 -11.76 29.18 -14.15
N PRO G 154 -12.51 30.00 -13.42
CA PRO G 154 -13.91 29.69 -13.17
C PRO G 154 -14.68 29.48 -14.45
N PHE G 155 -15.62 28.55 -14.43
CA PHE G 155 -16.53 28.37 -15.56
C PHE G 155 -17.96 28.22 -15.09
N THR H 1 -31.42 16.39 -1.58
CA THR H 1 -31.14 15.85 -0.26
C THR H 1 -29.77 16.29 0.25
N GLN H 2 -29.70 16.67 1.52
CA GLN H 2 -28.41 17.05 2.10
C GLN H 2 -27.47 15.85 2.16
N SER H 3 -26.21 16.08 1.81
CA SER H 3 -25.18 15.05 1.84
C SER H 3 -23.94 15.61 2.52
N LEU H 4 -23.07 14.72 2.98
CA LEU H 4 -21.86 15.11 3.68
C LEU H 4 -20.62 14.75 2.87
N HIS H 5 -19.57 15.55 3.07
CA HIS H 5 -18.34 15.41 2.32
C HIS H 5 -17.30 14.54 3.00
N HIS H 6 -17.38 14.39 4.33
CA HIS H 6 -16.41 13.61 5.09
C HIS H 6 -17.12 12.79 6.15
N SER H 7 -16.38 11.84 6.73
CA SER H 7 -16.94 10.92 7.73
C SER H 7 -16.95 11.51 9.13
N SER H 8 -16.22 12.59 9.40
CA SER H 8 -15.95 13.01 10.77
C SER H 8 -17.22 13.48 11.47
N SER H 9 -18.00 14.35 10.83
CA SER H 9 -19.18 14.91 11.46
C SER H 9 -20.18 13.82 11.84
N ARG H 10 -20.42 12.86 10.94
CA ARG H 10 -21.29 11.74 11.27
C ARG H 10 -20.61 10.78 12.24
N GLU H 11 -19.28 10.67 12.18
CA GLU H 11 -18.56 9.86 13.15
C GLU H 11 -18.77 10.39 14.56
N ALA H 12 -18.69 11.71 14.72
CA ALA H 12 -18.92 12.29 16.04
C ALA H 12 -20.33 11.98 16.54
N LEU H 13 -21.31 12.03 15.65
CA LEU H 13 -22.68 11.69 16.03
C LEU H 13 -22.77 10.21 16.43
N THR H 14 -22.14 9.33 15.65
CA THR H 14 -22.14 7.91 15.99
C THR H 14 -21.52 7.67 17.37
N ASP H 15 -20.45 8.41 17.70
CA ASP H 15 -19.86 8.30 19.03
C ASP H 15 -20.86 8.69 20.11
N ILE H 16 -21.59 9.78 19.87
CA ILE H 16 -22.60 10.23 20.83
C ILE H 16 -23.72 9.20 20.94
N ILE H 17 -24.12 8.63 19.81
CA ILE H 17 -25.17 7.61 19.80
C ILE H 17 -24.74 6.41 20.63
N MET H 18 -23.53 5.89 20.38
CA MET H 18 -23.08 4.72 21.14
C MET H 18 -22.93 5.03 22.62
N ASP H 19 -22.53 6.26 22.95
CA ASP H 19 -22.40 6.62 24.36
C ASP H 19 -23.75 6.57 25.06
N ALA H 20 -24.80 7.13 24.43
CA ALA H 20 -26.11 7.10 25.03
C ALA H 20 -26.68 5.70 25.05
N LYS H 21 -26.42 4.92 24.00
CA LYS H 21 -26.90 3.54 23.95
C LYS H 21 -26.33 2.72 25.09
N ILE H 22 -25.01 2.81 25.29
CA ILE H 22 -24.38 2.08 26.38
C ILE H 22 -24.85 2.61 27.74
N ARG H 23 -24.86 3.94 27.89
CA ARG H 23 -25.30 4.54 29.16
C ARG H 23 -26.71 4.12 29.51
N LYS H 24 -27.59 4.00 28.52
CA LYS H 24 -28.96 3.60 28.75
C LYS H 24 -29.16 2.09 28.65
N ASN H 25 -28.11 1.33 28.32
CA ASN H 25 -28.18 -0.13 28.22
C ASN H 25 -29.27 -0.56 27.24
N LEU H 26 -29.24 0.03 26.05
CA LEU H 26 -30.25 -0.20 25.04
C LEU H 26 -29.71 -1.08 23.93
N THR H 27 -30.60 -1.88 23.36
CA THR H 27 -30.32 -2.62 22.15
C THR H 27 -30.67 -1.77 20.94
N PHE H 28 -30.09 -2.13 19.79
CA PHE H 28 -30.53 -1.53 18.54
C PHE H 28 -31.99 -1.88 18.26
N GLU H 29 -32.44 -3.05 18.71
CA GLU H 29 -33.84 -3.42 18.52
C GLU H 29 -34.77 -2.51 19.30
N ALA H 30 -34.40 -2.15 20.54
CA ALA H 30 -35.26 -1.25 21.30
C ALA H 30 -35.20 0.17 20.73
N ILE H 31 -34.02 0.59 20.25
CA ILE H 31 -33.90 1.90 19.60
C ILE H 31 -34.75 1.94 18.33
N ASN H 32 -34.92 0.80 17.66
CA ASN H 32 -35.67 0.73 16.40
C ASN H 32 -37.18 0.65 16.61
N GLU H 33 -37.68 0.81 17.82
CA GLU H 33 -39.12 0.71 18.04
C GLU H 33 -39.83 1.92 17.42
N GLY H 34 -40.84 1.64 16.60
CA GLY H 34 -41.68 2.68 16.04
C GLY H 34 -41.17 3.31 14.76
N THR H 35 -40.03 2.87 14.23
CA THR H 35 -39.52 3.49 13.02
C THR H 35 -40.21 2.97 11.77
N GLY H 36 -40.90 1.83 11.85
CA GLY H 36 -41.43 1.19 10.65
C GLY H 36 -40.36 0.75 9.66
N LEU H 37 -39.10 0.68 10.09
CA LEU H 37 -37.98 0.31 9.23
C LEU H 37 -37.26 -0.92 9.79
N SER H 38 -36.55 -1.62 8.91
CA SER H 38 -35.88 -2.84 9.32
C SER H 38 -34.68 -2.54 10.20
N LEU H 39 -34.38 -3.49 11.08
CA LEU H 39 -33.29 -3.30 12.04
C LEU H 39 -31.95 -3.06 11.32
N ALA H 40 -31.72 -3.74 10.19
CA ALA H 40 -30.41 -3.64 9.56
C ALA H 40 -30.21 -2.27 8.92
N PHE H 41 -31.26 -1.68 8.35
CA PHE H 41 -31.12 -0.35 7.77
C PHE H 41 -30.89 0.70 8.85
N VAL H 42 -31.69 0.65 9.93
CA VAL H 42 -31.57 1.69 10.96
C VAL H 42 -30.26 1.55 11.73
N THR H 43 -29.85 0.31 12.03
CA THR H 43 -28.57 0.12 12.70
C THR H 43 -27.43 0.69 11.87
N ALA H 44 -27.43 0.42 10.56
CA ALA H 44 -26.40 0.99 9.68
C ALA H 44 -26.46 2.51 9.66
N ALA H 45 -27.67 3.08 9.68
CA ALA H 45 -27.80 4.53 9.72
C ALA H 45 -27.19 5.09 11.01
N LEU H 46 -27.50 4.47 12.15
CA LEU H 46 -26.94 4.92 13.42
C LEU H 46 -25.41 4.82 13.39
N LEU H 47 -24.88 3.84 12.67
CA LEU H 47 -23.44 3.68 12.51
C LEU H 47 -22.88 4.55 11.38
N GLY H 48 -23.64 5.53 10.91
CA GLY H 48 -23.15 6.50 9.96
C GLY H 48 -23.08 6.04 8.52
N GLN H 49 -23.92 5.08 8.13
CA GLN H 49 -23.86 4.53 6.78
C GLN H 49 -25.10 4.81 5.95
N HIS H 50 -26.17 5.36 6.53
CA HIS H 50 -27.41 5.64 5.82
C HIS H 50 -28.07 6.84 6.44
N PRO H 51 -28.86 7.59 5.66
CA PRO H 51 -29.72 8.61 6.25
C PRO H 51 -30.99 8.00 6.80
N LEU H 52 -31.67 8.76 7.64
CA LEU H 52 -32.96 8.31 8.14
C LEU H 52 -34.03 9.30 7.73
N PRO H 53 -35.24 8.81 7.40
CA PRO H 53 -36.36 9.74 7.23
C PRO H 53 -36.67 10.47 8.52
N GLU H 54 -37.38 11.58 8.39
CA GLU H 54 -37.55 12.49 9.52
C GLU H 54 -38.15 11.77 10.72
N GLN H 55 -39.25 11.04 10.51
CA GLN H 55 -39.91 10.35 11.63
C GLN H 55 -38.98 9.35 12.30
N ALA H 56 -38.27 8.54 11.50
CA ALA H 56 -37.34 7.59 12.09
C ALA H 56 -36.22 8.30 12.82
N ALA H 57 -35.74 9.42 12.27
CA ALA H 57 -34.69 10.17 12.95
C ALA H 57 -35.16 10.71 14.29
N ARG H 58 -36.42 11.15 14.36
CA ARG H 58 -36.91 11.73 15.61
C ARG H 58 -37.15 10.68 16.68
N VAL H 59 -37.47 9.45 16.29
CA VAL H 59 -37.78 8.45 17.30
C VAL H 59 -36.50 7.92 17.94
N VAL H 60 -35.44 7.70 17.14
CA VAL H 60 -34.18 7.27 17.75
C VAL H 60 -33.59 8.38 18.61
N ALA H 61 -33.80 9.64 18.20
CA ALA H 61 -33.33 10.77 19.01
C ALA H 61 -34.11 10.90 20.30
N ALA H 62 -35.39 10.53 20.29
CA ALA H 62 -36.15 10.56 21.53
C ALA H 62 -35.73 9.41 22.45
N LYS H 63 -35.39 8.25 21.87
CA LYS H 63 -34.90 7.14 22.68
C LYS H 63 -33.53 7.43 23.26
N LEU H 64 -32.66 8.10 22.50
CA LEU H 64 -31.29 8.38 22.90
C LEU H 64 -31.09 9.77 23.47
N ASP H 65 -32.15 10.57 23.59
CA ASP H 65 -32.08 11.93 24.13
C ASP H 65 -31.06 12.79 23.38
N LEU H 66 -31.17 12.79 22.05
CA LEU H 66 -30.37 13.64 21.19
C LEU H 66 -31.16 14.90 20.84
N ASP H 67 -30.43 15.97 20.51
CA ASP H 67 -31.06 17.25 20.26
C ASP H 67 -31.53 17.34 18.80
N GLU H 68 -32.04 18.52 18.43
CA GLU H 68 -32.55 18.73 17.08
C GLU H 68 -31.43 18.67 16.05
N ASP H 69 -30.22 19.12 16.40
CA ASP H 69 -29.12 19.10 15.44
C ASP H 69 -28.78 17.66 15.04
N ALA H 70 -28.91 16.72 15.97
CA ALA H 70 -28.69 15.32 15.64
C ALA H 70 -29.79 14.78 14.74
N VAL H 71 -31.03 15.23 14.92
CA VAL H 71 -32.12 14.79 14.06
C VAL H 71 -31.90 15.23 12.63
N ARG H 72 -31.36 16.43 12.43
CA ARG H 72 -31.07 16.89 11.08
C ARG H 72 -29.86 16.18 10.50
N LEU H 73 -28.81 15.96 11.30
CA LEU H 73 -27.65 15.24 10.81
C LEU H 73 -27.98 13.80 10.46
N LEU H 74 -28.90 13.18 11.20
CA LEU H 74 -29.31 11.81 10.90
C LEU H 74 -30.04 11.71 9.57
N GLN H 75 -30.59 12.81 9.06
CA GLN H 75 -31.31 12.82 7.80
C GLN H 75 -30.42 13.12 6.60
N THR H 76 -29.12 13.38 6.81
CA THR H 76 -28.22 13.70 5.72
C THR H 76 -27.54 12.44 5.20
N ILE H 77 -27.25 12.43 3.91
CA ILE H 77 -26.60 11.28 3.27
C ILE H 77 -25.12 11.30 3.65
N PRO H 78 -24.62 10.25 4.29
CA PRO H 78 -23.22 10.24 4.71
C PRO H 78 -22.29 9.86 3.55
N LEU H 79 -21.00 10.07 3.80
CA LEU H 79 -19.95 9.48 2.96
C LEU H 79 -19.74 8.04 3.44
N ARG H 80 -20.16 7.07 2.64
CA ARG H 80 -20.32 5.72 3.15
C ARG H 80 -19.01 4.94 3.19
N GLY H 81 -18.98 3.93 4.05
CA GLY H 81 -17.84 3.05 4.19
C GLY H 81 -17.58 2.80 5.65
N SER H 82 -17.72 1.54 6.08
CA SER H 82 -17.61 1.09 7.49
C SER H 82 -16.25 0.44 7.77
N ILE H 83 -15.47 0.18 6.72
CA ILE H 83 -14.14 -0.46 6.88
C ILE H 83 -13.10 0.45 6.22
N PRO H 84 -12.62 1.48 6.94
CA PRO H 84 -11.66 2.44 6.38
C PRO H 84 -10.33 1.80 5.94
N SER H 85 -9.93 0.72 6.60
CA SER H 85 -8.66 0.01 6.26
C SER H 85 -8.79 -0.78 4.96
N GLY H 86 -9.98 -0.84 4.36
CA GLY H 86 -10.21 -1.68 3.16
C GLY H 86 -10.41 -3.12 3.58
N VAL H 87 -9.44 -3.68 4.28
CA VAL H 87 -9.59 -5.04 4.84
C VAL H 87 -9.63 -4.89 6.37
N PRO H 88 -10.68 -5.42 7.04
CA PRO H 88 -10.82 -5.27 8.48
C PRO H 88 -9.75 -6.05 9.28
N THR H 89 -9.44 -5.59 10.50
CA THR H 89 -8.74 -6.45 11.46
C THR H 89 -9.67 -7.08 12.48
N ASP H 90 -10.86 -6.51 12.70
CA ASP H 90 -11.79 -7.08 13.67
C ASP H 90 -12.23 -8.45 13.19
N PRO H 91 -12.13 -9.49 14.03
CA PRO H 91 -12.44 -10.85 13.54
C PRO H 91 -13.87 -11.02 13.08
N THR H 92 -14.84 -10.43 13.80
CA THR H 92 -16.24 -10.58 13.41
C THR H 92 -16.47 -10.05 12.01
N ILE H 93 -15.94 -8.86 11.72
CA ILE H 93 -16.08 -8.30 10.38
C ILE H 93 -15.23 -9.06 9.38
N TYR H 94 -14.01 -9.46 9.80
CA TYR H 94 -13.10 -10.12 8.85
C TYR H 94 -13.70 -11.41 8.30
N ARG H 95 -14.45 -12.16 9.12
CA ARG H 95 -15.07 -13.39 8.62
C ARG H 95 -15.93 -13.11 7.40
N PHE H 96 -16.72 -12.03 7.46
CA PHE H 96 -17.56 -11.68 6.31
C PHE H 96 -16.72 -11.29 5.12
N TYR H 97 -15.62 -10.54 5.34
CA TYR H 97 -14.69 -10.26 4.25
C TYR H 97 -14.08 -11.54 3.71
N GLU H 98 -13.81 -12.51 4.59
CA GLU H 98 -13.19 -13.76 4.14
C GLU H 98 -14.13 -14.55 3.26
N MET H 99 -15.44 -14.45 3.52
CA MET H 99 -16.40 -15.13 2.66
C MET H 99 -16.28 -14.65 1.23
N VAL H 100 -16.10 -13.34 1.03
CA VAL H 100 -15.95 -12.81 -0.32
C VAL H 100 -14.58 -13.16 -0.88
N GLN H 101 -13.54 -13.12 -0.04
CA GLN H 101 -12.20 -13.51 -0.47
C GLN H 101 -12.20 -14.93 -1.02
N ILE H 102 -12.89 -15.84 -0.35
CA ILE H 102 -12.87 -17.25 -0.75
C ILE H 102 -13.81 -17.49 -1.93
N TYR H 103 -15.05 -17.03 -1.82
CA TYR H 103 -16.06 -17.35 -2.81
C TYR H 103 -16.28 -16.25 -3.84
N GLY H 104 -15.38 -15.27 -3.91
CA GLY H 104 -15.60 -14.14 -4.82
C GLY H 104 -15.63 -14.56 -6.28
N SER H 105 -14.64 -15.35 -6.70
CA SER H 105 -14.63 -15.80 -8.09
C SER H 105 -15.77 -16.78 -8.38
N THR H 106 -16.18 -17.57 -7.37
CA THR H 106 -17.33 -18.45 -7.54
C THR H 106 -18.63 -17.64 -7.72
N LEU H 107 -18.81 -16.59 -6.92
CA LEU H 107 -20.01 -15.78 -7.04
C LEU H 107 -20.10 -15.14 -8.41
N LYS H 108 -18.99 -14.56 -8.89
CA LYS H 108 -18.98 -14.04 -10.25
C LYS H 108 -19.33 -15.13 -11.27
N ALA H 109 -18.65 -16.28 -11.18
CA ALA H 109 -18.90 -17.37 -12.13
C ALA H 109 -20.38 -17.78 -12.14
N LEU H 110 -20.97 -17.97 -10.96
CA LEU H 110 -22.36 -18.42 -10.89
C LEU H 110 -23.33 -17.30 -11.23
N VAL H 111 -22.97 -16.05 -10.94
CA VAL H 111 -23.83 -14.96 -11.39
C VAL H 111 -23.88 -14.90 -12.91
N HIS H 112 -22.73 -15.05 -13.57
CA HIS H 112 -22.73 -15.02 -15.04
C HIS H 112 -23.39 -16.26 -15.62
N GLU H 113 -23.30 -17.40 -14.93
CA GLU H 113 -23.96 -18.61 -15.43
C GLU H 113 -25.48 -18.51 -15.29
N GLN H 114 -25.97 -18.11 -14.12
CA GLN H 114 -27.39 -18.15 -13.85
C GLN H 114 -28.14 -16.90 -14.28
N PHE H 115 -27.45 -15.76 -14.36
CA PHE H 115 -28.09 -14.50 -14.75
C PHE H 115 -27.60 -13.98 -16.09
N GLY H 116 -26.29 -13.89 -16.28
CA GLY H 116 -25.70 -13.38 -17.50
C GLY H 116 -24.62 -12.37 -17.17
N ASP H 117 -24.14 -11.69 -18.19
CA ASP H 117 -23.14 -10.65 -17.96
C ASP H 117 -23.75 -9.51 -17.15
N GLY H 118 -22.93 -8.90 -16.31
CA GLY H 118 -23.41 -7.82 -15.46
C GLY H 118 -23.09 -8.03 -13.99
N ILE H 119 -23.94 -7.50 -13.10
CA ILE H 119 -23.64 -7.50 -11.68
C ILE H 119 -24.89 -7.87 -10.90
N ILE H 120 -24.69 -8.23 -9.63
CA ILE H 120 -25.73 -8.20 -8.62
C ILE H 120 -25.54 -6.92 -7.81
N SER H 121 -26.55 -6.07 -7.78
CA SER H 121 -26.35 -4.71 -7.31
C SER H 121 -26.18 -4.65 -5.80
N ALA H 122 -25.34 -3.73 -5.35
CA ALA H 122 -25.23 -3.43 -3.93
C ALA H 122 -26.03 -2.19 -3.53
N ILE H 123 -26.93 -1.71 -4.40
CA ILE H 123 -27.71 -0.51 -4.11
C ILE H 123 -29.20 -0.84 -4.12
N ASN H 124 -29.69 -1.43 -5.21
CA ASN H 124 -30.99 -2.11 -5.19
C ASN H 124 -30.76 -3.42 -4.43
N PHE H 125 -30.72 -3.30 -3.10
CA PHE H 125 -30.12 -4.34 -2.28
C PHE H 125 -30.68 -4.29 -0.87
N LYS H 126 -30.95 -5.46 -0.31
CA LYS H 126 -31.46 -5.60 1.05
C LYS H 126 -30.66 -6.68 1.77
N LEU H 127 -30.37 -6.45 3.04
CA LEU H 127 -29.59 -7.37 3.86
C LEU H 127 -30.43 -7.78 5.06
N ASP H 128 -30.29 -9.03 5.48
CA ASP H 128 -31.02 -9.54 6.64
C ASP H 128 -30.14 -10.56 7.35
N ILE H 129 -30.34 -10.70 8.67
CA ILE H 129 -29.61 -11.68 9.47
C ILE H 129 -30.58 -12.31 10.46
N LYS H 130 -30.61 -13.65 10.50
CA LYS H 130 -31.49 -14.40 11.38
C LYS H 130 -30.71 -15.44 12.14
N LYS H 131 -31.15 -15.71 13.37
CA LYS H 131 -30.56 -16.74 14.22
C LYS H 131 -31.38 -18.00 14.11
N VAL H 132 -30.75 -19.10 13.70
CA VAL H 132 -31.43 -20.39 13.63
C VAL H 132 -30.63 -21.39 14.47
N PRO H 133 -31.26 -22.45 14.96
CA PRO H 133 -30.51 -23.45 15.71
C PRO H 133 -29.63 -24.30 14.80
N ASP H 134 -28.54 -24.77 15.35
CA ASP H 134 -27.70 -25.74 14.65
C ASP H 134 -28.16 -27.14 15.05
N PRO H 135 -28.42 -28.03 14.07
CA PRO H 135 -28.87 -29.39 14.43
C PRO H 135 -27.86 -30.17 15.26
N ASP H 136 -26.59 -29.77 15.26
CA ASP H 136 -25.57 -30.40 16.09
C ASP H 136 -25.34 -29.63 17.39
N GLY H 137 -26.28 -28.78 17.79
CA GLY H 137 -26.09 -27.96 18.96
C GLY H 137 -25.49 -26.60 18.61
N GLY H 138 -25.88 -25.60 19.39
CA GLY H 138 -25.45 -24.24 19.14
C GLY H 138 -26.38 -23.52 18.18
N GLU H 139 -25.97 -22.29 17.84
CA GLU H 139 -26.75 -21.44 16.95
C GLU H 139 -25.96 -21.14 15.68
N ARG H 140 -26.68 -20.73 14.64
CA ARG H 140 -26.07 -20.28 13.40
C ARG H 140 -26.73 -18.98 12.96
N ALA H 141 -25.97 -18.19 12.21
CA ALA H 141 -26.49 -16.96 11.59
C ALA H 141 -26.70 -17.20 10.11
N VAL H 142 -27.90 -16.89 9.62
CA VAL H 142 -28.19 -16.94 8.20
C VAL H 142 -28.29 -15.49 7.72
N ILE H 143 -27.29 -15.05 6.96
CA ILE H 143 -27.25 -13.70 6.42
C ILE H 143 -27.65 -13.77 4.96
N THR H 144 -28.68 -13.03 4.60
CA THR H 144 -29.25 -13.05 3.26
C THR H 144 -28.86 -11.76 2.56
N LEU H 145 -28.20 -11.88 1.42
CA LEU H 145 -27.93 -10.75 0.55
C LEU H 145 -28.89 -10.83 -0.63
N ASP H 146 -29.72 -9.81 -0.80
CA ASP H 146 -30.79 -9.80 -1.80
C ASP H 146 -30.58 -8.60 -2.72
N GLY H 147 -29.96 -8.82 -3.87
CA GLY H 147 -29.60 -7.75 -4.79
C GLY H 147 -30.20 -7.97 -6.16
N LYS H 148 -30.59 -6.88 -6.81
CA LYS H 148 -31.17 -6.94 -8.15
C LYS H 148 -30.09 -7.23 -9.17
N TYR H 149 -30.42 -8.07 -10.14
CA TYR H 149 -29.50 -8.36 -11.23
C TYR H 149 -29.59 -7.25 -12.27
N LEU H 150 -28.46 -6.64 -12.60
CA LEU H 150 -28.41 -5.62 -13.63
C LEU H 150 -27.50 -6.10 -14.76
N PRO H 151 -28.02 -6.31 -15.96
CA PRO H 151 -27.20 -6.91 -17.01
C PRO H 151 -26.29 -5.91 -17.69
N THR H 152 -25.15 -6.42 -18.14
CA THR H 152 -24.28 -5.71 -19.07
C THR H 152 -24.65 -6.15 -20.49
N LYS H 153 -25.29 -5.25 -21.23
CA LYS H 153 -25.71 -5.49 -22.60
C LYS H 153 -24.80 -4.76 -23.57
N PRO H 154 -24.47 -5.38 -24.71
CA PRO H 154 -23.70 -4.66 -25.73
C PRO H 154 -24.46 -3.44 -26.23
N PHE H 155 -23.72 -2.35 -26.45
CA PHE H 155 -24.34 -1.12 -26.93
C PHE H 155 -23.54 -0.50 -28.07
N THR I 1 -1.35 34.87 -6.87
CA THR I 1 -2.57 34.51 -6.18
C THR I 1 -2.27 33.62 -4.97
N GLN I 2 -2.93 33.91 -3.84
CA GLN I 2 -2.71 33.15 -2.62
C GLN I 2 -3.05 31.67 -2.82
N SER I 3 -2.15 30.80 -2.39
CA SER I 3 -2.33 29.36 -2.41
C SER I 3 -2.27 28.82 -0.98
N LEU I 4 -2.60 27.55 -0.84
CA LEU I 4 -2.56 26.88 0.45
C LEU I 4 -1.67 25.65 0.35
N HIS I 5 -0.94 25.37 1.42
CA HIS I 5 -0.01 24.26 1.43
C HIS I 5 -0.64 22.94 1.84
N HIS I 6 -1.80 22.95 2.49
CA HIS I 6 -2.46 21.69 2.80
C HIS I 6 -3.95 21.93 3.05
N SER I 7 -4.64 20.83 3.37
CA SER I 7 -6.08 20.70 3.26
C SER I 7 -6.81 21.36 4.43
N SER I 8 -6.18 21.46 5.60
CA SER I 8 -6.92 21.61 6.85
C SER I 8 -7.65 22.95 6.96
N SER I 9 -6.99 24.05 6.59
CA SER I 9 -7.65 25.35 6.70
C SER I 9 -8.87 25.42 5.78
N ARG I 10 -8.76 24.85 4.58
CA ARG I 10 -9.94 24.74 3.72
C ARG I 10 -10.88 23.65 4.22
N GLU I 11 -10.34 22.57 4.81
CA GLU I 11 -11.17 21.52 5.35
C GLU I 11 -12.06 22.04 6.46
N ALA I 12 -11.49 22.80 7.40
CA ALA I 12 -12.28 23.41 8.45
C ALA I 12 -13.36 24.32 7.88
N LEU I 13 -13.02 25.12 6.88
CA LEU I 13 -14.03 25.98 6.26
C LEU I 13 -15.10 25.15 5.56
N THR I 14 -14.70 24.07 4.89
CA THR I 14 -15.68 23.22 4.21
C THR I 14 -16.69 22.64 5.20
N ASP I 15 -16.23 22.22 6.37
CA ASP I 15 -17.16 21.77 7.40
C ASP I 15 -18.08 22.89 7.85
N ILE I 16 -17.53 24.08 8.07
CA ILE I 16 -18.34 25.23 8.43
C ILE I 16 -19.38 25.50 7.34
N ILE I 17 -18.94 25.45 6.08
CA ILE I 17 -19.86 25.65 4.95
C ILE I 17 -20.95 24.60 4.96
N MET I 18 -20.58 23.31 5.07
CA MET I 18 -21.57 22.24 5.05
C MET I 18 -22.50 22.35 6.24
N ASP I 19 -21.95 22.66 7.42
CA ASP I 19 -22.78 22.82 8.62
C ASP I 19 -23.84 23.88 8.43
N ALA I 20 -23.44 25.05 7.91
CA ALA I 20 -24.42 26.11 7.69
C ALA I 20 -25.44 25.72 6.63
N LYS I 21 -24.98 25.07 5.56
CA LYS I 21 -25.88 24.62 4.50
C LYS I 21 -26.97 23.71 5.05
N ILE I 22 -26.58 22.72 5.85
CA ILE I 22 -27.56 21.78 6.41
C ILE I 22 -28.48 22.47 7.40
N ARG I 23 -27.94 23.40 8.20
CA ARG I 23 -28.77 24.14 9.15
C ARG I 23 -29.80 25.00 8.44
N LYS I 24 -29.40 25.64 7.34
CA LYS I 24 -30.30 26.50 6.58
C LYS I 24 -31.10 25.73 5.54
N ASN I 25 -30.87 24.42 5.42
CA ASN I 25 -31.58 23.57 4.47
C ASN I 25 -31.43 24.07 3.04
N LEU I 26 -30.23 24.53 2.69
CA LEU I 26 -29.98 25.10 1.39
C LEU I 26 -29.44 24.03 0.42
N THR I 27 -29.76 24.23 -0.85
CA THR I 27 -29.19 23.47 -1.96
C THR I 27 -28.00 24.23 -2.52
N PHE I 28 -27.08 23.48 -3.14
CA PHE I 28 -25.95 24.12 -3.80
C PHE I 28 -26.44 25.09 -4.88
N GLU I 29 -27.52 24.73 -5.59
CA GLU I 29 -28.08 25.62 -6.61
C GLU I 29 -28.54 26.94 -5.99
N ALA I 30 -29.21 26.87 -4.84
CA ALA I 30 -29.62 28.10 -4.16
C ALA I 30 -28.41 28.92 -3.72
N ILE I 31 -27.38 28.24 -3.18
CA ILE I 31 -26.19 28.96 -2.72
C ILE I 31 -25.50 29.66 -3.86
N ASN I 32 -25.58 29.09 -5.06
CA ASN I 32 -24.89 29.61 -6.24
C ASN I 32 -25.66 30.71 -6.95
N GLU I 33 -26.79 31.17 -6.43
CA GLU I 33 -27.60 32.14 -7.14
C GLU I 33 -26.85 33.47 -7.30
N GLY I 34 -26.78 33.96 -8.53
CA GLY I 34 -26.22 35.27 -8.79
C GLY I 34 -24.72 35.32 -9.02
N THR I 35 -24.03 34.17 -9.00
CA THR I 35 -22.59 34.20 -9.19
C THR I 35 -22.17 34.24 -10.65
N GLY I 36 -23.06 33.86 -11.57
CA GLY I 36 -22.67 33.72 -12.95
C GLY I 36 -21.73 32.57 -13.24
N LEU I 37 -21.49 31.68 -12.27
CA LEU I 37 -20.62 30.53 -12.46
C LEU I 37 -21.44 29.26 -12.54
N SER I 38 -20.84 28.23 -13.13
CA SER I 38 -21.47 26.91 -13.24
C SER I 38 -21.60 26.26 -11.87
N LEU I 39 -22.69 25.51 -11.69
CA LEU I 39 -22.94 24.85 -10.41
C LEU I 39 -21.84 23.86 -10.06
N ALA I 40 -21.24 23.19 -11.06
CA ALA I 40 -20.20 22.21 -10.77
C ALA I 40 -18.94 22.87 -10.25
N PHE I 41 -18.57 24.04 -10.79
CA PHE I 41 -17.36 24.72 -10.32
C PHE I 41 -17.53 25.25 -8.91
N VAL I 42 -18.64 25.96 -8.65
CA VAL I 42 -18.85 26.58 -7.33
C VAL I 42 -19.01 25.51 -6.26
N THR I 43 -19.75 24.43 -6.56
CA THR I 43 -19.87 23.35 -5.60
C THR I 43 -18.51 22.77 -5.27
N ALA I 44 -17.69 22.55 -6.29
CA ALA I 44 -16.33 22.08 -6.07
C ALA I 44 -15.53 23.04 -5.20
N ALA I 45 -15.66 24.35 -5.46
CA ALA I 45 -14.99 25.34 -4.62
C ALA I 45 -15.45 25.24 -3.17
N LEU I 46 -16.77 25.22 -2.96
CA LEU I 46 -17.29 25.12 -1.60
C LEU I 46 -16.79 23.85 -0.91
N LEU I 47 -16.61 22.77 -1.67
CA LEU I 47 -16.03 21.53 -1.16
C LEU I 47 -14.50 21.59 -1.11
N GLY I 48 -13.91 22.76 -1.27
CA GLY I 48 -12.49 22.93 -1.04
C GLY I 48 -11.58 22.57 -2.19
N GLN I 49 -12.08 22.59 -3.43
CA GLN I 49 -11.28 22.16 -4.58
C GLN I 49 -10.97 23.28 -5.55
N HIS I 50 -11.52 24.47 -5.37
CA HIS I 50 -11.28 25.58 -6.28
C HIS I 50 -11.32 26.87 -5.49
N PRO I 51 -10.66 27.92 -5.98
CA PRO I 51 -10.90 29.26 -5.43
C PRO I 51 -12.11 29.89 -6.10
N LEU I 52 -12.67 30.88 -5.42
CA LEU I 52 -13.75 31.64 -6.00
C LEU I 52 -13.32 33.08 -6.23
N PRO I 53 -13.79 33.71 -7.31
CA PRO I 53 -13.63 35.17 -7.41
C PRO I 53 -14.31 35.85 -6.24
N GLU I 54 -13.89 37.09 -5.98
CA GLU I 54 -14.38 37.80 -4.80
C GLU I 54 -15.91 37.92 -4.80
N GLN I 55 -16.50 38.25 -5.94
CA GLN I 55 -17.95 38.41 -6.00
C GLN I 55 -18.66 37.14 -5.59
N ALA I 56 -18.21 35.99 -6.10
CA ALA I 56 -18.88 34.74 -5.76
C ALA I 56 -18.59 34.34 -4.32
N ALA I 57 -17.39 34.64 -3.82
CA ALA I 57 -17.08 34.35 -2.42
C ALA I 57 -17.96 35.17 -1.48
N ARG I 58 -18.15 36.46 -1.78
CA ARG I 58 -19.00 37.28 -0.91
C ARG I 58 -20.46 36.88 -1.04
N VAL I 59 -20.85 36.36 -2.21
CA VAL I 59 -22.23 35.96 -2.42
C VAL I 59 -22.54 34.69 -1.63
N VAL I 60 -21.69 33.66 -1.77
CA VAL I 60 -21.93 32.44 -1.00
C VAL I 60 -21.78 32.71 0.49
N ALA I 61 -20.92 33.66 0.88
CA ALA I 61 -20.77 33.96 2.29
C ALA I 61 -22.01 34.63 2.85
N ALA I 62 -22.67 35.47 2.03
CA ALA I 62 -23.91 36.09 2.48
C ALA I 62 -25.01 35.05 2.69
N LYS I 63 -25.06 34.04 1.83
CA LYS I 63 -26.10 33.01 1.96
C LYS I 63 -25.83 32.04 3.10
N LEU I 64 -24.58 31.94 3.56
CA LEU I 64 -24.22 31.01 4.62
C LEU I 64 -23.81 31.71 5.92
N ASP I 65 -23.92 33.04 5.97
CA ASP I 65 -23.54 33.83 7.16
C ASP I 65 -22.08 33.60 7.54
N LEU I 66 -21.19 33.74 6.57
CA LEU I 66 -19.76 33.58 6.78
C LEU I 66 -19.08 34.94 6.89
N ASP I 67 -18.03 34.99 7.70
CA ASP I 67 -17.36 36.26 7.98
C ASP I 67 -16.34 36.59 6.90
N GLU I 68 -15.65 37.72 7.06
CA GLU I 68 -14.69 38.15 6.06
C GLU I 68 -13.49 37.22 5.98
N ASP I 69 -13.18 36.51 7.07
CA ASP I 69 -12.11 35.53 7.02
C ASP I 69 -12.45 34.41 6.04
N ALA I 70 -13.71 33.99 6.00
CA ALA I 70 -14.10 32.96 5.05
C ALA I 70 -14.06 33.49 3.63
N VAL I 71 -14.42 34.77 3.43
CA VAL I 71 -14.37 35.35 2.09
C VAL I 71 -12.96 35.33 1.53
N ARG I 72 -11.98 35.71 2.35
CA ARG I 72 -10.58 35.69 1.89
C ARG I 72 -10.12 34.28 1.59
N LEU I 73 -10.42 33.31 2.46
CA LEU I 73 -9.95 31.95 2.25
C LEU I 73 -10.59 31.30 1.04
N LEU I 74 -11.86 31.62 0.76
CA LEU I 74 -12.52 31.07 -0.43
C LEU I 74 -11.88 31.57 -1.71
N GLN I 75 -11.08 32.63 -1.65
CA GLN I 75 -10.38 33.13 -2.82
C GLN I 75 -8.98 32.59 -2.94
N THR I 76 -8.55 31.72 -2.03
CA THR I 76 -7.21 31.16 -2.09
C THR I 76 -7.23 29.81 -2.81
N ILE I 77 -6.13 29.49 -3.47
CA ILE I 77 -6.03 28.26 -4.23
C ILE I 77 -5.76 27.11 -3.26
N PRO I 78 -6.59 26.08 -3.24
CA PRO I 78 -6.39 24.97 -2.30
C PRO I 78 -5.40 23.96 -2.85
N LEU I 79 -4.94 23.09 -1.95
CA LEU I 79 -4.28 21.85 -2.33
C LEU I 79 -5.36 20.87 -2.76
N ARG I 80 -5.40 20.53 -4.05
CA ARG I 80 -6.56 19.87 -4.61
C ARG I 80 -6.51 18.35 -4.44
N GLY I 81 -7.70 17.76 -4.33
CA GLY I 81 -7.86 16.33 -4.16
C GLY I 81 -9.08 16.06 -3.30
N SER I 82 -10.08 15.36 -3.85
CA SER I 82 -11.39 15.10 -3.17
C SER I 82 -11.42 13.68 -2.59
N ILE I 83 -10.51 12.81 -3.03
CA ILE I 83 -10.47 11.40 -2.56
C ILE I 83 -9.09 11.13 -1.98
N PRO I 84 -8.91 11.32 -0.67
CA PRO I 84 -7.58 11.16 -0.05
C PRO I 84 -7.04 9.73 -0.16
N SER I 85 -7.92 8.74 -0.08
CA SER I 85 -7.51 7.32 -0.18
C SER I 85 -7.03 6.99 -1.59
N GLY I 86 -7.27 7.87 -2.56
CA GLY I 86 -6.96 7.56 -3.96
C GLY I 86 -8.08 6.75 -4.57
N VAL I 87 -8.55 5.73 -3.84
CA VAL I 87 -9.72 4.95 -4.29
C VAL I 87 -10.81 5.13 -3.24
N PRO I 88 -12.02 5.57 -3.61
CA PRO I 88 -13.06 5.84 -2.63
C PRO I 88 -13.73 4.56 -2.12
N THR I 89 -14.29 4.60 -0.92
CA THR I 89 -15.21 3.55 -0.50
C THR I 89 -16.67 3.93 -0.71
N ASP I 90 -16.99 5.21 -0.73
CA ASP I 90 -18.37 5.63 -0.92
C ASP I 90 -18.87 5.12 -2.26
N PRO I 91 -20.01 4.42 -2.30
CA PRO I 91 -20.46 3.84 -3.58
C PRO I 91 -20.72 4.88 -4.65
N THR I 92 -21.24 6.05 -4.28
CA THR I 92 -21.59 7.04 -5.29
C THR I 92 -20.35 7.56 -6.01
N ILE I 93 -19.30 7.86 -5.25
CA ILE I 93 -18.02 8.26 -5.84
C ILE I 93 -17.35 7.07 -6.52
N TYR I 94 -17.49 5.86 -5.96
CA TYR I 94 -16.76 4.73 -6.53
C TYR I 94 -17.21 4.38 -7.94
N ARG I 95 -18.50 4.58 -8.25
CA ARG I 95 -19.01 4.25 -9.57
C ARG I 95 -18.28 5.04 -10.66
N PHE I 96 -18.03 6.32 -10.41
CA PHE I 96 -17.25 7.11 -11.35
C PHE I 96 -15.80 6.65 -11.40
N TYR I 97 -15.25 6.22 -10.27
CA TYR I 97 -13.93 5.61 -10.33
C TYR I 97 -13.97 4.31 -11.13
N GLU I 98 -15.05 3.54 -11.00
CA GLU I 98 -15.17 2.28 -11.73
C GLU I 98 -15.23 2.53 -13.24
N MET I 99 -15.93 3.59 -13.65
CA MET I 99 -15.97 3.94 -15.07
C MET I 99 -14.55 4.11 -15.61
N VAL I 100 -13.67 4.74 -14.84
CA VAL I 100 -12.31 4.97 -15.31
C VAL I 100 -11.52 3.66 -15.28
N GLN I 101 -11.72 2.85 -14.24
CA GLN I 101 -11.05 1.56 -14.17
C GLN I 101 -11.44 0.66 -15.35
N ILE I 102 -12.71 0.66 -15.74
CA ILE I 102 -13.17 -0.22 -16.82
C ILE I 102 -12.78 0.34 -18.18
N TYR I 103 -13.01 1.63 -18.42
CA TYR I 103 -12.85 2.20 -19.75
C TYR I 103 -11.58 3.01 -19.90
N GLY I 104 -10.67 2.98 -18.91
CA GLY I 104 -9.44 3.75 -19.01
C GLY I 104 -8.64 3.42 -20.26
N SER I 105 -8.31 2.13 -20.46
CA SER I 105 -7.55 1.75 -21.64
C SER I 105 -8.29 2.07 -22.94
N THR I 106 -9.63 1.98 -22.92
CA THR I 106 -10.39 2.31 -24.11
C THR I 106 -10.25 3.79 -24.46
N LEU I 107 -10.40 4.67 -23.45
CA LEU I 107 -10.34 6.10 -23.71
C LEU I 107 -8.95 6.51 -24.21
N LYS I 108 -7.91 5.91 -23.65
CA LYS I 108 -6.57 6.18 -24.18
C LYS I 108 -6.48 5.76 -25.64
N ALA I 109 -6.92 4.54 -25.95
CA ALA I 109 -6.87 4.04 -27.33
C ALA I 109 -7.63 4.94 -28.28
N LEU I 110 -8.85 5.34 -27.90
CA LEU I 110 -9.67 6.15 -28.78
C LEU I 110 -9.17 7.59 -28.85
N VAL I 111 -8.54 8.09 -27.79
CA VAL I 111 -7.99 9.44 -27.87
C VAL I 111 -6.84 9.49 -28.87
N HIS I 112 -5.95 8.49 -28.83
CA HIS I 112 -4.83 8.45 -29.75
C HIS I 112 -5.30 8.21 -31.19
N GLU I 113 -6.36 7.41 -31.38
CA GLU I 113 -6.87 7.14 -32.73
C GLU I 113 -7.52 8.38 -33.32
N GLN I 114 -8.38 9.05 -32.56
CA GLN I 114 -9.14 10.17 -33.09
C GLN I 114 -8.39 11.49 -33.01
N PHE I 115 -7.56 11.70 -31.99
CA PHE I 115 -6.83 12.95 -31.82
C PHE I 115 -5.35 12.82 -32.16
N GLY I 116 -4.67 11.80 -31.63
CA GLY I 116 -3.25 11.59 -31.79
C GLY I 116 -2.58 11.35 -30.45
N ASP I 117 -1.26 11.32 -30.45
CA ASP I 117 -0.51 11.19 -29.21
C ASP I 117 -0.71 12.43 -28.35
N GLY I 118 -0.71 12.24 -27.04
CA GLY I 118 -0.97 13.31 -26.10
C GLY I 118 -2.04 12.96 -25.09
N ILE I 119 -2.75 13.97 -24.59
CA ILE I 119 -3.73 13.80 -23.53
C ILE I 119 -4.97 14.61 -23.87
N ILE I 120 -6.06 14.29 -23.17
CA ILE I 120 -7.18 15.20 -22.99
C ILE I 120 -6.98 15.88 -21.64
N SER I 121 -6.88 17.22 -21.66
CA SER I 121 -6.53 17.95 -20.46
C SER I 121 -7.57 17.79 -19.36
N ALA I 122 -7.11 17.73 -18.11
CA ALA I 122 -7.97 17.86 -16.94
C ALA I 122 -7.95 19.27 -16.35
N ILE I 123 -7.20 20.20 -16.94
CA ILE I 123 -7.11 21.59 -16.48
C ILE I 123 -7.85 22.54 -17.41
N ASN I 124 -7.55 22.49 -18.70
CA ASN I 124 -8.38 23.15 -19.71
C ASN I 124 -9.60 22.26 -19.91
N PHE I 125 -10.54 22.39 -18.97
CA PHE I 125 -11.51 21.33 -18.72
C PHE I 125 -12.69 21.89 -17.95
N LYS I 126 -13.89 21.43 -18.29
CA LYS I 126 -15.08 21.76 -17.52
C LYS I 126 -15.95 20.52 -17.41
N LEU I 127 -16.72 20.47 -16.33
CA LEU I 127 -17.54 19.31 -15.99
C LEU I 127 -19.00 19.74 -15.95
N ASP I 128 -19.87 18.83 -16.35
CA ASP I 128 -21.30 19.10 -16.33
C ASP I 128 -22.05 17.81 -16.03
N ILE I 129 -23.15 17.93 -15.28
CA ILE I 129 -24.03 16.81 -14.98
C ILE I 129 -25.48 17.23 -15.25
N LYS I 130 -26.22 16.38 -15.94
CA LYS I 130 -27.57 16.69 -16.37
C LYS I 130 -28.48 15.52 -16.06
N LYS I 131 -29.70 15.83 -15.61
CA LYS I 131 -30.72 14.83 -15.33
C LYS I 131 -31.64 14.70 -16.53
N VAL I 132 -31.77 13.48 -17.06
CA VAL I 132 -32.66 13.21 -18.18
C VAL I 132 -33.50 12.00 -17.85
N PRO I 133 -34.67 11.86 -18.47
CA PRO I 133 -35.50 10.68 -18.23
C PRO I 133 -34.92 9.45 -18.91
N ASP I 134 -35.24 8.30 -18.34
CA ASP I 134 -34.91 7.03 -19.00
C ASP I 134 -36.12 6.56 -19.82
N PRO I 135 -35.93 6.22 -21.09
CA PRO I 135 -37.08 5.80 -21.92
C PRO I 135 -37.82 4.59 -21.37
N ASP I 136 -37.18 3.77 -20.54
CA ASP I 136 -37.83 2.61 -19.93
C ASP I 136 -38.16 2.84 -18.46
N GLY I 137 -38.46 4.08 -18.09
CA GLY I 137 -38.80 4.39 -16.72
C GLY I 137 -37.58 4.71 -15.88
N GLY I 138 -37.72 5.68 -14.97
CA GLY I 138 -36.61 6.13 -14.16
C GLY I 138 -35.91 7.32 -14.76
N GLU I 139 -34.73 7.61 -14.19
CA GLU I 139 -33.94 8.76 -14.58
C GLU I 139 -32.49 8.33 -14.84
N ARG I 140 -31.80 9.14 -15.62
CA ARG I 140 -30.39 8.91 -15.94
C ARG I 140 -29.61 10.21 -15.76
N ALA I 141 -28.32 10.05 -15.44
CA ALA I 141 -27.40 11.17 -15.32
C ALA I 141 -26.47 11.19 -16.53
N VAL I 142 -26.40 12.33 -17.19
CA VAL I 142 -25.46 12.53 -18.29
C VAL I 142 -24.37 13.46 -17.77
N ILE I 143 -23.18 12.89 -17.56
CA ILE I 143 -22.02 13.64 -17.11
C ILE I 143 -21.13 13.90 -18.30
N THR I 144 -20.77 15.16 -18.51
CA THR I 144 -20.02 15.59 -19.67
C THR I 144 -18.62 16.01 -19.23
N LEU I 145 -17.61 15.31 -19.74
CA LEU I 145 -16.22 15.68 -19.54
C LEU I 145 -15.73 16.37 -20.81
N ASP I 146 -15.36 17.64 -20.69
CA ASP I 146 -15.01 18.48 -21.84
C ASP I 146 -13.59 19.02 -21.65
N GLY I 147 -12.63 18.41 -22.32
CA GLY I 147 -11.23 18.77 -22.15
C GLY I 147 -10.52 19.02 -23.46
N LYS I 148 -9.52 19.91 -23.39
CA LYS I 148 -8.74 20.26 -24.56
C LYS I 148 -7.69 19.20 -24.85
N TYR I 149 -7.56 18.84 -26.12
CA TYR I 149 -6.54 17.89 -26.55
C TYR I 149 -5.19 18.58 -26.60
N LEU I 150 -4.21 18.03 -25.88
CA LEU I 150 -2.84 18.53 -25.91
C LEU I 150 -1.96 17.49 -26.58
N PRO I 151 -1.42 17.77 -27.76
CA PRO I 151 -0.60 16.76 -28.45
C PRO I 151 0.76 16.56 -27.79
N THR I 152 1.26 15.34 -27.91
CA THR I 152 2.66 15.01 -27.62
C THR I 152 3.35 14.92 -28.98
N LYS I 153 4.26 15.85 -29.23
CA LYS I 153 4.99 15.91 -30.48
C LYS I 153 6.47 15.71 -30.24
N PRO I 154 7.18 15.04 -31.14
CA PRO I 154 8.62 14.88 -30.99
C PRO I 154 9.33 16.22 -30.97
N PHE I 155 10.31 16.34 -30.07
CA PHE I 155 11.14 17.54 -30.03
C PHE I 155 12.63 17.18 -30.08
N THR J 1 28.62 5.45 -19.69
CA THR J 1 28.76 4.07 -19.25
C THR J 1 27.44 3.30 -19.48
N GLN J 2 27.56 2.02 -19.79
CA GLN J 2 26.37 1.20 -20.04
C GLN J 2 25.50 1.13 -18.79
N SER J 3 24.19 1.30 -18.97
CA SER J 3 23.23 1.22 -17.89
C SER J 3 22.10 0.31 -18.29
N LEU J 4 21.33 -0.15 -17.30
CA LEU J 4 20.24 -1.10 -17.52
C LEU J 4 18.92 -0.44 -17.13
N HIS J 5 17.94 -0.51 -18.03
CA HIS J 5 16.65 0.11 -17.77
C HIS J 5 15.86 -0.65 -16.71
N HIS J 6 16.04 -1.97 -16.62
CA HIS J 6 15.46 -2.77 -15.57
C HIS J 6 16.42 -3.90 -15.23
N SER J 7 16.15 -4.58 -14.12
CA SER J 7 17.12 -5.46 -13.50
C SER J 7 16.96 -6.93 -13.86
N SER J 8 15.99 -7.29 -14.70
CA SER J 8 15.68 -8.71 -14.90
C SER J 8 16.75 -9.40 -15.75
N SER J 9 17.30 -8.70 -16.75
CA SER J 9 18.46 -9.24 -17.47
C SER J 9 19.65 -9.36 -16.52
N ARG J 10 19.83 -8.37 -15.64
CA ARG J 10 20.80 -8.52 -14.56
C ARG J 10 20.35 -9.54 -13.54
N GLU J 11 19.03 -9.68 -13.33
CA GLU J 11 18.52 -10.74 -12.46
C GLU J 11 18.86 -12.11 -13.01
N ALA J 12 18.69 -12.30 -14.32
CA ALA J 12 19.02 -13.59 -14.92
C ALA J 12 20.50 -13.91 -14.74
N LEU J 13 21.38 -12.93 -14.98
CA LEU J 13 22.80 -13.13 -14.73
C LEU J 13 23.06 -13.44 -13.26
N THR J 14 22.40 -12.73 -12.35
CA THR J 14 22.54 -13.04 -10.94
C THR J 14 22.14 -14.48 -10.65
N ASP J 15 21.04 -14.96 -11.26
CA ASP J 15 20.64 -16.35 -11.10
C ASP J 15 21.74 -17.30 -11.59
N ILE J 16 22.33 -17.00 -12.75
CA ILE J 16 23.39 -17.86 -13.28
C ILE J 16 24.61 -17.83 -12.37
N ILE J 17 24.96 -16.63 -11.86
CA ILE J 17 26.09 -16.50 -10.96
C ILE J 17 25.89 -17.34 -9.71
N MET J 18 24.73 -17.19 -9.07
CA MET J 18 24.48 -17.97 -7.85
C MET J 18 24.44 -19.46 -8.12
N ASP J 19 23.91 -19.86 -9.28
CA ASP J 19 23.87 -21.27 -9.62
C ASP J 19 25.28 -21.84 -9.79
N ALA J 20 26.15 -21.12 -10.52
CA ALA J 20 27.53 -21.56 -10.66
C ALA J 20 28.22 -21.58 -9.31
N LYS J 21 27.94 -20.59 -8.46
CA LYS J 21 28.61 -20.50 -7.17
C LYS J 21 28.27 -21.70 -6.29
N ILE J 22 26.99 -22.07 -6.24
CA ILE J 22 26.58 -23.21 -5.43
C ILE J 22 27.15 -24.51 -5.99
N ARG J 23 27.06 -24.70 -7.31
CA ARG J 23 27.57 -25.93 -7.92
C ARG J 23 29.06 -26.11 -7.68
N LYS J 24 29.84 -25.02 -7.72
CA LYS J 24 31.27 -25.11 -7.48
C LYS J 24 31.62 -25.03 -6.00
N ASN J 25 30.63 -24.83 -5.12
CA ASN J 25 30.87 -24.72 -3.68
C ASN J 25 31.88 -23.61 -3.37
N LEU J 26 31.64 -22.43 -3.93
CA LEU J 26 32.55 -21.30 -3.80
C LEU J 26 32.01 -20.28 -2.82
N THR J 27 32.94 -19.63 -2.12
CA THR J 27 32.62 -18.46 -1.31
C THR J 27 32.77 -17.20 -2.15
N PHE J 28 32.06 -16.15 -1.73
CA PHE J 28 32.27 -14.84 -2.34
C PHE J 28 33.74 -14.42 -2.21
N GLU J 29 34.35 -14.67 -1.05
CA GLU J 29 35.76 -14.36 -0.86
C GLU J 29 36.62 -15.03 -1.92
N ALA J 30 36.36 -16.30 -2.24
CA ALA J 30 37.14 -16.99 -3.26
C ALA J 30 36.89 -16.39 -4.63
N ILE J 31 35.62 -16.12 -4.95
CA ILE J 31 35.27 -15.46 -6.21
C ILE J 31 35.96 -14.10 -6.30
N ASN J 32 36.11 -13.40 -5.19
CA ASN J 32 36.69 -12.07 -5.19
C ASN J 32 38.21 -12.05 -5.25
N GLU J 33 38.86 -13.21 -5.41
CA GLU J 33 40.30 -13.31 -5.16
C GLU J 33 41.12 -12.39 -6.08
N GLY J 34 40.74 -12.28 -7.35
CA GLY J 34 41.56 -11.53 -8.28
C GLY J 34 40.95 -10.25 -8.82
N THR J 35 39.96 -9.68 -8.12
CA THR J 35 39.27 -8.48 -8.60
C THR J 35 40.01 -7.21 -8.25
N GLY J 36 40.84 -7.22 -7.21
CA GLY J 36 41.45 -5.99 -6.74
C GLY J 36 40.51 -5.04 -6.08
N LEU J 37 39.32 -5.50 -5.67
CA LEU J 37 38.28 -4.67 -5.08
C LEU J 37 37.82 -5.27 -3.76
N SER J 38 37.08 -4.48 -2.98
CA SER J 38 36.57 -4.93 -1.69
C SER J 38 35.49 -5.99 -1.85
N LEU J 39 35.45 -6.91 -0.89
CA LEU J 39 34.46 -7.97 -0.92
C LEU J 39 33.03 -7.43 -0.89
N ALA J 40 32.79 -6.36 -0.13
CA ALA J 40 31.45 -5.80 -0.06
C ALA J 40 31.01 -5.25 -1.42
N PHE J 41 31.90 -4.55 -2.12
CA PHE J 41 31.49 -3.97 -3.40
C PHE J 41 31.23 -5.04 -4.44
N VAL J 42 32.08 -6.08 -4.49
CA VAL J 42 32.00 -7.07 -5.56
C VAL J 42 30.85 -8.03 -5.31
N THR J 43 30.60 -8.39 -4.05
CA THR J 43 29.44 -9.21 -3.75
C THR J 43 28.15 -8.50 -4.16
N ALA J 44 28.03 -7.20 -3.83
CA ALA J 44 26.89 -6.42 -4.29
C ALA J 44 26.80 -6.42 -5.82
N ALA J 45 27.95 -6.31 -6.51
CA ALA J 45 27.93 -6.32 -7.97
C ALA J 45 27.45 -7.65 -8.51
N LEU J 46 27.92 -8.75 -7.93
CA LEU J 46 27.45 -10.08 -8.33
C LEU J 46 25.97 -10.24 -8.07
N LEU J 47 25.45 -9.62 -7.01
CA LEU J 47 24.04 -9.67 -6.68
C LEU J 47 23.22 -8.62 -7.45
N GLY J 48 23.83 -7.93 -8.42
CA GLY J 48 23.07 -7.06 -9.30
C GLY J 48 22.95 -5.62 -8.89
N GLN J 49 23.81 -5.13 -8.00
CA GLN J 49 23.68 -3.80 -7.43
C GLN J 49 24.76 -2.82 -7.88
N HIS J 50 25.78 -3.30 -8.59
CA HIS J 50 26.91 -2.47 -8.98
C HIS J 50 27.44 -2.98 -10.31
N PRO J 51 28.09 -2.14 -11.09
CA PRO J 51 28.89 -2.64 -12.21
C PRO J 51 30.28 -3.01 -11.73
N LEU J 52 30.96 -3.82 -12.54
CA LEU J 52 32.36 -4.08 -12.29
C LEU J 52 33.20 -3.53 -13.43
N PRO J 53 34.39 -2.97 -13.16
CA PRO J 53 35.32 -2.68 -14.24
C PRO J 53 35.69 -3.97 -14.98
N GLU J 54 36.13 -3.82 -16.23
CA GLU J 54 36.27 -4.96 -17.12
C GLU J 54 37.14 -6.06 -16.50
N GLN J 55 38.33 -5.71 -16.04
CA GLN J 55 39.25 -6.75 -15.55
C GLN J 55 38.68 -7.44 -14.31
N ALA J 56 38.03 -6.70 -13.42
CA ALA J 56 37.40 -7.36 -12.29
C ALA J 56 36.24 -8.25 -12.76
N ALA J 57 35.54 -7.82 -13.80
CA ALA J 57 34.47 -8.66 -14.35
C ALA J 57 35.04 -9.94 -14.94
N ARG J 58 36.19 -9.85 -15.61
CA ARG J 58 36.80 -11.05 -16.18
C ARG J 58 37.28 -12.03 -15.11
N VAL J 59 37.73 -11.54 -13.95
CA VAL J 59 38.26 -12.49 -12.98
C VAL J 59 37.14 -13.23 -12.24
N VAL J 60 36.00 -12.58 -11.98
CA VAL J 60 34.90 -13.36 -11.42
C VAL J 60 34.34 -14.29 -12.49
N ALA J 61 34.46 -13.91 -13.77
CA ALA J 61 33.95 -14.76 -14.85
C ALA J 61 34.79 -16.00 -15.03
N ALA J 62 36.12 -15.87 -14.85
CA ALA J 62 36.99 -17.04 -14.88
C ALA J 62 36.72 -17.96 -13.69
N LYS J 63 36.44 -17.39 -12.52
CA LYS J 63 36.12 -18.23 -11.36
C LYS J 63 34.82 -18.99 -11.58
N LEU J 64 33.81 -18.33 -12.14
CA LEU J 64 32.47 -18.93 -12.27
C LEU J 64 32.20 -19.45 -13.68
N ASP J 65 33.20 -19.48 -14.55
CA ASP J 65 33.05 -19.95 -15.92
C ASP J 65 31.90 -19.24 -16.63
N LEU J 66 31.90 -17.92 -16.56
CA LEU J 66 30.92 -17.13 -17.30
C LEU J 66 31.51 -16.73 -18.64
N ASP J 67 30.63 -16.47 -19.61
CA ASP J 67 31.08 -16.17 -20.96
C ASP J 67 31.28 -14.66 -21.15
N GLU J 68 31.60 -14.28 -22.40
CA GLU J 68 31.86 -12.89 -22.72
C GLU J 68 30.61 -12.02 -22.62
N ASP J 69 29.43 -12.60 -22.84
CA ASP J 69 28.20 -11.82 -22.65
C ASP J 69 27.99 -11.49 -21.18
N ALA J 70 28.38 -12.40 -20.29
CA ALA J 70 28.31 -12.09 -18.87
C ALA J 70 29.33 -11.03 -18.49
N VAL J 71 30.52 -11.05 -19.10
CA VAL J 71 31.53 -10.04 -18.82
C VAL J 71 31.04 -8.65 -19.22
N ARG J 72 30.38 -8.54 -20.37
CA ARG J 72 29.85 -7.26 -20.81
C ARG J 72 28.74 -6.77 -19.89
N LEU J 73 27.85 -7.67 -19.48
CA LEU J 73 26.72 -7.26 -18.65
C LEU J 73 27.17 -6.89 -17.25
N LEU J 74 28.17 -7.58 -16.69
CA LEU J 74 28.68 -7.24 -15.37
C LEU J 74 29.24 -5.82 -15.33
N GLN J 75 29.69 -5.30 -16.46
CA GLN J 75 30.22 -3.95 -16.55
C GLN J 75 29.14 -2.89 -16.72
N THR J 76 27.87 -3.28 -16.78
CA THR J 76 26.79 -2.32 -16.97
C THR J 76 26.23 -1.90 -15.62
N ILE J 77 25.89 -0.62 -15.51
CA ILE J 77 25.27 -0.05 -14.32
C ILE J 77 23.84 -0.55 -14.21
N PRO J 78 23.47 -1.24 -13.14
CA PRO J 78 22.11 -1.76 -13.04
C PRO J 78 21.14 -0.71 -12.52
N LEU J 79 19.86 -1.06 -12.61
CA LEU J 79 18.81 -0.40 -11.86
C LEU J 79 18.87 -0.95 -10.43
N ARG J 80 19.32 -0.13 -9.48
CA ARG J 80 19.70 -0.62 -8.16
C ARG J 80 18.49 -0.79 -7.24
N GLY J 81 18.68 -1.64 -6.22
CA GLY J 81 17.63 -1.98 -5.27
C GLY J 81 17.60 -3.48 -5.01
N SER J 82 17.97 -3.88 -3.79
CA SER J 82 18.12 -5.30 -3.37
C SER J 82 16.88 -5.78 -2.60
N ILE J 83 16.02 -4.85 -2.21
CA ILE J 83 14.79 -5.19 -1.44
C ILE J 83 13.58 -4.67 -2.24
N PRO J 84 13.08 -5.46 -3.22
CA PRO J 84 11.90 -5.14 -4.11
C PRO J 84 10.65 -4.68 -3.34
N SER J 85 10.32 -5.35 -2.25
CA SER J 85 9.10 -5.01 -1.47
C SER J 85 9.26 -3.71 -0.69
N GLY J 86 10.49 -3.20 -0.58
CA GLY J 86 10.73 -2.02 0.27
C GLY J 86 11.04 -2.48 1.68
N VAL J 87 10.19 -3.37 2.20
CA VAL J 87 10.42 -3.97 3.53
C VAL J 87 10.69 -5.46 3.31
N PRO J 88 11.86 -5.97 3.75
CA PRO J 88 12.16 -7.38 3.60
C PRO J 88 11.29 -8.26 4.52
N THR J 89 11.04 -9.52 4.13
CA THR J 89 10.54 -10.50 5.07
C THR J 89 11.64 -11.39 5.64
N ASP J 90 12.78 -11.47 4.96
CA ASP J 90 13.86 -12.33 5.42
C ASP J 90 14.43 -11.78 6.73
N PRO J 91 14.54 -12.62 7.77
CA PRO J 91 15.02 -12.12 9.08
C PRO J 91 16.38 -11.45 9.04
N THR J 92 17.34 -12.00 8.27
CA THR J 92 18.69 -11.46 8.26
C THR J 92 18.72 -10.03 7.73
N ILE J 93 18.07 -9.80 6.58
CA ILE J 93 17.95 -8.46 6.02
C ILE J 93 17.06 -7.59 6.91
N TYR J 94 15.99 -8.16 7.47
CA TYR J 94 15.08 -7.34 8.25
C TYR J 94 15.77 -6.67 9.43
N ARG J 95 16.71 -7.36 10.08
CA ARG J 95 17.36 -6.78 11.24
C ARG J 95 18.04 -5.47 10.87
N PHE J 96 18.65 -5.42 9.68
CA PHE J 96 19.28 -4.17 9.25
C PHE J 96 18.25 -3.11 8.95
N TYR J 97 17.13 -3.49 8.31
CA TYR J 97 16.01 -2.56 8.18
C TYR J 97 15.52 -2.08 9.54
N GLU J 98 15.50 -2.96 10.54
CA GLU J 98 15.01 -2.57 11.86
C GLU J 98 15.94 -1.56 12.52
N MET J 99 17.26 -1.73 12.35
CA MET J 99 18.18 -0.75 12.92
C MET J 99 17.87 0.67 12.42
N VAL J 100 17.52 0.80 11.13
CA VAL J 100 17.19 2.12 10.58
C VAL J 100 15.84 2.59 11.10
N GLN J 101 14.89 1.67 11.26
CA GLN J 101 13.57 2.03 11.77
C GLN J 101 13.64 2.53 13.21
N ILE J 102 14.50 1.92 14.03
CA ILE J 102 14.62 2.30 15.44
C ILE J 102 15.42 3.59 15.59
N TYR J 103 16.58 3.66 14.95
CA TYR J 103 17.54 4.73 15.18
C TYR J 103 17.55 5.78 14.08
N GLY J 104 16.62 5.71 13.14
CA GLY J 104 16.62 6.66 12.03
C GLY J 104 16.50 8.10 12.48
N SER J 105 15.59 8.37 13.42
CA SER J 105 15.44 9.74 13.91
C SER J 105 16.65 10.19 14.74
N THR J 106 17.27 9.26 15.47
CA THR J 106 18.49 9.57 16.22
C THR J 106 19.64 9.90 15.30
N LEU J 107 19.76 9.16 14.19
CA LEU J 107 20.84 9.44 13.25
C LEU J 107 20.67 10.82 12.63
N LYS J 108 19.45 11.19 12.27
CA LYS J 108 19.22 12.54 11.75
C LYS J 108 19.58 13.58 12.81
N ALA J 109 19.05 13.41 14.02
CA ALA J 109 19.28 14.37 15.10
C ALA J 109 20.77 14.54 15.37
N LEU J 110 21.54 13.45 15.41
CA LEU J 110 22.94 13.60 15.74
C LEU J 110 23.76 14.08 14.55
N VAL J 111 23.37 13.72 13.33
CA VAL J 111 24.02 14.30 12.15
C VAL J 111 23.87 15.81 12.18
N HIS J 112 22.66 16.30 12.43
CA HIS J 112 22.44 17.73 12.45
C HIS J 112 23.17 18.39 13.61
N GLU J 113 23.25 17.72 14.77
CA GLU J 113 23.97 18.29 15.90
C GLU J 113 25.48 18.31 15.66
N GLN J 114 26.03 17.23 15.13
CA GLN J 114 27.49 17.11 15.02
C GLN J 114 28.06 17.64 13.71
N PHE J 115 27.27 17.62 12.63
CA PHE J 115 27.74 18.08 11.32
C PHE J 115 27.04 19.34 10.88
N GLY J 116 25.71 19.39 10.98
CA GLY J 116 24.91 20.51 10.54
C GLY J 116 23.79 20.02 9.64
N ASP J 117 23.12 20.97 9.00
CA ASP J 117 22.07 20.65 8.05
C ASP J 117 22.64 19.93 6.83
N GLY J 118 21.88 18.99 6.30
CA GLY J 118 22.32 18.20 5.17
C GLY J 118 22.21 16.71 5.43
N ILE J 119 23.05 15.91 4.75
CA ILE J 119 22.97 14.46 4.81
C ILE J 119 24.35 13.86 5.00
N ILE J 120 24.36 12.61 5.45
CA ILE J 120 25.48 11.70 5.23
C ILE J 120 25.17 10.97 3.92
N SER J 121 26.12 11.00 2.98
CA SER J 121 25.85 10.49 1.64
C SER J 121 25.82 8.96 1.62
N ALA J 122 24.89 8.39 0.86
CA ALA J 122 24.94 6.95 0.58
C ALA J 122 25.58 6.67 -0.78
N ILE J 123 26.19 7.66 -1.40
CA ILE J 123 26.90 7.48 -2.68
C ILE J 123 28.40 7.66 -2.51
N ASN J 124 28.83 8.81 -1.95
CA ASN J 124 30.20 8.94 -1.47
C ASN J 124 30.26 8.19 -0.14
N PHE J 125 30.42 6.88 -0.25
CA PHE J 125 30.04 6.01 0.83
C PHE J 125 30.68 4.64 0.63
N LYS J 126 31.14 4.05 1.74
CA LYS J 126 31.74 2.73 1.71
C LYS J 126 31.18 1.92 2.87
N LEU J 127 30.98 0.63 2.64
CA LEU J 127 30.43 -0.27 3.64
C LEU J 127 31.45 -1.36 3.95
N ASP J 128 31.47 -1.82 5.20
CA ASP J 128 32.35 -2.89 5.62
C ASP J 128 31.68 -3.74 6.70
N ILE J 129 31.95 -5.04 6.69
CA ILE J 129 31.46 -5.95 7.73
C ILE J 129 32.65 -6.74 8.27
N LYS J 130 32.71 -6.87 9.60
CA LYS J 130 33.85 -7.46 10.28
C LYS J 130 33.34 -8.34 11.41
N LYS J 131 33.92 -9.53 11.55
CA LYS J 131 33.57 -10.45 12.62
C LYS J 131 34.51 -10.24 13.81
N VAL J 132 33.94 -10.01 15.00
CA VAL J 132 34.77 -9.85 16.19
C VAL J 132 34.28 -10.80 17.27
N PRO J 133 35.12 -11.18 18.23
CA PRO J 133 34.63 -12.01 19.35
C PRO J 133 33.75 -11.21 20.29
N ASP J 134 32.70 -11.84 20.76
CA ASP J 134 31.91 -11.25 21.85
C ASP J 134 32.56 -11.60 23.18
N PRO J 135 32.82 -10.61 24.05
CA PRO J 135 33.48 -10.92 25.34
C PRO J 135 32.77 -11.98 26.15
N ASP J 136 31.44 -11.99 26.12
CA ASP J 136 30.65 -12.97 26.87
C ASP J 136 30.53 -14.31 26.15
N GLY J 137 31.30 -14.51 25.10
CA GLY J 137 31.20 -15.73 24.31
C GLY J 137 30.38 -15.51 23.04
N GLY J 138 30.77 -16.22 21.99
CA GLY J 138 30.12 -16.04 20.71
C GLY J 138 30.83 -15.01 19.86
N GLU J 139 30.13 -14.58 18.81
CA GLU J 139 30.69 -13.65 17.83
C GLU J 139 29.74 -12.48 17.62
N ARG J 140 30.31 -11.37 17.14
CA ARG J 140 29.56 -10.17 16.79
C ARG J 140 30.00 -9.72 15.41
N ALA J 141 29.09 -9.04 14.72
CA ALA J 141 29.39 -8.40 13.44
C ALA J 141 29.47 -6.90 13.67
N VAL J 142 30.55 -6.30 13.20
CA VAL J 142 30.71 -4.85 13.21
C VAL J 142 30.56 -4.37 11.78
N ILE J 143 29.45 -3.70 11.49
CA ILE J 143 29.19 -3.14 10.17
C ILE J 143 29.47 -1.64 10.26
N THR J 144 30.32 -1.16 9.36
CA THR J 144 30.75 0.23 9.33
C THR J 144 30.14 0.91 8.11
N LEU J 145 29.35 1.96 8.35
CA LEU J 145 28.85 2.84 7.30
C LEU J 145 29.68 4.11 7.31
N ASP J 146 30.35 4.40 6.21
CA ASP J 146 31.30 5.50 6.12
C ASP J 146 30.87 6.41 4.98
N GLY J 147 30.25 7.54 5.30
CA GLY J 147 29.70 8.42 4.29
C GLY J 147 30.11 9.86 4.49
N LYS J 148 30.30 10.55 3.35
CA LYS J 148 30.66 11.96 3.34
C LYS J 148 29.50 12.84 3.77
N TYR J 149 29.79 13.85 4.58
CA TYR J 149 28.79 14.83 4.97
C TYR J 149 28.63 15.86 3.85
N LEU J 150 27.42 15.98 3.33
CA LEU J 150 27.07 17.00 2.33
C LEU J 150 26.17 18.04 2.99
N PRO J 151 26.61 19.29 3.15
CA PRO J 151 25.80 20.27 3.85
C PRO J 151 24.63 20.77 3.00
N THR J 152 23.57 21.18 3.68
CA THR J 152 22.51 21.95 3.05
C THR J 152 22.73 23.41 3.44
N LYS J 153 23.10 24.23 2.46
CA LYS J 153 23.35 25.62 2.75
C LYS J 153 22.35 26.50 2.03
N PRO J 154 21.98 27.64 2.62
CA PRO J 154 21.05 28.55 1.93
C PRO J 154 21.61 29.00 0.59
N PHE J 155 20.73 29.15 -0.39
CA PHE J 155 21.14 29.65 -1.71
C PHE J 155 20.18 30.73 -2.19
#